data_2MFJ
#
_entry.id   2MFJ
#
_entity_poly.entity_id   1
_entity_poly.type   'polypeptide(L)'
_entity_poly.pdbx_seq_one_letter_code
;GSALDFTSCARMNDGALGAKVAQAACISSCKFQNCGTGHCERRGGRPTCVCSRCGNGGGEWPNLPSRG
;
_entity_poly.pdbx_strand_id   A
#
# COMPACT_ATOMS: atom_id res chain seq x y z
N GLY A 1 14.01 -2.37 15.56
CA GLY A 1 15.03 -1.47 15.00
C GLY A 1 14.63 -0.02 15.10
N SER A 2 15.59 0.85 15.33
CA SER A 2 15.32 2.26 15.41
C SER A 2 15.08 2.85 14.03
N ALA A 3 13.83 2.97 13.67
CA ALA A 3 13.46 3.49 12.36
C ALA A 3 12.40 4.55 12.50
N LEU A 4 12.35 5.44 11.54
CA LEU A 4 11.39 6.54 11.57
C LEU A 4 10.01 6.06 11.15
N ASP A 5 9.95 5.07 10.29
CA ASP A 5 8.68 4.54 9.83
C ASP A 5 8.71 3.03 9.74
N PHE A 6 7.58 2.42 10.00
CA PHE A 6 7.43 0.98 9.90
C PHE A 6 6.59 0.65 8.67
N THR A 7 5.83 1.63 8.22
CA THR A 7 4.98 1.48 7.08
C THR A 7 5.38 2.46 5.97
N SER A 8 5.14 2.07 4.74
CA SER A 8 5.51 2.87 3.59
C SER A 8 4.72 4.19 3.51
N CYS A 9 3.55 4.22 4.15
CA CYS A 9 2.69 5.39 4.03
C CYS A 9 2.67 6.27 5.28
N ALA A 10 3.62 6.10 6.15
CA ALA A 10 3.71 6.94 7.35
C ALA A 10 3.91 8.42 6.97
N ARG A 11 4.62 8.64 5.89
CA ARG A 11 4.89 9.99 5.40
C ARG A 11 3.63 10.71 4.94
N MET A 12 2.50 9.98 4.85
CA MET A 12 1.22 10.59 4.46
C MET A 12 0.87 11.78 5.36
N ASN A 13 1.48 11.84 6.56
CA ASN A 13 1.17 12.93 7.48
C ASN A 13 2.36 13.87 7.58
N ASP A 14 3.15 13.91 6.53
CA ASP A 14 4.33 14.77 6.48
C ASP A 14 4.09 15.92 5.51
N GLY A 15 2.82 16.22 5.28
CA GLY A 15 2.47 17.30 4.39
C GLY A 15 2.20 16.80 2.98
N ALA A 16 1.86 17.73 2.09
CA ALA A 16 1.60 17.40 0.69
C ALA A 16 2.76 16.65 0.05
N LEU A 17 3.99 17.05 0.40
CA LEU A 17 5.18 16.39 -0.11
C LEU A 17 5.18 14.95 0.37
N GLY A 18 4.86 14.78 1.66
CA GLY A 18 4.80 13.46 2.25
C GLY A 18 3.80 12.58 1.55
N ALA A 19 2.67 13.16 1.15
CA ALA A 19 1.62 12.42 0.45
C ALA A 19 2.16 11.76 -0.82
N LYS A 20 2.98 12.49 -1.58
CA LYS A 20 3.56 11.95 -2.79
C LYS A 20 4.57 10.86 -2.47
N VAL A 21 5.39 11.10 -1.45
CA VAL A 21 6.37 10.11 -1.04
C VAL A 21 5.66 8.84 -0.59
N ALA A 22 4.60 9.03 0.19
CA ALA A 22 3.80 7.93 0.69
C ALA A 22 3.21 7.10 -0.44
N GLN A 23 2.51 7.76 -1.35
CA GLN A 23 1.87 7.06 -2.45
C GLN A 23 2.91 6.35 -3.32
N ALA A 24 4.03 7.03 -3.57
CA ALA A 24 5.09 6.48 -4.40
C ALA A 24 5.68 5.24 -3.75
N ALA A 25 6.01 5.35 -2.47
CA ALA A 25 6.55 4.25 -1.71
C ALA A 25 5.56 3.10 -1.65
N CYS A 26 4.29 3.42 -1.55
CA CYS A 26 3.24 2.43 -1.46
C CYS A 26 3.07 1.70 -2.79
N ILE A 27 2.89 2.48 -3.85
CA ILE A 27 2.66 1.91 -5.17
C ILE A 27 3.81 1.00 -5.57
N SER A 28 5.04 1.48 -5.39
CA SER A 28 6.21 0.70 -5.73
C SER A 28 6.24 -0.64 -4.96
N SER A 29 6.04 -0.57 -3.65
CA SER A 29 6.07 -1.77 -2.83
C SER A 29 4.97 -2.76 -3.24
N CYS A 30 3.84 -2.23 -3.68
CA CYS A 30 2.74 -3.06 -4.11
C CYS A 30 3.08 -3.81 -5.38
N LYS A 31 3.66 -3.10 -6.33
CA LYS A 31 4.08 -3.70 -7.59
C LYS A 31 5.03 -4.87 -7.34
N PHE A 32 5.96 -4.69 -6.41
CA PHE A 32 6.93 -5.72 -6.06
C PHE A 32 6.26 -6.99 -5.50
N GLN A 33 5.11 -6.84 -4.86
CA GLN A 33 4.41 -7.99 -4.29
C GLN A 33 3.28 -8.46 -5.21
N ASN A 34 3.36 -8.03 -6.47
CA ASN A 34 2.41 -8.44 -7.50
C ASN A 34 1.03 -7.83 -7.25
N CYS A 35 1.02 -6.54 -7.01
CA CYS A 35 -0.20 -5.82 -6.84
C CYS A 35 -0.30 -4.72 -7.89
N GLY A 36 -1.47 -4.60 -8.50
CA GLY A 36 -1.70 -3.63 -9.55
C GLY A 36 -1.33 -2.23 -9.16
N THR A 37 -1.69 -1.87 -7.96
CA THR A 37 -1.39 -0.55 -7.46
C THR A 37 -1.38 -0.53 -5.94
N GLY A 38 -1.14 0.64 -5.41
CA GLY A 38 -1.09 0.81 -3.98
C GLY A 38 -1.56 2.18 -3.60
N HIS A 39 -2.17 2.29 -2.44
CA HIS A 39 -2.63 3.57 -1.97
C HIS A 39 -2.54 3.62 -0.46
N CYS A 40 -2.31 4.79 0.05
CA CYS A 40 -2.18 4.93 1.48
C CYS A 40 -3.54 5.06 2.13
N GLU A 41 -3.80 4.18 3.04
CA GLU A 41 -5.06 4.15 3.72
C GLU A 41 -4.83 4.09 5.23
N ARG A 42 -5.58 4.88 5.97
CA ARG A 42 -5.42 4.88 7.41
C ARG A 42 -6.34 3.90 8.06
N ARG A 43 -5.76 3.02 8.83
CA ARG A 43 -6.52 1.99 9.52
C ARG A 43 -6.19 2.01 11.00
N GLY A 44 -7.21 2.29 11.81
CA GLY A 44 -7.01 2.41 13.24
C GLY A 44 -5.99 3.48 13.59
N GLY A 45 -6.08 4.63 12.92
CA GLY A 45 -5.13 5.71 13.14
C GLY A 45 -3.77 5.44 12.54
N ARG A 46 -3.57 4.26 12.01
CA ARG A 46 -2.31 3.88 11.44
C ARG A 46 -2.28 4.13 9.94
N PRO A 47 -1.40 5.02 9.48
CA PRO A 47 -1.24 5.28 8.06
C PRO A 47 -0.55 4.12 7.38
N THR A 48 -1.33 3.26 6.76
CA THR A 48 -0.81 2.05 6.20
C THR A 48 -0.84 2.08 4.67
N CYS A 49 0.06 1.34 4.06
CA CYS A 49 0.07 1.18 2.63
C CYS A 49 -0.75 -0.04 2.27
N VAL A 50 -1.84 0.17 1.57
CA VAL A 50 -2.68 -0.92 1.19
C VAL A 50 -2.70 -1.08 -0.33
N CYS A 51 -2.40 -2.26 -0.78
CA CYS A 51 -2.32 -2.54 -2.19
C CYS A 51 -3.67 -2.89 -2.75
N SER A 52 -3.92 -2.43 -3.95
CA SER A 52 -5.15 -2.68 -4.62
C SER A 52 -4.91 -3.55 -5.83
N ARG A 53 -5.86 -4.44 -6.10
CA ARG A 53 -5.80 -5.36 -7.24
C ARG A 53 -4.55 -6.23 -7.21
N CYS A 54 -4.47 -7.08 -6.22
CA CYS A 54 -3.36 -7.98 -6.07
C CYS A 54 -3.69 -9.31 -6.69
N GLY A 55 -2.67 -10.05 -7.13
CA GLY A 55 -2.91 -11.33 -7.76
C GLY A 55 -3.60 -12.30 -6.83
N ASN A 56 -3.01 -12.49 -5.67
CA ASN A 56 -3.57 -13.37 -4.67
C ASN A 56 -4.00 -12.57 -3.45
N GLY A 57 -5.30 -12.29 -3.35
CA GLY A 57 -5.80 -11.56 -2.21
C GLY A 57 -6.90 -10.58 -2.57
N GLY A 58 -6.94 -10.19 -3.83
CA GLY A 58 -7.96 -9.25 -4.27
C GLY A 58 -7.55 -7.82 -3.96
N GLY A 59 -8.29 -7.18 -3.08
CA GLY A 59 -7.99 -5.82 -2.69
C GLY A 59 -8.82 -5.36 -1.51
N GLU A 60 -10.05 -4.99 -1.79
CA GLU A 60 -10.96 -4.53 -0.74
C GLU A 60 -12.40 -4.63 -1.21
N TRP A 61 -13.31 -4.83 -0.27
CA TRP A 61 -14.73 -4.96 -0.57
C TRP A 61 -15.55 -4.38 0.59
N PRO A 62 -15.67 -3.04 0.66
CA PRO A 62 -16.40 -2.36 1.73
C PRO A 62 -17.91 -2.61 1.65
N ASN A 63 -18.41 -2.71 0.43
CA ASN A 63 -19.82 -2.92 0.20
C ASN A 63 -20.14 -4.41 0.11
N LEU A 64 -19.10 -5.22 -0.10
CA LEU A 64 -19.24 -6.66 -0.27
C LEU A 64 -20.12 -7.00 -1.47
N PRO A 65 -19.53 -7.09 -2.68
CA PRO A 65 -20.26 -7.38 -3.90
C PRO A 65 -20.54 -8.87 -4.06
N SER A 66 -21.04 -9.24 -5.23
CA SER A 66 -21.35 -10.63 -5.52
C SER A 66 -20.10 -11.37 -6.02
N ARG A 67 -20.24 -12.66 -6.24
CA ARG A 67 -19.14 -13.48 -6.69
C ARG A 67 -19.00 -13.39 -8.21
N GLY A 68 -20.09 -13.64 -8.91
CA GLY A 68 -20.09 -13.60 -10.33
C GLY A 68 -21.49 -13.57 -10.89
N GLY A 1 19.36 -0.59 9.32
CA GLY A 1 17.91 -0.36 9.28
C GLY A 1 17.54 0.98 9.88
N SER A 2 17.64 2.02 9.09
CA SER A 2 17.33 3.36 9.55
C SER A 2 16.03 3.87 8.93
N ALA A 3 14.94 3.74 9.65
CA ALA A 3 13.65 4.20 9.19
C ALA A 3 13.00 5.07 10.24
N LEU A 4 12.30 6.12 9.80
CA LEU A 4 11.65 7.04 10.73
C LEU A 4 10.20 6.67 10.88
N ASP A 5 9.89 5.54 10.31
CA ASP A 5 8.55 5.04 10.29
C ASP A 5 8.54 3.53 10.25
N PHE A 6 7.41 2.95 10.59
CA PHE A 6 7.25 1.51 10.55
C PHE A 6 6.47 1.12 9.30
N THR A 7 5.75 2.08 8.76
CA THR A 7 4.98 1.90 7.56
C THR A 7 5.38 2.93 6.49
N SER A 8 5.50 2.47 5.26
CA SER A 8 5.89 3.33 4.14
C SER A 8 4.92 4.50 3.92
N CYS A 9 3.72 4.40 4.46
CA CYS A 9 2.74 5.45 4.25
C CYS A 9 2.62 6.40 5.43
N ALA A 10 3.51 6.29 6.39
CA ALA A 10 3.51 7.19 7.55
C ALA A 10 3.77 8.63 7.11
N ARG A 11 4.55 8.79 6.04
CA ARG A 11 4.89 10.10 5.53
C ARG A 11 3.66 10.83 4.97
N MET A 12 2.52 10.11 4.85
CA MET A 12 1.28 10.74 4.38
C MET A 12 0.90 11.94 5.28
N ASN A 13 1.51 12.02 6.47
CA ASN A 13 1.21 13.09 7.42
C ASN A 13 2.36 14.06 7.50
N ASP A 14 3.19 14.09 6.48
CA ASP A 14 4.37 14.95 6.48
C ASP A 14 4.14 16.12 5.52
N GLY A 15 2.89 16.38 5.22
CA GLY A 15 2.57 17.43 4.29
C GLY A 15 2.28 16.92 2.91
N ALA A 16 1.96 17.83 2.00
CA ALA A 16 1.67 17.49 0.61
C ALA A 16 2.79 16.66 -0.03
N LEU A 17 4.03 17.00 0.27
CA LEU A 17 5.17 16.28 -0.29
C LEU A 17 5.22 14.88 0.30
N GLY A 18 4.97 14.79 1.61
CA GLY A 18 4.96 13.51 2.30
C GLY A 18 3.94 12.57 1.70
N ALA A 19 2.77 13.10 1.36
CA ALA A 19 1.72 12.31 0.74
C ALA A 19 2.18 11.67 -0.55
N LYS A 20 2.96 12.41 -1.34
CA LYS A 20 3.49 11.88 -2.58
C LYS A 20 4.54 10.83 -2.31
N VAL A 21 5.40 11.09 -1.34
CA VAL A 21 6.43 10.13 -0.95
C VAL A 21 5.77 8.83 -0.50
N ALA A 22 4.75 8.97 0.35
CA ALA A 22 4.01 7.83 0.86
C ALA A 22 3.40 7.01 -0.27
N GLN A 23 2.66 7.67 -1.15
CA GLN A 23 2.00 6.97 -2.24
C GLN A 23 3.02 6.29 -3.15
N ALA A 24 4.14 6.96 -3.40
CA ALA A 24 5.18 6.44 -4.26
C ALA A 24 5.76 5.16 -3.68
N ALA A 25 6.09 5.21 -2.40
CA ALA A 25 6.64 4.08 -1.70
C ALA A 25 5.63 2.93 -1.67
N CYS A 26 4.36 3.27 -1.57
CA CYS A 26 3.31 2.27 -1.49
C CYS A 26 3.10 1.59 -2.85
N ILE A 27 2.91 2.40 -3.89
CA ILE A 27 2.68 1.87 -5.23
C ILE A 27 3.83 0.99 -5.67
N SER A 28 5.06 1.46 -5.50
CA SER A 28 6.23 0.69 -5.89
C SER A 28 6.25 -0.67 -5.17
N SER A 29 6.09 -0.64 -3.85
CA SER A 29 6.13 -1.86 -3.07
C SER A 29 5.03 -2.83 -3.46
N CYS A 30 3.87 -2.29 -3.85
CA CYS A 30 2.77 -3.10 -4.28
C CYS A 30 3.09 -3.80 -5.60
N LYS A 31 3.65 -3.04 -6.53
CA LYS A 31 4.08 -3.57 -7.82
C LYS A 31 5.04 -4.75 -7.64
N PHE A 32 6.01 -4.59 -6.75
CA PHE A 32 6.99 -5.63 -6.47
C PHE A 32 6.35 -6.94 -6.00
N GLN A 33 5.21 -6.84 -5.32
CA GLN A 33 4.52 -8.02 -4.83
C GLN A 33 3.39 -8.45 -5.76
N ASN A 34 3.43 -7.93 -6.99
CA ASN A 34 2.46 -8.26 -8.06
C ASN A 34 1.07 -7.72 -7.74
N CYS A 35 1.02 -6.51 -7.24
CA CYS A 35 -0.25 -5.86 -6.96
C CYS A 35 -0.49 -4.77 -7.98
N GLY A 36 -1.73 -4.67 -8.44
CA GLY A 36 -2.08 -3.71 -9.47
C GLY A 36 -1.83 -2.27 -9.07
N THR A 37 -2.23 -1.91 -7.87
CA THR A 37 -2.08 -0.54 -7.43
C THR A 37 -2.02 -0.44 -5.91
N GLY A 38 -1.16 0.41 -5.42
CA GLY A 38 -1.06 0.64 -4.01
C GLY A 38 -1.55 2.00 -3.62
N HIS A 39 -2.09 2.12 -2.42
CA HIS A 39 -2.55 3.39 -1.93
C HIS A 39 -2.42 3.46 -0.43
N CYS A 40 -2.16 4.62 0.07
CA CYS A 40 -2.00 4.80 1.49
C CYS A 40 -3.36 4.99 2.12
N GLU A 41 -3.67 4.17 3.09
CA GLU A 41 -4.95 4.23 3.74
C GLU A 41 -4.78 4.17 5.25
N ARG A 42 -5.55 4.96 5.98
CA ARG A 42 -5.46 4.96 7.42
C ARG A 42 -6.40 3.96 8.01
N ARG A 43 -5.85 3.08 8.79
CA ARG A 43 -6.61 2.04 9.45
C ARG A 43 -6.28 2.05 10.92
N GLY A 44 -7.29 2.27 11.74
CA GLY A 44 -7.09 2.41 13.16
C GLY A 44 -6.13 3.57 13.46
N GLY A 45 -6.31 4.69 12.75
CA GLY A 45 -5.43 5.84 12.92
C GLY A 45 -4.05 5.63 12.34
N ARG A 46 -3.77 4.42 11.91
CA ARG A 46 -2.47 4.08 11.39
C ARG A 46 -2.42 4.20 9.88
N PRO A 47 -1.60 5.12 9.37
CA PRO A 47 -1.41 5.31 7.94
C PRO A 47 -0.65 4.14 7.35
N THR A 48 -1.37 3.22 6.75
CA THR A 48 -0.78 2.01 6.25
C THR A 48 -0.78 1.98 4.73
N CYS A 49 0.15 1.24 4.16
CA CYS A 49 0.20 1.06 2.74
C CYS A 49 -0.60 -0.15 2.38
N VAL A 50 -1.73 0.07 1.74
CA VAL A 50 -2.57 -1.03 1.38
C VAL A 50 -2.66 -1.18 -0.14
N CYS A 51 -2.39 -2.38 -0.60
CA CYS A 51 -2.42 -2.65 -2.02
C CYS A 51 -3.78 -3.16 -2.44
N SER A 52 -4.09 -2.97 -3.69
CA SER A 52 -5.32 -3.43 -4.24
C SER A 52 -5.04 -4.03 -5.61
N ARG A 53 -5.99 -4.82 -6.12
CA ARG A 53 -5.83 -5.50 -7.40
C ARG A 53 -4.61 -6.44 -7.33
N CYS A 54 -4.52 -7.16 -6.22
CA CYS A 54 -3.41 -8.07 -5.98
C CYS A 54 -3.72 -9.46 -6.48
N GLY A 55 -2.70 -10.28 -6.62
CA GLY A 55 -2.88 -11.62 -7.11
C GLY A 55 -3.32 -11.65 -8.54
N ASN A 56 -2.64 -10.90 -9.37
CA ASN A 56 -2.98 -10.79 -10.76
C ASN A 56 -2.07 -11.68 -11.59
N GLY A 57 -2.41 -12.95 -11.68
CA GLY A 57 -1.63 -13.86 -12.46
C GLY A 57 -2.42 -15.07 -12.88
N GLY A 58 -1.91 -15.80 -13.84
CA GLY A 58 -2.61 -16.97 -14.34
C GLY A 58 -2.77 -16.92 -15.84
N GLY A 59 -2.62 -18.06 -16.50
CA GLY A 59 -2.69 -18.09 -17.95
C GLY A 59 -1.44 -17.56 -18.60
N GLU A 60 -1.15 -16.30 -18.34
CA GLU A 60 0.02 -15.60 -18.86
C GLU A 60 0.36 -14.48 -17.90
N TRP A 61 1.52 -13.88 -18.06
CA TRP A 61 1.95 -12.83 -17.15
C TRP A 61 1.37 -11.48 -17.56
N PRO A 62 0.89 -10.69 -16.59
CA PRO A 62 0.31 -9.36 -16.85
C PRO A 62 1.37 -8.38 -17.39
N ASN A 63 2.54 -8.41 -16.78
CA ASN A 63 3.64 -7.53 -17.17
C ASN A 63 4.97 -8.26 -16.98
N LEU A 64 4.88 -9.55 -16.73
CA LEU A 64 6.04 -10.40 -16.47
C LEU A 64 6.79 -9.95 -15.21
N PRO A 65 6.28 -10.35 -14.03
CA PRO A 65 6.91 -10.04 -12.76
C PRO A 65 7.79 -11.18 -12.27
N SER A 66 8.27 -11.96 -13.23
CA SER A 66 9.08 -13.12 -12.96
C SER A 66 9.84 -13.52 -14.22
N ARG A 67 10.60 -14.59 -14.15
CA ARG A 67 11.34 -15.07 -15.29
C ARG A 67 11.63 -16.56 -15.12
N GLY A 68 12.08 -17.20 -16.16
CA GLY A 68 12.38 -18.62 -16.07
C GLY A 68 13.80 -18.91 -16.48
N GLY A 1 9.95 1.34 17.67
CA GLY A 1 10.65 0.98 16.42
C GLY A 1 12.00 1.63 16.31
N SER A 2 12.81 1.19 15.36
CA SER A 2 14.13 1.74 15.14
C SER A 2 14.10 2.83 14.08
N ALA A 3 12.90 3.23 13.69
CA ALA A 3 12.72 4.24 12.69
C ALA A 3 11.44 5.03 12.95
N LEU A 4 11.37 6.19 12.34
CA LEU A 4 10.18 7.03 12.47
C LEU A 4 9.08 6.48 11.60
N ASP A 5 9.46 6.09 10.39
CA ASP A 5 8.54 5.51 9.46
C ASP A 5 8.52 4.00 9.63
N PHE A 6 7.44 3.48 10.17
CA PHE A 6 7.29 2.05 10.38
C PHE A 6 6.54 1.44 9.21
N THR A 7 5.81 2.30 8.53
CA THR A 7 5.05 1.93 7.37
C THR A 7 5.47 2.82 6.20
N SER A 8 5.34 2.30 4.99
CA SER A 8 5.71 3.03 3.80
C SER A 8 4.89 4.31 3.63
N CYS A 9 3.72 4.36 4.26
CA CYS A 9 2.84 5.50 4.12
C CYS A 9 2.78 6.39 5.35
N ALA A 10 3.74 6.24 6.25
CA ALA A 10 3.77 7.09 7.45
C ALA A 10 4.01 8.56 7.07
N ARG A 11 4.75 8.75 5.98
CA ARG A 11 5.05 10.08 5.48
C ARG A 11 3.80 10.80 4.98
N MET A 12 2.67 10.08 4.88
CA MET A 12 1.40 10.69 4.44
C MET A 12 1.04 11.90 5.32
N ASN A 13 1.60 11.95 6.53
CA ASN A 13 1.30 13.04 7.45
C ASN A 13 2.55 13.87 7.71
N ASP A 14 3.43 13.90 6.72
CA ASP A 14 4.69 14.65 6.81
C ASP A 14 4.55 15.94 5.99
N GLY A 15 3.33 16.22 5.57
CA GLY A 15 3.07 17.36 4.73
C GLY A 15 2.64 16.93 3.34
N ALA A 16 2.24 17.90 2.51
CA ALA A 16 1.84 17.62 1.13
C ALA A 16 2.90 16.84 0.37
N LEU A 17 4.16 17.11 0.65
CA LEU A 17 5.26 16.40 -0.01
C LEU A 17 5.29 14.96 0.47
N GLY A 18 5.00 14.77 1.74
CA GLY A 18 4.98 13.45 2.34
C GLY A 18 3.97 12.55 1.68
N ALA A 19 2.80 13.10 1.33
CA ALA A 19 1.75 12.34 0.68
C ALA A 19 2.23 11.78 -0.64
N LYS A 20 3.10 12.53 -1.30
CA LYS A 20 3.64 12.13 -2.57
C LYS A 20 4.63 11.01 -2.38
N VAL A 21 5.48 11.15 -1.39
CA VAL A 21 6.46 10.14 -1.05
C VAL A 21 5.76 8.85 -0.64
N ALA A 22 4.73 9.01 0.18
CA ALA A 22 3.95 7.89 0.68
C ALA A 22 3.34 7.09 -0.47
N GLN A 23 2.59 7.77 -1.33
CA GLN A 23 1.92 7.10 -2.44
C GLN A 23 2.94 6.44 -3.37
N ALA A 24 4.06 7.11 -3.60
CA ALA A 24 5.10 6.60 -4.48
C ALA A 24 5.69 5.32 -3.92
N ALA A 25 6.07 5.37 -2.66
CA ALA A 25 6.65 4.23 -1.99
C ALA A 25 5.65 3.08 -1.93
N CYS A 26 4.38 3.42 -1.75
CA CYS A 26 3.33 2.44 -1.63
C CYS A 26 3.07 1.73 -2.96
N ILE A 27 2.80 2.52 -4.00
CA ILE A 27 2.48 1.98 -5.32
C ILE A 27 3.60 1.06 -5.81
N SER A 28 4.83 1.55 -5.78
CA SER A 28 5.96 0.77 -6.23
C SER A 28 6.11 -0.54 -5.45
N SER A 29 5.95 -0.46 -4.13
CA SER A 29 6.05 -1.64 -3.28
C SER A 29 4.94 -2.65 -3.61
N CYS A 30 3.76 -2.13 -3.91
CA CYS A 30 2.64 -2.97 -4.25
C CYS A 30 2.90 -3.69 -5.57
N LYS A 31 3.33 -2.94 -6.56
CA LYS A 31 3.64 -3.50 -7.87
C LYS A 31 4.70 -4.59 -7.75
N PHE A 32 5.70 -4.34 -6.92
CA PHE A 32 6.79 -5.28 -6.69
C PHE A 32 6.29 -6.62 -6.16
N GLN A 33 5.26 -6.59 -5.34
CA GLN A 33 4.70 -7.80 -4.74
C GLN A 33 3.54 -8.36 -5.57
N ASN A 34 3.46 -7.87 -6.81
CA ASN A 34 2.45 -8.32 -7.77
C ASN A 34 1.05 -7.85 -7.38
N CYS A 35 0.97 -6.57 -7.06
CA CYS A 35 -0.30 -5.96 -6.76
C CYS A 35 -0.60 -4.92 -7.83
N GLY A 36 -1.84 -4.92 -8.29
CA GLY A 36 -2.26 -3.99 -9.34
C GLY A 36 -1.95 -2.55 -9.02
N THR A 37 -2.18 -2.17 -7.78
CA THR A 37 -1.88 -0.81 -7.37
C THR A 37 -1.72 -0.72 -5.86
N GLY A 38 -1.38 0.47 -5.40
CA GLY A 38 -1.18 0.71 -4.01
C GLY A 38 -1.59 2.10 -3.63
N HIS A 39 -2.12 2.26 -2.45
CA HIS A 39 -2.51 3.57 -1.98
C HIS A 39 -2.39 3.64 -0.48
N CYS A 40 -2.15 4.80 0.02
CA CYS A 40 -2.00 4.99 1.43
C CYS A 40 -3.34 5.20 2.06
N GLU A 41 -3.66 4.38 3.02
CA GLU A 41 -4.95 4.45 3.65
C GLU A 41 -4.79 4.34 5.16
N ARG A 42 -5.62 5.05 5.90
CA ARG A 42 -5.57 4.99 7.33
C ARG A 42 -6.50 3.93 7.83
N ARG A 43 -5.96 3.04 8.61
CA ARG A 43 -6.72 1.95 9.16
C ARG A 43 -6.49 1.90 10.65
N GLY A 44 -7.56 2.09 11.40
CA GLY A 44 -7.45 2.19 12.83
C GLY A 44 -6.57 3.36 13.22
N GLY A 45 -6.77 4.50 12.55
CA GLY A 45 -5.96 5.68 12.78
C GLY A 45 -4.53 5.55 12.24
N ARG A 46 -4.14 4.35 11.95
CA ARG A 46 -2.79 4.08 11.53
C ARG A 46 -2.65 4.17 10.02
N PRO A 47 -1.82 5.11 9.54
CA PRO A 47 -1.54 5.24 8.13
C PRO A 47 -0.81 4.02 7.64
N THR A 48 -1.34 3.35 6.64
CA THR A 48 -0.74 2.14 6.16
C THR A 48 -0.77 2.11 4.63
N CYS A 49 0.15 1.38 4.04
CA CYS A 49 0.17 1.20 2.61
C CYS A 49 -0.66 -0.01 2.26
N VAL A 50 -1.80 0.21 1.65
CA VAL A 50 -2.67 -0.87 1.29
C VAL A 50 -2.71 -1.07 -0.21
N CYS A 51 -2.41 -2.27 -0.64
CA CYS A 51 -2.38 -2.60 -2.04
C CYS A 51 -3.72 -3.13 -2.51
N SER A 52 -4.01 -2.93 -3.77
CA SER A 52 -5.22 -3.43 -4.36
C SER A 52 -4.87 -4.29 -5.56
N ARG A 53 -5.70 -5.30 -5.84
CA ARG A 53 -5.48 -6.22 -6.95
C ARG A 53 -4.19 -7.02 -6.80
N CYS A 54 -4.04 -7.64 -5.65
CA CYS A 54 -2.90 -8.47 -5.37
C CYS A 54 -3.25 -9.91 -5.74
N GLY A 55 -2.32 -10.59 -6.41
CA GLY A 55 -2.59 -11.93 -6.88
C GLY A 55 -3.87 -12.01 -7.68
N ASN A 56 -3.91 -11.29 -8.79
CA ASN A 56 -5.10 -11.25 -9.61
C ASN A 56 -5.14 -12.42 -10.59
N GLY A 57 -6.01 -13.35 -10.30
CA GLY A 57 -6.17 -14.52 -11.12
C GLY A 57 -6.94 -15.58 -10.37
N GLY A 58 -8.05 -16.02 -10.93
CA GLY A 58 -8.87 -17.00 -10.27
C GLY A 58 -8.91 -18.33 -10.99
N GLY A 59 -8.19 -19.29 -10.44
CA GLY A 59 -8.18 -20.62 -11.02
C GLY A 59 -9.24 -21.48 -10.38
N GLU A 60 -10.46 -21.35 -10.88
CA GLU A 60 -11.57 -22.06 -10.30
C GLU A 60 -12.67 -22.27 -11.32
N TRP A 61 -13.58 -23.17 -10.99
CA TRP A 61 -14.72 -23.48 -11.83
C TRP A 61 -15.98 -23.63 -10.96
N PRO A 62 -16.46 -22.49 -10.39
CA PRO A 62 -17.62 -22.49 -9.48
C PRO A 62 -18.93 -22.66 -10.25
N ASN A 63 -18.95 -22.20 -11.48
CA ASN A 63 -20.15 -22.28 -12.29
C ASN A 63 -20.17 -23.56 -13.10
N LEU A 64 -19.02 -24.24 -13.12
CA LEU A 64 -18.83 -25.48 -13.86
C LEU A 64 -18.87 -25.26 -15.37
N PRO A 65 -17.80 -25.67 -16.08
CA PRO A 65 -17.72 -25.58 -17.54
C PRO A 65 -18.94 -26.18 -18.26
N SER A 66 -18.99 -26.04 -19.56
CA SER A 66 -20.13 -26.48 -20.34
C SER A 66 -19.76 -26.62 -21.81
N ARG A 67 -19.29 -27.79 -22.18
CA ARG A 67 -18.96 -28.06 -23.56
C ARG A 67 -20.18 -28.50 -24.35
N GLY A 68 -20.04 -28.56 -25.65
CA GLY A 68 -21.10 -29.04 -26.48
C GLY A 68 -20.67 -30.27 -27.25
N GLY A 1 8.91 1.59 15.22
CA GLY A 1 10.14 1.00 15.79
C GLY A 1 11.14 2.06 16.20
N SER A 2 12.37 1.88 15.78
CA SER A 2 13.44 2.80 16.14
C SER A 2 13.76 3.75 14.98
N ALA A 3 12.73 4.12 14.23
CA ALA A 3 12.89 5.02 13.11
C ALA A 3 11.79 6.07 13.10
N LEU A 4 11.82 6.95 12.13
CA LEU A 4 10.81 8.00 12.02
C LEU A 4 9.49 7.44 11.51
N ASP A 5 9.57 6.45 10.65
CA ASP A 5 8.39 5.81 10.11
C ASP A 5 8.53 4.31 10.24
N PHE A 6 7.50 3.66 10.70
CA PHE A 6 7.51 2.21 10.86
C PHE A 6 6.79 1.57 9.67
N THR A 7 6.14 2.41 8.90
CA THR A 7 5.39 2.00 7.75
C THR A 7 5.90 2.71 6.50
N SER A 8 5.41 2.32 5.37
CA SER A 8 5.73 3.00 4.14
C SER A 8 4.87 4.27 3.93
N CYS A 9 3.69 4.34 4.56
CA CYS A 9 2.79 5.48 4.31
C CYS A 9 2.55 6.43 5.49
N ALA A 10 3.34 6.37 6.55
CA ALA A 10 3.10 7.29 7.67
C ALA A 10 3.54 8.71 7.31
N ARG A 11 4.41 8.82 6.30
CA ARG A 11 4.85 10.12 5.79
C ARG A 11 3.68 10.91 5.20
N MET A 12 2.53 10.24 5.06
CA MET A 12 1.31 10.90 4.56
C MET A 12 0.97 12.12 5.44
N ASN A 13 1.58 12.21 6.62
CA ASN A 13 1.33 13.31 7.55
C ASN A 13 2.48 14.30 7.53
N ASP A 14 3.24 14.29 6.46
CA ASP A 14 4.41 15.16 6.34
C ASP A 14 4.12 16.20 5.26
N GLY A 15 2.84 16.49 5.07
CA GLY A 15 2.43 17.45 4.08
C GLY A 15 2.23 16.81 2.73
N ALA A 16 1.98 17.63 1.72
CA ALA A 16 1.78 17.17 0.36
C ALA A 16 2.98 16.39 -0.16
N LEU A 17 4.17 16.80 0.27
CA LEU A 17 5.39 16.12 -0.13
C LEU A 17 5.40 14.72 0.49
N GLY A 18 5.05 14.65 1.77
CA GLY A 18 4.97 13.38 2.45
C GLY A 18 4.00 12.44 1.79
N ALA A 19 2.82 12.97 1.45
CA ALA A 19 1.80 12.19 0.77
C ALA A 19 2.35 11.64 -0.55
N LYS A 20 3.20 12.43 -1.19
CA LYS A 20 3.81 12.04 -2.45
C LYS A 20 4.81 10.92 -2.22
N VAL A 21 5.62 11.07 -1.18
CA VAL A 21 6.59 10.05 -0.82
C VAL A 21 5.87 8.76 -0.45
N ALA A 22 4.82 8.90 0.34
CA ALA A 22 4.02 7.78 0.78
C ALA A 22 3.44 7.01 -0.39
N GLN A 23 2.71 7.71 -1.26
CA GLN A 23 2.06 7.07 -2.39
C GLN A 23 3.08 6.42 -3.32
N ALA A 24 4.21 7.09 -3.54
CA ALA A 24 5.25 6.58 -4.43
C ALA A 24 5.82 5.28 -3.89
N ALA A 25 6.16 5.28 -2.62
CA ALA A 25 6.71 4.11 -1.96
C ALA A 25 5.68 3.00 -1.91
N CYS A 26 4.42 3.38 -1.80
CA CYS A 26 3.34 2.44 -1.67
C CYS A 26 3.06 1.74 -3.01
N ILE A 27 2.80 2.54 -4.04
CA ILE A 27 2.49 2.02 -5.37
C ILE A 27 3.58 1.07 -5.86
N SER A 28 4.82 1.54 -5.83
CA SER A 28 5.94 0.72 -6.30
C SER A 28 6.07 -0.58 -5.48
N SER A 29 5.93 -0.46 -4.17
CA SER A 29 6.03 -1.60 -3.29
C SER A 29 4.93 -2.62 -3.60
N CYS A 30 3.74 -2.11 -3.92
CA CYS A 30 2.60 -2.94 -4.22
C CYS A 30 2.84 -3.71 -5.51
N LYS A 31 3.22 -3.01 -6.56
CA LYS A 31 3.45 -3.63 -7.86
C LYS A 31 4.50 -4.71 -7.76
N PHE A 32 5.55 -4.43 -7.01
CA PHE A 32 6.64 -5.37 -6.82
C PHE A 32 6.16 -6.68 -6.18
N GLN A 33 5.20 -6.57 -5.27
CA GLN A 33 4.71 -7.73 -4.54
C GLN A 33 3.48 -8.33 -5.22
N ASN A 34 3.36 -8.05 -6.52
CA ASN A 34 2.29 -8.59 -7.37
C ASN A 34 0.93 -7.95 -7.02
N CYS A 35 0.94 -6.65 -6.90
CA CYS A 35 -0.29 -5.91 -6.70
C CYS A 35 -0.44 -4.88 -7.81
N GLY A 36 -1.64 -4.75 -8.33
CA GLY A 36 -1.90 -3.82 -9.41
C GLY A 36 -1.63 -2.37 -9.05
N THR A 37 -1.99 -1.99 -7.85
CA THR A 37 -1.79 -0.62 -7.44
C THR A 37 -1.70 -0.52 -5.91
N GLY A 38 -1.38 0.66 -5.44
CA GLY A 38 -1.25 0.88 -4.02
C GLY A 38 -1.59 2.30 -3.65
N HIS A 39 -2.14 2.48 -2.46
CA HIS A 39 -2.46 3.80 -1.98
C HIS A 39 -2.37 3.82 -0.47
N CYS A 40 -2.07 4.95 0.08
CA CYS A 40 -1.93 5.08 1.50
C CYS A 40 -3.27 5.32 2.14
N GLU A 41 -3.60 4.50 3.11
CA GLU A 41 -4.87 4.59 3.77
C GLU A 41 -4.68 4.32 5.25
N ARG A 42 -5.43 5.00 6.09
CA ARG A 42 -5.31 4.81 7.51
C ARG A 42 -6.21 3.70 7.96
N ARG A 43 -5.63 2.73 8.60
CA ARG A 43 -6.35 1.60 9.10
C ARG A 43 -6.24 1.57 10.60
N GLY A 44 -7.36 1.79 11.27
CA GLY A 44 -7.35 1.89 12.71
C GLY A 44 -6.46 3.01 13.19
N GLY A 45 -6.55 4.16 12.51
CA GLY A 45 -5.71 5.31 12.85
C GLY A 45 -4.27 5.14 12.40
N ARG A 46 -3.95 3.99 11.87
CA ARG A 46 -2.58 3.69 11.47
C ARG A 46 -2.40 3.86 9.97
N PRO A 47 -1.63 4.87 9.54
CA PRO A 47 -1.35 5.11 8.12
C PRO A 47 -0.59 3.95 7.50
N THR A 48 -1.29 3.17 6.71
CA THR A 48 -0.73 2.00 6.11
C THR A 48 -0.76 2.08 4.58
N CYS A 49 0.10 1.34 3.95
CA CYS A 49 0.12 1.26 2.50
C CYS A 49 -0.75 0.09 2.09
N VAL A 50 -1.92 0.38 1.58
CA VAL A 50 -2.82 -0.67 1.21
C VAL A 50 -2.82 -0.87 -0.30
N CYS A 51 -2.60 -2.09 -0.72
CA CYS A 51 -2.52 -2.41 -2.12
C CYS A 51 -3.84 -2.93 -2.63
N SER A 52 -4.04 -2.82 -3.93
CA SER A 52 -5.23 -3.30 -4.58
C SER A 52 -4.84 -4.08 -5.83
N ARG A 53 -5.75 -4.93 -6.32
CA ARG A 53 -5.48 -5.78 -7.49
C ARG A 53 -4.30 -6.73 -7.19
N CYS A 54 -4.33 -7.31 -6.00
CA CYS A 54 -3.29 -8.20 -5.55
C CYS A 54 -3.65 -9.65 -5.87
N GLY A 55 -2.64 -10.50 -5.98
CA GLY A 55 -2.88 -11.90 -6.28
C GLY A 55 -3.47 -12.10 -7.66
N ASN A 56 -4.74 -12.46 -7.70
CA ASN A 56 -5.43 -12.70 -8.94
C ASN A 56 -6.11 -11.44 -9.42
N GLY A 57 -5.93 -11.11 -10.68
CA GLY A 57 -6.59 -9.96 -11.25
C GLY A 57 -8.00 -10.28 -11.67
N GLY A 58 -8.15 -10.76 -12.89
CA GLY A 58 -9.45 -11.14 -13.38
C GLY A 58 -10.18 -9.97 -13.97
N GLY A 59 -11.22 -9.51 -13.30
CA GLY A 59 -11.98 -8.40 -13.78
C GLY A 59 -12.06 -7.28 -12.76
N GLU A 60 -12.06 -6.05 -13.24
CA GLU A 60 -12.15 -4.89 -12.38
C GLU A 60 -12.67 -3.71 -13.18
N TRP A 61 -12.92 -2.61 -12.51
CA TRP A 61 -13.41 -1.43 -13.16
C TRP A 61 -12.26 -0.50 -13.54
N PRO A 62 -12.19 -0.10 -14.83
CA PRO A 62 -11.13 0.77 -15.32
C PRO A 62 -11.10 2.13 -14.61
N ASN A 63 -12.26 2.78 -14.48
CA ASN A 63 -12.32 4.08 -13.80
C ASN A 63 -13.56 4.17 -12.91
N LEU A 64 -13.97 3.02 -12.39
CA LEU A 64 -15.13 2.92 -11.48
C LEU A 64 -16.42 3.56 -12.05
N PRO A 65 -17.26 2.76 -12.74
CA PRO A 65 -18.55 3.24 -13.24
C PRO A 65 -19.56 3.31 -12.11
N SER A 66 -20.43 4.31 -12.14
CA SER A 66 -21.40 4.48 -11.08
C SER A 66 -22.53 5.37 -11.54
N ARG A 67 -23.68 5.22 -10.91
CA ARG A 67 -24.83 6.04 -11.25
C ARG A 67 -24.84 7.29 -10.37
N GLY A 68 -24.04 7.24 -9.32
CA GLY A 68 -23.91 8.33 -8.41
C GLY A 68 -22.51 8.88 -8.45
N GLY A 1 13.48 0.69 20.23
CA GLY A 1 14.02 0.77 18.86
C GLY A 1 14.04 2.18 18.34
N SER A 2 15.12 2.55 17.68
CA SER A 2 15.26 3.88 17.14
C SER A 2 14.77 3.94 15.71
N ALA A 3 13.54 4.39 15.53
CA ALA A 3 12.95 4.54 14.22
C ALA A 3 11.97 5.68 14.25
N LEU A 4 12.02 6.54 13.24
CA LEU A 4 11.12 7.67 13.18
C LEU A 4 9.76 7.27 12.63
N ASP A 5 9.75 6.31 11.71
CA ASP A 5 8.51 5.82 11.14
C ASP A 5 8.49 4.31 11.13
N PHE A 6 7.34 3.74 11.37
CA PHE A 6 7.18 2.29 11.38
C PHE A 6 6.54 1.80 10.08
N THR A 7 5.85 2.68 9.40
CA THR A 7 5.14 2.32 8.20
C THR A 7 5.58 3.18 7.01
N SER A 8 5.62 2.56 5.85
CA SER A 8 6.01 3.21 4.61
C SER A 8 5.07 4.37 4.27
N CYS A 9 3.84 4.33 4.78
CA CYS A 9 2.90 5.39 4.50
C CYS A 9 2.76 6.39 5.64
N ALA A 10 3.68 6.35 6.60
CA ALA A 10 3.65 7.29 7.73
C ALA A 10 3.82 8.74 7.24
N ARG A 11 4.56 8.89 6.15
CA ARG A 11 4.84 10.21 5.59
C ARG A 11 3.59 10.87 5.02
N MET A 12 2.48 10.12 4.93
CA MET A 12 1.20 10.69 4.48
C MET A 12 0.81 11.91 5.35
N ASN A 13 1.45 12.04 6.52
CA ASN A 13 1.15 13.12 7.43
C ASN A 13 2.27 14.16 7.41
N ASP A 14 2.96 14.24 6.28
CA ASP A 14 4.09 15.18 6.13
C ASP A 14 3.77 16.19 5.03
N GLY A 15 2.50 16.38 4.75
CA GLY A 15 2.10 17.31 3.71
C GLY A 15 1.95 16.66 2.36
N ALA A 16 1.71 17.47 1.33
CA ALA A 16 1.53 16.97 -0.04
C ALA A 16 2.76 16.22 -0.52
N LEU A 17 3.94 16.70 -0.14
CA LEU A 17 5.18 16.03 -0.53
C LEU A 17 5.22 14.67 0.15
N GLY A 18 4.90 14.66 1.44
CA GLY A 18 4.84 13.42 2.20
C GLY A 18 3.85 12.45 1.60
N ALA A 19 2.68 12.95 1.25
CA ALA A 19 1.65 12.14 0.62
C ALA A 19 2.17 11.51 -0.67
N LYS A 20 2.99 12.27 -1.39
CA LYS A 20 3.61 11.79 -2.61
C LYS A 20 4.60 10.68 -2.29
N VAL A 21 5.44 10.92 -1.28
CA VAL A 21 6.44 9.94 -0.86
C VAL A 21 5.73 8.65 -0.41
N ALA A 22 4.69 8.83 0.39
CA ALA A 22 3.90 7.73 0.89
C ALA A 22 3.31 6.89 -0.24
N GLN A 23 2.58 7.55 -1.13
CA GLN A 23 1.94 6.86 -2.24
C GLN A 23 2.98 6.19 -3.14
N ALA A 24 4.08 6.89 -3.39
CA ALA A 24 5.14 6.37 -4.26
C ALA A 24 5.74 5.12 -3.69
N ALA A 25 6.09 5.17 -2.42
CA ALA A 25 6.66 4.02 -1.73
C ALA A 25 5.68 2.86 -1.70
N CYS A 26 4.40 3.18 -1.55
CA CYS A 26 3.37 2.17 -1.46
C CYS A 26 3.12 1.52 -2.83
N ILE A 27 2.85 2.34 -3.84
CA ILE A 27 2.56 1.85 -5.18
C ILE A 27 3.70 0.97 -5.70
N SER A 28 4.93 1.47 -5.61
CA SER A 28 6.07 0.73 -6.09
C SER A 28 6.21 -0.62 -5.38
N SER A 29 6.09 -0.61 -4.05
CA SER A 29 6.20 -1.83 -3.27
C SER A 29 5.10 -2.82 -3.63
N CYS A 30 3.92 -2.29 -3.96
CA CYS A 30 2.80 -3.12 -4.34
C CYS A 30 3.06 -3.80 -5.67
N LYS A 31 3.48 -3.02 -6.65
CA LYS A 31 3.79 -3.53 -7.97
C LYS A 31 4.85 -4.63 -7.90
N PHE A 32 5.86 -4.43 -7.05
CA PHE A 32 6.91 -5.43 -6.86
C PHE A 32 6.36 -6.77 -6.37
N GLN A 33 5.30 -6.74 -5.58
CA GLN A 33 4.71 -7.97 -5.03
C GLN A 33 3.51 -8.46 -5.84
N ASN A 34 3.49 -8.07 -7.11
CA ASN A 34 2.44 -8.51 -8.07
C ASN A 34 1.09 -7.86 -7.78
N CYS A 35 1.12 -6.65 -7.27
CA CYS A 35 -0.10 -5.93 -7.02
C CYS A 35 -0.26 -4.83 -8.06
N GLY A 36 -1.48 -4.67 -8.56
CA GLY A 36 -1.74 -3.68 -9.59
C GLY A 36 -1.36 -2.27 -9.17
N THR A 37 -1.73 -1.91 -7.97
CA THR A 37 -1.43 -0.61 -7.46
C THR A 37 -1.43 -0.60 -5.93
N GLY A 38 -1.21 0.55 -5.36
CA GLY A 38 -1.16 0.67 -3.93
C GLY A 38 -1.58 2.03 -3.48
N HIS A 39 -2.11 2.11 -2.27
CA HIS A 39 -2.52 3.37 -1.73
C HIS A 39 -2.37 3.36 -0.23
N CYS A 40 -2.08 4.50 0.33
CA CYS A 40 -1.92 4.60 1.75
C CYS A 40 -3.25 4.76 2.43
N GLU A 41 -3.53 3.89 3.37
CA GLU A 41 -4.79 3.93 4.06
C GLU A 41 -4.56 3.96 5.56
N ARG A 42 -5.36 4.74 6.27
CA ARG A 42 -5.26 4.80 7.70
C ARG A 42 -6.19 3.81 8.31
N ARG A 43 -5.62 2.85 8.98
CA ARG A 43 -6.38 1.79 9.60
C ARG A 43 -6.40 2.02 11.09
N GLY A 44 -7.51 2.52 11.60
CA GLY A 44 -7.61 2.82 13.01
C GLY A 44 -6.60 3.89 13.40
N GLY A 45 -6.59 4.99 12.66
CA GLY A 45 -5.63 6.05 12.89
C GLY A 45 -4.23 5.72 12.45
N ARG A 46 -3.97 4.46 12.17
CA ARG A 46 -2.63 4.02 11.81
C ARG A 46 -2.43 3.96 10.31
N PRO A 47 -1.64 4.90 9.75
CA PRO A 47 -1.34 4.92 8.32
C PRO A 47 -0.60 3.67 7.91
N THR A 48 -1.08 3.01 6.90
CA THR A 48 -0.43 1.81 6.40
C THR A 48 -0.53 1.74 4.87
N CYS A 49 0.38 1.02 4.25
CA CYS A 49 0.37 0.86 2.81
C CYS A 49 -0.47 -0.35 2.43
N VAL A 50 -1.59 -0.10 1.77
CA VAL A 50 -2.46 -1.17 1.36
C VAL A 50 -2.54 -1.26 -0.17
N CYS A 51 -2.30 -2.45 -0.69
CA CYS A 51 -2.29 -2.64 -2.13
C CYS A 51 -3.68 -2.95 -2.67
N SER A 52 -3.92 -2.58 -3.91
CA SER A 52 -5.18 -2.83 -4.56
C SER A 52 -4.95 -3.41 -5.95
N ARG A 53 -5.98 -4.07 -6.49
CA ARG A 53 -5.90 -4.71 -7.82
C ARG A 53 -4.74 -5.71 -7.85
N CYS A 54 -4.63 -6.46 -6.78
CA CYS A 54 -3.53 -7.39 -6.61
C CYS A 54 -3.99 -8.82 -6.85
N GLY A 55 -3.04 -9.74 -6.92
CA GLY A 55 -3.38 -11.12 -7.05
C GLY A 55 -4.20 -11.58 -5.86
N ASN A 56 -5.28 -12.27 -6.14
CA ASN A 56 -6.16 -12.75 -5.09
C ASN A 56 -6.55 -14.20 -5.33
N GLY A 57 -5.85 -15.10 -4.65
CA GLY A 57 -6.11 -16.51 -4.79
C GLY A 57 -5.73 -17.03 -6.15
N GLY A 58 -6.63 -17.77 -6.76
CA GLY A 58 -6.39 -18.32 -8.07
C GLY A 58 -7.15 -19.59 -8.30
N GLY A 59 -7.73 -19.73 -9.47
CA GLY A 59 -8.48 -20.92 -9.79
C GLY A 59 -7.92 -21.65 -10.98
N GLU A 60 -6.67 -22.08 -10.89
CA GLU A 60 -6.05 -22.80 -11.97
C GLU A 60 -6.51 -24.24 -12.03
N TRP A 61 -7.19 -24.55 -13.10
CA TRP A 61 -7.74 -25.87 -13.32
C TRP A 61 -6.88 -26.63 -14.31
N PRO A 62 -6.25 -27.72 -13.88
CA PRO A 62 -5.44 -28.55 -14.77
C PRO A 62 -6.28 -29.19 -15.89
N ASN A 63 -7.22 -30.04 -15.50
CA ASN A 63 -8.06 -30.74 -16.46
C ASN A 63 -9.31 -29.93 -16.81
N LEU A 64 -9.64 -28.95 -15.96
CA LEU A 64 -10.85 -28.13 -16.12
C LEU A 64 -12.12 -28.96 -15.97
N PRO A 65 -12.72 -28.94 -14.78
CA PRO A 65 -13.97 -29.65 -14.52
C PRO A 65 -15.13 -28.99 -15.26
N SER A 66 -15.32 -29.37 -16.52
CA SER A 66 -16.37 -28.80 -17.35
C SER A 66 -17.71 -29.49 -17.11
N ARG A 67 -18.00 -29.81 -15.87
CA ARG A 67 -19.22 -30.49 -15.52
C ARG A 67 -19.62 -30.19 -14.08
N GLY A 68 -20.92 -30.09 -13.85
CA GLY A 68 -21.43 -29.83 -12.53
C GLY A 68 -22.75 -30.53 -12.31
N GLY A 1 12.82 -2.51 13.47
CA GLY A 1 13.65 -1.92 14.52
C GLY A 1 13.22 -0.52 14.89
N SER A 2 14.05 0.18 15.61
CA SER A 2 13.73 1.53 16.05
C SER A 2 14.02 2.53 14.93
N ALA A 3 13.00 2.87 14.17
CA ALA A 3 13.14 3.83 13.09
C ALA A 3 12.08 4.92 13.20
N LEU A 4 12.17 5.92 12.33
CA LEU A 4 11.21 7.02 12.37
C LEU A 4 9.90 6.60 11.71
N ASP A 5 9.99 5.99 10.54
CA ASP A 5 8.81 5.51 9.86
C ASP A 5 8.62 4.04 10.14
N PHE A 6 7.42 3.66 10.50
CA PHE A 6 7.10 2.26 10.76
C PHE A 6 6.32 1.70 9.59
N THR A 7 5.63 2.58 8.89
CA THR A 7 4.87 2.24 7.72
C THR A 7 5.35 3.06 6.54
N SER A 8 5.33 2.47 5.35
CA SER A 8 5.77 3.15 4.14
C SER A 8 4.93 4.39 3.86
N CYS A 9 3.72 4.42 4.38
CA CYS A 9 2.81 5.53 4.16
C CYS A 9 2.73 6.48 5.36
N ALA A 10 3.65 6.34 6.30
CA ALA A 10 3.66 7.22 7.48
C ALA A 10 3.86 8.68 7.08
N ARG A 11 4.58 8.88 5.98
CA ARG A 11 4.86 10.22 5.47
C ARG A 11 3.61 10.92 4.99
N MET A 12 2.48 10.20 4.91
CA MET A 12 1.20 10.82 4.51
C MET A 12 0.84 11.99 5.45
N ASN A 13 1.49 12.04 6.62
CA ASN A 13 1.21 13.10 7.59
C ASN A 13 2.40 14.06 7.65
N ASP A 14 3.18 14.10 6.58
CA ASP A 14 4.38 14.94 6.55
C ASP A 14 4.15 16.12 5.63
N GLY A 15 2.90 16.37 5.29
CA GLY A 15 2.59 17.46 4.39
C GLY A 15 2.36 17.00 2.97
N ALA A 16 2.06 17.94 2.08
CA ALA A 16 1.81 17.67 0.67
C ALA A 16 2.91 16.80 0.03
N LEU A 17 4.17 17.11 0.33
CA LEU A 17 5.28 16.38 -0.24
C LEU A 17 5.29 14.96 0.31
N GLY A 18 4.98 14.84 1.60
CA GLY A 18 4.95 13.55 2.24
C GLY A 18 3.92 12.63 1.61
N ALA A 19 2.76 13.18 1.28
CA ALA A 19 1.69 12.42 0.64
C ALA A 19 2.17 11.76 -0.64
N LYS A 20 2.97 12.49 -1.42
CA LYS A 20 3.51 11.94 -2.67
C LYS A 20 4.52 10.86 -2.40
N VAL A 21 5.37 11.09 -1.40
CA VAL A 21 6.38 10.11 -1.03
C VAL A 21 5.70 8.84 -0.57
N ALA A 22 4.65 9.01 0.22
CA ALA A 22 3.86 7.90 0.73
C ALA A 22 3.27 7.06 -0.40
N GLN A 23 2.53 7.71 -1.29
CA GLN A 23 1.87 7.01 -2.38
C GLN A 23 2.88 6.33 -3.28
N ALA A 24 4.01 7.00 -3.52
CA ALA A 24 5.06 6.46 -4.38
C ALA A 24 5.65 5.21 -3.76
N ALA A 25 5.96 5.28 -2.48
CA ALA A 25 6.50 4.14 -1.75
C ALA A 25 5.50 3.00 -1.68
N CYS A 26 4.23 3.36 -1.62
CA CYS A 26 3.17 2.38 -1.52
C CYS A 26 2.97 1.65 -2.85
N ILE A 27 2.81 2.43 -3.92
CA ILE A 27 2.59 1.87 -5.25
C ILE A 27 3.72 0.90 -5.63
N SER A 28 4.96 1.35 -5.46
CA SER A 28 6.11 0.53 -5.78
C SER A 28 6.10 -0.75 -4.96
N SER A 29 5.86 -0.63 -3.66
CA SER A 29 5.82 -1.76 -2.75
C SER A 29 4.74 -2.75 -3.18
N CYS A 30 3.61 -2.24 -3.62
CA CYS A 30 2.51 -3.07 -4.04
C CYS A 30 2.89 -3.84 -5.28
N LYS A 31 3.45 -3.16 -6.25
CA LYS A 31 3.87 -3.77 -7.49
C LYS A 31 4.90 -4.87 -7.22
N PHE A 32 5.82 -4.62 -6.29
CA PHE A 32 6.83 -5.59 -5.90
C PHE A 32 6.21 -6.88 -5.33
N GLN A 33 5.09 -6.74 -4.64
CA GLN A 33 4.42 -7.89 -4.04
C GLN A 33 3.33 -8.44 -4.94
N ASN A 34 3.39 -8.05 -6.21
CA ASN A 34 2.46 -8.53 -7.25
C ASN A 34 1.05 -7.96 -7.05
N CYS A 35 0.99 -6.67 -6.84
CA CYS A 35 -0.27 -5.98 -6.71
C CYS A 35 -0.40 -4.91 -7.78
N GLY A 36 -1.56 -4.85 -8.40
CA GLY A 36 -1.81 -3.92 -9.49
C GLY A 36 -1.64 -2.46 -9.11
N THR A 37 -2.05 -2.12 -7.90
CA THR A 37 -1.97 -0.75 -7.47
C THR A 37 -1.81 -0.65 -5.96
N GLY A 38 -1.38 0.51 -5.51
CA GLY A 38 -1.20 0.74 -4.10
C GLY A 38 -1.56 2.15 -3.73
N HIS A 39 -2.11 2.32 -2.55
CA HIS A 39 -2.46 3.65 -2.07
C HIS A 39 -2.38 3.68 -0.57
N CYS A 40 -2.12 4.83 -0.04
CA CYS A 40 -2.00 4.97 1.39
C CYS A 40 -3.34 5.18 2.03
N GLU A 41 -3.64 4.36 2.99
CA GLU A 41 -4.90 4.45 3.68
C GLU A 41 -4.68 4.24 5.16
N ARG A 42 -5.44 4.94 5.97
CA ARG A 42 -5.30 4.83 7.39
C ARG A 42 -6.09 3.66 7.92
N ARG A 43 -5.38 2.73 8.50
CA ARG A 43 -5.99 1.56 9.08
C ARG A 43 -5.87 1.63 10.60
N GLY A 44 -6.99 1.94 11.25
CA GLY A 44 -7.01 2.07 12.69
C GLY A 44 -5.99 3.09 13.20
N GLY A 45 -6.04 4.30 12.63
CA GLY A 45 -5.11 5.35 13.04
C GLY A 45 -3.75 5.23 12.41
N ARG A 46 -3.42 4.05 11.94
CA ARG A 46 -2.14 3.76 11.38
C ARG A 46 -2.10 4.02 9.87
N PRO A 47 -1.30 4.99 9.43
CA PRO A 47 -1.13 5.27 8.01
C PRO A 47 -0.41 4.12 7.32
N THR A 48 -1.16 3.24 6.71
CA THR A 48 -0.59 2.05 6.13
C THR A 48 -0.74 2.04 4.60
N CYS A 49 0.11 1.28 3.95
CA CYS A 49 0.04 1.14 2.51
C CYS A 49 -0.85 -0.04 2.18
N VAL A 50 -1.98 0.23 1.56
CA VAL A 50 -2.89 -0.82 1.21
C VAL A 50 -2.92 -1.03 -0.30
N CYS A 51 -2.68 -2.25 -0.70
CA CYS A 51 -2.63 -2.58 -2.10
C CYS A 51 -3.95 -3.11 -2.59
N SER A 52 -4.21 -2.91 -3.85
CA SER A 52 -5.41 -3.39 -4.48
C SER A 52 -5.04 -4.06 -5.80
N ARG A 53 -5.96 -4.87 -6.31
CA ARG A 53 -5.75 -5.59 -7.56
C ARG A 53 -4.55 -6.52 -7.45
N CYS A 54 -4.49 -7.25 -6.36
CA CYS A 54 -3.39 -8.15 -6.10
C CYS A 54 -3.67 -9.49 -6.74
N GLY A 55 -2.66 -10.11 -7.31
CA GLY A 55 -2.87 -11.35 -8.02
C GLY A 55 -3.35 -11.13 -9.43
N ASN A 56 -2.70 -10.19 -10.13
CA ASN A 56 -3.01 -9.85 -11.53
C ASN A 56 -4.49 -9.52 -11.76
N GLY A 57 -5.16 -8.98 -10.76
CA GLY A 57 -6.56 -8.64 -10.91
C GLY A 57 -7.25 -8.38 -9.59
N GLY A 58 -7.07 -9.30 -8.65
CA GLY A 58 -7.68 -9.14 -7.35
C GLY A 58 -9.00 -9.87 -7.19
N GLY A 59 -9.42 -10.57 -8.24
CA GLY A 59 -10.67 -11.28 -8.17
C GLY A 59 -11.80 -10.47 -8.76
N GLU A 60 -12.73 -10.05 -7.91
CA GLU A 60 -13.83 -9.22 -8.35
C GLU A 60 -13.41 -7.75 -8.38
N TRP A 61 -14.26 -6.92 -8.99
CA TRP A 61 -14.01 -5.49 -9.15
C TRP A 61 -12.70 -5.23 -9.94
N PRO A 62 -12.53 -5.85 -11.15
CA PRO A 62 -11.32 -5.70 -11.95
C PRO A 62 -11.22 -4.31 -12.58
N ASN A 63 -12.34 -3.61 -12.66
CA ASN A 63 -12.39 -2.28 -13.23
C ASN A 63 -13.12 -1.36 -12.29
N LEU A 64 -13.30 -1.85 -11.06
CA LEU A 64 -13.97 -1.11 -9.99
C LEU A 64 -15.34 -0.56 -10.42
N PRO A 65 -16.35 -1.44 -10.65
CA PRO A 65 -17.72 -0.98 -10.96
C PRO A 65 -18.26 -0.11 -9.84
N SER A 66 -18.85 1.02 -10.19
CA SER A 66 -19.32 1.97 -9.19
C SER A 66 -20.74 1.65 -8.71
N ARG A 67 -21.19 0.43 -8.95
CA ARG A 67 -22.51 0.01 -8.50
C ARG A 67 -22.55 -1.50 -8.34
N GLY A 68 -23.62 -2.01 -7.76
CA GLY A 68 -23.77 -3.43 -7.61
C GLY A 68 -24.58 -4.02 -8.75
N GLY A 1 15.69 0.78 17.69
CA GLY A 1 15.40 2.17 18.10
C GLY A 1 15.99 3.19 17.14
N SER A 2 15.89 2.92 15.85
CA SER A 2 16.41 3.81 14.83
C SER A 2 15.40 3.96 13.71
N ALA A 3 14.16 3.72 14.03
CA ALA A 3 13.09 3.79 13.06
C ALA A 3 12.67 5.22 12.80
N LEU A 4 12.96 5.70 11.61
CA LEU A 4 12.53 7.04 11.20
C LEU A 4 11.04 7.01 10.90
N ASP A 5 10.59 5.84 10.53
CA ASP A 5 9.19 5.60 10.26
C ASP A 5 8.89 4.14 10.56
N PHE A 6 7.68 3.88 10.99
CA PHE A 6 7.31 2.53 11.33
C PHE A 6 6.56 1.88 10.18
N THR A 7 5.96 2.71 9.34
CA THR A 7 5.23 2.26 8.17
C THR A 7 5.79 2.90 6.91
N SER A 8 5.35 2.45 5.76
CA SER A 8 5.77 3.06 4.52
C SER A 8 4.94 4.32 4.21
N CYS A 9 3.69 4.34 4.68
CA CYS A 9 2.77 5.42 4.34
C CYS A 9 2.53 6.43 5.45
N ALA A 10 3.37 6.45 6.47
CA ALA A 10 3.20 7.44 7.53
C ALA A 10 3.52 8.83 7.03
N ARG A 11 4.22 8.88 5.90
CA ARG A 11 4.58 10.16 5.29
C ARG A 11 3.33 10.92 4.85
N MET A 12 2.18 10.24 4.82
CA MET A 12 0.90 10.86 4.43
C MET A 12 0.59 12.09 5.29
N ASN A 13 1.24 12.21 6.44
CA ASN A 13 1.00 13.35 7.33
C ASN A 13 2.25 14.22 7.42
N ASP A 14 3.05 14.21 6.36
CA ASP A 14 4.29 14.98 6.29
C ASP A 14 4.13 16.09 5.24
N GLY A 15 2.88 16.38 4.91
CA GLY A 15 2.61 17.39 3.90
C GLY A 15 2.26 16.76 2.57
N ALA A 16 1.93 17.60 1.59
CA ALA A 16 1.59 17.11 0.24
C ALA A 16 2.77 16.34 -0.37
N LEU A 17 3.99 16.75 -0.01
CA LEU A 17 5.18 16.06 -0.48
C LEU A 17 5.23 14.69 0.18
N GLY A 18 4.92 14.67 1.47
CA GLY A 18 4.86 13.43 2.20
C GLY A 18 3.85 12.47 1.60
N ALA A 19 2.72 13.02 1.17
CA ALA A 19 1.68 12.24 0.54
C ALA A 19 2.22 11.56 -0.70
N LYS A 20 3.08 12.29 -1.40
CA LYS A 20 3.72 11.78 -2.59
C LYS A 20 4.69 10.67 -2.23
N VAL A 21 5.50 10.89 -1.22
CA VAL A 21 6.46 9.88 -0.77
C VAL A 21 5.73 8.62 -0.34
N ALA A 22 4.69 8.80 0.47
CA ALA A 22 3.89 7.71 0.95
C ALA A 22 3.31 6.90 -0.21
N GLN A 23 2.63 7.58 -1.13
CA GLN A 23 2.00 6.90 -2.24
C GLN A 23 3.05 6.24 -3.14
N ALA A 24 4.17 6.92 -3.36
CA ALA A 24 5.23 6.40 -4.21
C ALA A 24 5.79 5.13 -3.62
N ALA A 25 6.12 5.18 -2.33
CA ALA A 25 6.64 4.02 -1.62
C ALA A 25 5.62 2.89 -1.62
N CYS A 26 4.35 3.25 -1.52
CA CYS A 26 3.28 2.27 -1.48
C CYS A 26 3.08 1.61 -2.84
N ILE A 27 2.88 2.43 -3.88
CA ILE A 27 2.65 1.93 -5.23
C ILE A 27 3.77 1.01 -5.67
N SER A 28 5.00 1.46 -5.49
CA SER A 28 6.16 0.68 -5.87
C SER A 28 6.18 -0.67 -5.14
N SER A 29 6.03 -0.64 -3.82
CA SER A 29 6.04 -1.84 -3.02
C SER A 29 4.92 -2.80 -3.42
N CYS A 30 3.78 -2.24 -3.82
CA CYS A 30 2.66 -3.04 -4.25
C CYS A 30 2.97 -3.74 -5.55
N LYS A 31 3.47 -2.99 -6.52
CA LYS A 31 3.84 -3.54 -7.82
C LYS A 31 4.86 -4.68 -7.65
N PHE A 32 5.82 -4.50 -6.75
CA PHE A 32 6.81 -5.52 -6.47
C PHE A 32 6.18 -6.83 -5.96
N GLN A 33 5.10 -6.72 -5.20
CA GLN A 33 4.44 -7.91 -4.63
C GLN A 33 3.27 -8.38 -5.50
N ASN A 34 3.32 -8.03 -6.78
CA ASN A 34 2.34 -8.45 -7.79
C ASN A 34 0.98 -7.78 -7.58
N CYS A 35 1.00 -6.56 -7.10
CA CYS A 35 -0.22 -5.81 -6.94
C CYS A 35 -0.31 -4.72 -7.99
N GLY A 36 -1.49 -4.56 -8.56
CA GLY A 36 -1.70 -3.60 -9.64
C GLY A 36 -1.38 -2.18 -9.23
N THR A 37 -1.77 -1.83 -8.02
CA THR A 37 -1.53 -0.50 -7.52
C THR A 37 -1.51 -0.48 -5.99
N GLY A 38 -1.20 0.67 -5.45
CA GLY A 38 -1.14 0.84 -4.03
C GLY A 38 -1.54 2.24 -3.62
N HIS A 39 -2.09 2.37 -2.43
CA HIS A 39 -2.47 3.65 -1.90
C HIS A 39 -2.36 3.64 -0.39
N CYS A 40 -2.13 4.78 0.18
CA CYS A 40 -1.99 4.87 1.60
C CYS A 40 -3.33 5.01 2.26
N GLU A 41 -3.63 4.09 3.13
CA GLU A 41 -4.88 4.07 3.82
C GLU A 41 -4.62 4.05 5.31
N ARG A 42 -5.36 4.83 6.05
CA ARG A 42 -5.20 4.86 7.48
C ARG A 42 -6.07 3.81 8.10
N ARG A 43 -5.45 2.82 8.67
CA ARG A 43 -6.14 1.72 9.29
C ARG A 43 -5.94 1.79 10.80
N GLY A 44 -7.04 1.98 11.53
CA GLY A 44 -6.97 2.03 12.98
C GLY A 44 -6.08 3.15 13.49
N GLY A 45 -6.30 4.36 12.98
CA GLY A 45 -5.50 5.50 13.37
C GLY A 45 -4.02 5.34 13.02
N ARG A 46 -3.73 4.45 12.09
CA ARG A 46 -2.35 4.22 11.68
C ARG A 46 -2.22 4.19 10.17
N PRO A 47 -1.41 5.10 9.63
CA PRO A 47 -1.19 5.18 8.18
C PRO A 47 -0.48 3.94 7.66
N THR A 48 -1.14 3.21 6.79
CA THR A 48 -0.60 1.98 6.27
C THR A 48 -0.67 1.97 4.74
N CYS A 49 0.19 1.20 4.12
CA CYS A 49 0.17 1.05 2.68
C CYS A 49 -0.68 -0.14 2.31
N VAL A 50 -1.75 0.11 1.60
CA VAL A 50 -2.64 -0.96 1.20
C VAL A 50 -2.66 -1.09 -0.32
N CYS A 51 -2.44 -2.29 -0.79
CA CYS A 51 -2.40 -2.54 -2.21
C CYS A 51 -3.76 -2.93 -2.74
N SER A 52 -3.99 -2.64 -4.00
CA SER A 52 -5.24 -2.97 -4.63
C SER A 52 -4.98 -3.66 -5.95
N ARG A 53 -5.93 -4.48 -6.39
CA ARG A 53 -5.82 -5.24 -7.63
C ARG A 53 -4.60 -6.16 -7.60
N CYS A 54 -4.52 -6.97 -6.58
CA CYS A 54 -3.40 -7.89 -6.42
C CYS A 54 -3.69 -9.21 -7.12
N GLY A 55 -2.92 -10.25 -6.79
CA GLY A 55 -3.14 -11.56 -7.37
C GLY A 55 -4.41 -12.21 -6.84
N ASN A 56 -5.55 -11.68 -7.27
CA ASN A 56 -6.84 -12.19 -6.86
C ASN A 56 -7.32 -13.26 -7.83
N GLY A 57 -8.21 -14.11 -7.38
CA GLY A 57 -8.71 -15.18 -8.21
C GLY A 57 -10.15 -15.52 -7.93
N GLY A 58 -10.62 -16.61 -8.52
CA GLY A 58 -11.98 -17.05 -8.30
C GLY A 58 -12.17 -17.68 -6.94
N GLY A 59 -12.70 -16.90 -6.02
CA GLY A 59 -12.92 -17.37 -4.68
C GLY A 59 -12.66 -16.29 -3.68
N GLU A 60 -13.73 -15.68 -3.20
CA GLU A 60 -13.63 -14.56 -2.27
C GLU A 60 -14.73 -14.63 -1.24
N TRP A 61 -14.35 -14.38 0.01
CA TRP A 61 -15.26 -14.40 1.14
C TRP A 61 -14.70 -13.50 2.24
N PRO A 62 -14.90 -12.19 2.12
CA PRO A 62 -14.40 -11.21 3.10
C PRO A 62 -15.23 -11.22 4.38
N ASN A 63 -16.53 -11.27 4.24
CA ASN A 63 -17.44 -11.24 5.37
C ASN A 63 -17.75 -12.64 5.88
N LEU A 64 -17.63 -13.62 4.97
CA LEU A 64 -17.94 -15.03 5.29
C LEU A 64 -19.45 -15.21 5.43
N PRO A 65 -20.14 -15.45 4.30
CA PRO A 65 -21.60 -15.58 4.28
C PRO A 65 -22.09 -16.93 4.80
N SER A 66 -21.17 -17.75 5.24
CA SER A 66 -21.50 -19.05 5.78
C SER A 66 -21.98 -18.91 7.22
N ARG A 67 -23.28 -18.99 7.41
CA ARG A 67 -23.87 -18.88 8.74
C ARG A 67 -24.09 -20.27 9.33
N GLY A 68 -23.70 -21.27 8.59
CA GLY A 68 -23.91 -22.63 8.98
C GLY A 68 -25.01 -23.25 8.16
N GLY A 1 10.06 -0.91 14.16
CA GLY A 1 10.68 0.20 14.91
C GLY A 1 12.09 0.43 14.46
N SER A 2 12.86 1.19 15.26
CA SER A 2 14.26 1.50 14.94
C SER A 2 14.36 2.20 13.58
N ALA A 3 13.48 3.17 13.38
CA ALA A 3 13.40 3.91 12.12
C ALA A 3 12.50 5.12 12.26
N LEU A 4 12.52 5.99 11.27
CA LEU A 4 11.67 7.18 11.28
C LEU A 4 10.23 6.81 10.95
N ASP A 5 10.04 5.68 10.29
CA ASP A 5 8.71 5.23 9.94
C ASP A 5 8.55 3.74 10.20
N PHE A 6 7.34 3.33 10.50
CA PHE A 6 7.03 1.93 10.68
C PHE A 6 6.28 1.41 9.46
N THR A 7 5.60 2.31 8.79
CA THR A 7 4.88 1.99 7.59
C THR A 7 5.34 2.86 6.43
N SER A 8 5.34 2.30 5.24
CA SER A 8 5.75 3.00 4.04
C SER A 8 4.94 4.30 3.84
N CYS A 9 3.72 4.30 4.37
CA CYS A 9 2.83 5.43 4.19
C CYS A 9 2.77 6.34 5.40
N ALA A 10 3.70 6.17 6.33
CA ALA A 10 3.76 7.02 7.52
C ALA A 10 4.00 8.48 7.11
N ARG A 11 4.72 8.65 6.00
CA ARG A 11 5.04 9.97 5.47
C ARG A 11 3.80 10.76 5.05
N MET A 12 2.64 10.09 5.01
CA MET A 12 1.39 10.77 4.68
C MET A 12 1.11 11.93 5.65
N ASN A 13 1.86 11.96 6.77
CA ASN A 13 1.68 12.98 7.79
C ASN A 13 2.82 13.98 7.73
N ASP A 14 3.47 14.07 6.58
CA ASP A 14 4.62 14.95 6.40
C ASP A 14 4.27 16.06 5.40
N GLY A 15 2.98 16.30 5.24
CA GLY A 15 2.53 17.31 4.31
C GLY A 15 2.29 16.74 2.92
N ALA A 16 2.01 17.62 1.96
CA ALA A 16 1.76 17.23 0.58
C ALA A 16 2.95 16.47 -0.02
N LEU A 17 4.16 16.89 0.37
CA LEU A 17 5.36 16.22 -0.10
C LEU A 17 5.39 14.80 0.45
N GLY A 18 5.09 14.68 1.73
CA GLY A 18 5.04 13.39 2.37
C GLY A 18 4.02 12.48 1.73
N ALA A 19 2.85 13.03 1.43
CA ALA A 19 1.79 12.27 0.77
C ALA A 19 2.28 11.72 -0.56
N LYS A 20 3.11 12.50 -1.22
CA LYS A 20 3.67 12.12 -2.50
C LYS A 20 4.65 10.98 -2.29
N VAL A 21 5.51 11.11 -1.29
CA VAL A 21 6.48 10.06 -0.96
C VAL A 21 5.77 8.78 -0.56
N ALA A 22 4.77 8.93 0.31
CA ALA A 22 4.01 7.81 0.79
C ALA A 22 3.34 7.05 -0.35
N GLN A 23 2.59 7.77 -1.18
CA GLN A 23 1.88 7.14 -2.28
C GLN A 23 2.85 6.48 -3.26
N ALA A 24 3.96 7.15 -3.54
CA ALA A 24 4.96 6.64 -4.47
C ALA A 24 5.59 5.37 -3.94
N ALA A 25 5.99 5.41 -2.69
CA ALA A 25 6.60 4.26 -2.05
C ALA A 25 5.61 3.11 -1.99
N CYS A 26 4.35 3.44 -1.79
CA CYS A 26 3.31 2.45 -1.67
C CYS A 26 3.05 1.76 -3.03
N ILE A 27 2.81 2.57 -4.07
CA ILE A 27 2.52 2.06 -5.39
C ILE A 27 3.62 1.10 -5.87
N SER A 28 4.86 1.55 -5.81
CA SER A 28 5.99 0.74 -6.24
C SER A 28 6.07 -0.57 -5.44
N SER A 29 5.94 -0.47 -4.12
CA SER A 29 6.00 -1.66 -3.25
C SER A 29 4.87 -2.64 -3.58
N CYS A 30 3.72 -2.09 -3.94
CA CYS A 30 2.58 -2.90 -4.28
C CYS A 30 2.85 -3.68 -5.57
N LYS A 31 3.29 -2.97 -6.59
CA LYS A 31 3.59 -3.58 -7.87
C LYS A 31 4.64 -4.67 -7.72
N PHE A 32 5.63 -4.40 -6.87
CA PHE A 32 6.71 -5.33 -6.60
C PHE A 32 6.18 -6.66 -6.03
N GLN A 33 5.14 -6.59 -5.21
CA GLN A 33 4.57 -7.79 -4.59
C GLN A 33 3.39 -8.33 -5.39
N ASN A 34 3.32 -7.92 -6.65
CA ASN A 34 2.27 -8.37 -7.59
C ASN A 34 0.91 -7.79 -7.20
N CYS A 35 0.89 -6.51 -6.99
CA CYS A 35 -0.32 -5.78 -6.73
C CYS A 35 -0.51 -4.72 -7.79
N GLY A 36 -1.70 -4.65 -8.35
CA GLY A 36 -1.99 -3.72 -9.42
C GLY A 36 -1.72 -2.27 -9.07
N THR A 37 -2.09 -1.88 -7.88
CA THR A 37 -1.89 -0.52 -7.44
C THR A 37 -1.80 -0.44 -5.93
N GLY A 38 -1.40 0.73 -5.45
CA GLY A 38 -1.27 0.94 -4.03
C GLY A 38 -1.64 2.35 -3.65
N HIS A 39 -2.18 2.51 -2.46
CA HIS A 39 -2.52 3.81 -1.96
C HIS A 39 -2.41 3.81 -0.46
N CYS A 40 -2.13 4.96 0.09
CA CYS A 40 -1.99 5.06 1.52
C CYS A 40 -3.33 5.26 2.16
N GLU A 41 -3.65 4.39 3.08
CA GLU A 41 -4.92 4.44 3.75
C GLU A 41 -4.70 4.30 5.24
N ARG A 42 -5.47 5.03 6.02
CA ARG A 42 -5.37 4.92 7.45
C ARG A 42 -6.30 3.86 7.93
N ARG A 43 -5.72 2.82 8.46
CA ARG A 43 -6.47 1.69 8.96
C ARG A 43 -6.45 1.70 10.46
N GLY A 44 -7.58 2.05 11.06
CA GLY A 44 -7.64 2.16 12.49
C GLY A 44 -6.66 3.19 13.01
N GLY A 45 -6.67 4.37 12.38
CA GLY A 45 -5.74 5.41 12.74
C GLY A 45 -4.33 5.18 12.23
N ARG A 46 -4.06 4.00 11.75
CA ARG A 46 -2.72 3.63 11.32
C ARG A 46 -2.51 3.82 9.83
N PRO A 47 -1.72 4.83 9.44
CA PRO A 47 -1.38 5.08 8.04
C PRO A 47 -0.62 3.89 7.46
N THR A 48 -1.28 3.13 6.63
CA THR A 48 -0.69 1.94 6.07
C THR A 48 -0.75 1.98 4.55
N CYS A 49 0.16 1.25 3.92
CA CYS A 49 0.18 1.12 2.49
C CYS A 49 -0.69 -0.05 2.10
N VAL A 50 -1.87 0.24 1.61
CA VAL A 50 -2.79 -0.79 1.23
C VAL A 50 -2.80 -0.97 -0.28
N CYS A 51 -2.55 -2.16 -0.71
CA CYS A 51 -2.49 -2.44 -2.13
C CYS A 51 -3.80 -2.97 -2.64
N SER A 52 -4.07 -2.71 -3.90
CA SER A 52 -5.27 -3.16 -4.53
C SER A 52 -4.93 -4.03 -5.73
N ARG A 53 -5.80 -4.97 -6.05
CA ARG A 53 -5.60 -5.89 -7.15
C ARG A 53 -4.33 -6.70 -6.96
N CYS A 54 -4.24 -7.35 -5.82
CA CYS A 54 -3.11 -8.19 -5.51
C CYS A 54 -3.40 -9.61 -5.93
N GLY A 55 -2.40 -10.45 -5.99
CA GLY A 55 -2.60 -11.84 -6.36
C GLY A 55 -1.96 -12.75 -5.36
N ASN A 56 -1.76 -12.23 -4.16
CA ASN A 56 -1.10 -12.96 -3.11
C ASN A 56 -1.47 -12.32 -1.77
N GLY A 57 -1.19 -13.02 -0.70
CA GLY A 57 -1.50 -12.50 0.61
C GLY A 57 -2.64 -13.25 1.24
N GLY A 58 -3.77 -13.26 0.56
CA GLY A 58 -4.90 -13.98 1.05
C GLY A 58 -6.17 -13.17 1.10
N GLY A 59 -6.04 -11.84 0.95
CA GLY A 59 -7.22 -10.98 0.98
C GLY A 59 -7.73 -10.73 2.38
N GLU A 60 -7.66 -11.76 3.22
CA GLU A 60 -8.16 -11.74 4.60
C GLU A 60 -7.57 -12.93 5.39
N TRP A 61 -7.13 -13.96 4.67
CA TRP A 61 -6.55 -15.15 5.28
C TRP A 61 -5.13 -14.87 5.77
N PRO A 62 -4.92 -15.05 7.08
CA PRO A 62 -3.63 -14.83 7.71
C PRO A 62 -2.63 -15.94 7.38
N ASN A 63 -1.81 -15.67 6.37
CA ASN A 63 -0.73 -16.58 5.95
C ASN A 63 -1.28 -17.78 5.16
N LEU A 64 -2.59 -17.77 4.93
CA LEU A 64 -3.28 -18.82 4.15
C LEU A 64 -3.33 -20.16 4.87
N PRO A 65 -4.33 -20.35 5.73
CA PRO A 65 -4.56 -21.63 6.40
C PRO A 65 -5.10 -22.67 5.42
N SER A 66 -5.18 -23.90 5.84
CA SER A 66 -5.61 -24.97 4.96
C SER A 66 -7.14 -25.06 4.96
N ARG A 67 -7.70 -25.68 3.93
CA ARG A 67 -9.14 -25.84 3.84
C ARG A 67 -9.56 -27.05 4.69
N GLY A 68 -8.61 -27.92 4.95
CA GLY A 68 -8.87 -29.08 5.74
C GLY A 68 -7.60 -29.80 6.09
N GLY A 1 11.27 -1.27 17.18
CA GLY A 1 12.22 -1.45 16.07
C GLY A 1 13.08 -0.22 15.86
N SER A 2 14.22 -0.40 15.21
CA SER A 2 15.16 0.69 14.96
C SER A 2 14.75 1.51 13.73
N ALA A 3 13.50 1.94 13.70
CA ALA A 3 13.00 2.69 12.57
C ALA A 3 12.07 3.79 13.04
N LEU A 4 12.07 4.90 12.30
CA LEU A 4 11.20 6.03 12.62
C LEU A 4 9.78 5.74 12.17
N ASP A 5 9.65 4.87 11.19
CA ASP A 5 8.36 4.47 10.68
C ASP A 5 8.37 3.00 10.34
N PHE A 6 7.24 2.34 10.53
CA PHE A 6 7.14 0.92 10.24
C PHE A 6 6.31 0.71 8.98
N THR A 7 5.61 1.75 8.59
CA THR A 7 4.75 1.71 7.44
C THR A 7 5.25 2.65 6.35
N SER A 8 5.08 2.23 5.11
CA SER A 8 5.56 2.96 3.97
C SER A 8 4.73 4.22 3.75
N CYS A 9 3.56 4.27 4.34
CA CYS A 9 2.68 5.40 4.15
C CYS A 9 2.64 6.33 5.36
N ALA A 10 3.59 6.17 6.26
CA ALA A 10 3.66 7.05 7.44
C ALA A 10 3.90 8.50 7.02
N ARG A 11 4.61 8.67 5.93
CA ARG A 11 4.93 9.99 5.42
C ARG A 11 3.68 10.73 4.93
N MET A 12 2.53 10.02 4.84
CA MET A 12 1.26 10.65 4.43
C MET A 12 0.92 11.85 5.32
N ASN A 13 1.54 11.93 6.51
CA ASN A 13 1.26 13.04 7.42
C ASN A 13 2.50 13.89 7.63
N ASP A 14 3.39 13.85 6.64
CA ASP A 14 4.64 14.60 6.67
C ASP A 14 4.51 15.85 5.79
N GLY A 15 3.28 16.20 5.47
CA GLY A 15 3.03 17.32 4.59
C GLY A 15 2.64 16.85 3.21
N ALA A 16 2.26 17.78 2.34
CA ALA A 16 1.88 17.45 0.97
C ALA A 16 2.98 16.67 0.26
N LEU A 17 4.23 17.03 0.52
CA LEU A 17 5.36 16.33 -0.08
C LEU A 17 5.38 14.89 0.42
N GLY A 18 5.14 14.75 1.73
CA GLY A 18 5.10 13.44 2.35
C GLY A 18 4.06 12.55 1.73
N ALA A 19 2.87 13.11 1.50
CA ALA A 19 1.78 12.36 0.87
C ALA A 19 2.19 11.82 -0.49
N LYS A 20 2.93 12.63 -1.24
CA LYS A 20 3.42 12.20 -2.55
C LYS A 20 4.44 11.08 -2.40
N VAL A 21 5.31 11.21 -1.42
CA VAL A 21 6.30 10.17 -1.13
C VAL A 21 5.59 8.89 -0.73
N ALA A 22 4.60 9.03 0.14
CA ALA A 22 3.82 7.92 0.65
C ALA A 22 3.18 7.11 -0.47
N GLN A 23 2.42 7.79 -1.33
CA GLN A 23 1.72 7.13 -2.41
C GLN A 23 2.71 6.45 -3.35
N ALA A 24 3.82 7.12 -3.65
CA ALA A 24 4.83 6.58 -4.55
C ALA A 24 5.47 5.33 -3.96
N ALA A 25 5.86 5.44 -2.70
CA ALA A 25 6.47 4.32 -1.99
C ALA A 25 5.49 3.16 -1.90
N CYS A 26 4.23 3.48 -1.75
CA CYS A 26 3.19 2.46 -1.64
C CYS A 26 2.97 1.77 -2.98
N ILE A 27 2.76 2.57 -4.04
CA ILE A 27 2.52 2.03 -5.38
C ILE A 27 3.66 1.10 -5.80
N SER A 28 4.89 1.58 -5.69
CA SER A 28 6.06 0.79 -6.06
C SER A 28 6.13 -0.50 -5.25
N SER A 29 5.97 -0.39 -3.94
CA SER A 29 6.00 -1.53 -3.04
C SER A 29 4.92 -2.54 -3.43
N CYS A 30 3.75 -2.03 -3.79
CA CYS A 30 2.65 -2.87 -4.17
C CYS A 30 2.97 -3.62 -5.45
N LYS A 31 3.47 -2.91 -6.44
CA LYS A 31 3.83 -3.52 -7.71
C LYS A 31 4.87 -4.62 -7.51
N PHE A 32 5.84 -4.38 -6.65
CA PHE A 32 6.86 -5.37 -6.33
C PHE A 32 6.26 -6.64 -5.71
N GLN A 33 5.20 -6.49 -4.94
CA GLN A 33 4.56 -7.64 -4.28
C GLN A 33 3.40 -8.19 -5.11
N ASN A 34 3.46 -7.93 -6.42
CA ASN A 34 2.50 -8.48 -7.40
C ASN A 34 1.13 -7.83 -7.27
N CYS A 35 1.11 -6.58 -6.86
CA CYS A 35 -0.12 -5.83 -6.76
C CYS A 35 -0.21 -4.81 -7.87
N GLY A 36 -1.36 -4.75 -8.50
CA GLY A 36 -1.57 -3.84 -9.61
C GLY A 36 -1.43 -2.37 -9.23
N THR A 37 -1.87 -2.04 -8.03
CA THR A 37 -1.82 -0.68 -7.58
C THR A 37 -1.71 -0.60 -6.06
N GLY A 38 -1.32 0.56 -5.57
CA GLY A 38 -1.14 0.76 -4.17
C GLY A 38 -1.57 2.14 -3.76
N HIS A 39 -2.13 2.26 -2.58
CA HIS A 39 -2.53 3.55 -2.06
C HIS A 39 -2.46 3.56 -0.55
N CYS A 40 -2.28 4.71 0.01
CA CYS A 40 -2.16 4.84 1.44
C CYS A 40 -3.53 4.98 2.07
N GLU A 41 -3.81 4.14 3.04
CA GLU A 41 -5.07 4.16 3.71
C GLU A 41 -4.83 4.10 5.21
N ARG A 42 -5.60 4.85 5.97
CA ARG A 42 -5.46 4.87 7.40
C ARG A 42 -6.31 3.82 8.05
N ARG A 43 -5.67 2.85 8.65
CA ARG A 43 -6.35 1.78 9.32
C ARG A 43 -6.20 1.95 10.82
N GLY A 44 -7.28 2.38 11.47
CA GLY A 44 -7.26 2.60 12.91
C GLY A 44 -6.20 3.59 13.33
N GLY A 45 -6.22 4.77 12.71
CA GLY A 45 -5.25 5.80 13.02
C GLY A 45 -3.88 5.54 12.43
N ARG A 46 -3.68 4.33 11.95
CA ARG A 46 -2.41 3.93 11.41
C ARG A 46 -2.36 4.05 9.90
N PRO A 47 -1.56 4.98 9.40
CA PRO A 47 -1.37 5.15 7.95
C PRO A 47 -0.65 3.96 7.36
N THR A 48 -1.35 3.15 6.61
CA THR A 48 -0.76 1.94 6.08
C THR A 48 -0.81 1.94 4.55
N CYS A 49 0.10 1.21 3.94
CA CYS A 49 0.10 1.06 2.50
C CYS A 49 -0.72 -0.15 2.13
N VAL A 50 -1.92 0.09 1.64
CA VAL A 50 -2.81 -0.97 1.26
C VAL A 50 -2.85 -1.11 -0.25
N CYS A 51 -2.56 -2.29 -0.71
CA CYS A 51 -2.51 -2.54 -2.14
C CYS A 51 -3.82 -3.10 -2.66
N SER A 52 -4.03 -2.94 -3.94
CA SER A 52 -5.21 -3.44 -4.58
C SER A 52 -4.82 -4.08 -5.90
N ARG A 53 -5.70 -4.93 -6.45
CA ARG A 53 -5.41 -5.63 -7.70
C ARG A 53 -4.22 -6.56 -7.52
N CYS A 54 -4.16 -7.21 -6.36
CA CYS A 54 -3.08 -8.12 -6.04
C CYS A 54 -3.43 -9.53 -6.51
N GLY A 55 -2.63 -10.51 -6.12
CA GLY A 55 -2.91 -11.88 -6.49
C GLY A 55 -4.01 -12.48 -5.62
N ASN A 56 -5.12 -11.75 -5.51
CA ASN A 56 -6.24 -12.16 -4.69
C ASN A 56 -7.46 -12.43 -5.56
N GLY A 57 -7.33 -12.15 -6.85
CA GLY A 57 -8.42 -12.37 -7.77
C GLY A 57 -9.34 -11.18 -7.88
N GLY A 58 -10.03 -10.87 -6.81
CA GLY A 58 -10.94 -9.77 -6.82
C GLY A 58 -12.06 -9.93 -5.82
N GLY A 59 -13.05 -9.05 -5.90
CA GLY A 59 -14.17 -9.12 -4.98
C GLY A 59 -13.75 -8.73 -3.58
N GLU A 60 -13.46 -7.46 -3.38
CA GLU A 60 -12.97 -6.97 -2.11
C GLU A 60 -13.55 -5.59 -1.81
N TRP A 61 -13.80 -5.34 -0.54
CA TRP A 61 -14.28 -4.05 -0.10
C TRP A 61 -13.37 -3.51 0.97
N PRO A 62 -12.57 -2.50 0.65
CA PRO A 62 -11.64 -1.90 1.60
C PRO A 62 -12.38 -1.23 2.75
N ASN A 63 -13.52 -0.65 2.44
CA ASN A 63 -14.34 0.02 3.43
C ASN A 63 -15.37 -0.93 4.04
N LEU A 64 -15.65 -2.05 3.32
CA LEU A 64 -16.67 -3.02 3.75
C LEU A 64 -18.03 -2.35 3.98
N PRO A 65 -18.83 -2.22 2.92
CA PRO A 65 -20.14 -1.57 3.01
C PRO A 65 -21.19 -2.46 3.68
N SER A 66 -21.02 -2.70 4.97
CA SER A 66 -21.98 -3.48 5.73
C SER A 66 -23.26 -2.69 5.95
N ARG A 67 -23.10 -1.42 6.13
CA ARG A 67 -24.23 -0.53 6.30
C ARG A 67 -24.63 0.07 4.97
N GLY A 68 -25.91 0.05 4.68
CA GLY A 68 -26.39 0.57 3.42
C GLY A 68 -26.22 -0.44 2.31
N GLY A 1 12.49 -0.16 16.76
CA GLY A 1 13.87 0.12 16.30
C GLY A 1 14.09 1.58 16.02
N SER A 2 15.28 1.92 15.57
CA SER A 2 15.61 3.31 15.26
C SER A 2 15.05 3.69 13.90
N ALA A 3 13.75 3.88 13.83
CA ALA A 3 13.10 4.23 12.59
C ALA A 3 11.85 5.05 12.84
N LEU A 4 11.66 6.03 11.99
CA LEU A 4 10.48 6.89 12.04
C LEU A 4 9.34 6.23 11.32
N ASP A 5 9.70 5.54 10.27
CA ASP A 5 8.76 4.86 9.44
C ASP A 5 8.52 3.45 9.92
N PHE A 6 7.31 3.15 10.30
CA PHE A 6 6.95 1.78 10.65
C PHE A 6 6.26 1.17 9.45
N THR A 7 5.65 2.06 8.68
CA THR A 7 5.03 1.73 7.44
C THR A 7 5.63 2.58 6.34
N SER A 8 5.36 2.26 5.10
CA SER A 8 5.88 3.05 3.99
C SER A 8 5.06 4.33 3.79
N CYS A 9 3.86 4.35 4.35
CA CYS A 9 2.95 5.47 4.18
C CYS A 9 2.90 6.38 5.39
N ALA A 10 3.84 6.25 6.29
CA ALA A 10 3.89 7.12 7.47
C ALA A 10 4.04 8.59 7.07
N ARG A 11 4.73 8.80 5.95
CA ARG A 11 4.97 10.13 5.42
C ARG A 11 3.67 10.80 4.98
N MET A 12 2.56 10.04 4.91
CA MET A 12 1.27 10.62 4.52
C MET A 12 0.89 11.81 5.38
N ASN A 13 1.50 11.93 6.57
CA ASN A 13 1.18 13.05 7.45
C ASN A 13 2.38 13.98 7.59
N ASP A 14 3.23 13.99 6.56
CA ASP A 14 4.41 14.85 6.53
C ASP A 14 4.13 16.02 5.60
N GLY A 15 2.87 16.30 5.38
CA GLY A 15 2.48 17.34 4.45
C GLY A 15 2.11 16.77 3.10
N ALA A 16 1.64 17.63 2.20
CA ALA A 16 1.23 17.22 0.86
C ALA A 16 2.35 16.48 0.11
N LEU A 17 3.59 16.92 0.33
CA LEU A 17 4.74 16.29 -0.31
C LEU A 17 4.91 14.89 0.25
N GLY A 18 4.79 14.78 1.57
CA GLY A 18 4.89 13.50 2.24
C GLY A 18 3.88 12.50 1.71
N ALA A 19 2.67 13.00 1.42
CA ALA A 19 1.60 12.18 0.88
C ALA A 19 2.02 11.48 -0.40
N LYS A 20 2.68 12.24 -1.26
CA LYS A 20 3.15 11.72 -2.52
C LYS A 20 4.28 10.75 -2.35
N VAL A 21 5.19 11.05 -1.43
CA VAL A 21 6.27 10.14 -1.12
C VAL A 21 5.70 8.82 -0.63
N ALA A 22 4.72 8.93 0.25
CA ALA A 22 4.02 7.77 0.79
C ALA A 22 3.40 6.94 -0.31
N GLN A 23 2.60 7.59 -1.15
CA GLN A 23 1.90 6.89 -2.23
C GLN A 23 2.89 6.26 -3.21
N ALA A 24 3.97 6.98 -3.52
CA ALA A 24 4.99 6.48 -4.44
C ALA A 24 5.64 5.22 -3.89
N ALA A 25 6.05 5.29 -2.63
CA ALA A 25 6.67 4.16 -1.97
C ALA A 25 5.70 2.99 -1.87
N CYS A 26 4.43 3.32 -1.69
CA CYS A 26 3.39 2.32 -1.55
C CYS A 26 3.12 1.61 -2.87
N ILE A 27 2.84 2.40 -3.91
CA ILE A 27 2.52 1.85 -5.23
C ILE A 27 3.64 0.94 -5.71
N SER A 28 4.87 1.44 -5.64
CA SER A 28 6.02 0.67 -6.09
C SER A 28 6.15 -0.65 -5.32
N SER A 29 6.04 -0.58 -4.00
CA SER A 29 6.14 -1.77 -3.15
C SER A 29 5.03 -2.77 -3.46
N CYS A 30 3.85 -2.25 -3.77
CA CYS A 30 2.72 -3.09 -4.11
C CYS A 30 2.97 -3.84 -5.40
N LYS A 31 3.43 -3.13 -6.40
CA LYS A 31 3.76 -3.74 -7.69
C LYS A 31 4.76 -4.88 -7.53
N PHE A 32 5.75 -4.69 -6.64
CA PHE A 32 6.75 -5.70 -6.37
C PHE A 32 6.15 -6.99 -5.79
N GLN A 33 5.08 -6.87 -5.02
CA GLN A 33 4.46 -8.03 -4.39
C GLN A 33 3.25 -8.53 -5.18
N ASN A 34 3.26 -8.21 -6.49
CA ASN A 34 2.23 -8.67 -7.43
C ASN A 34 0.90 -7.95 -7.21
N CYS A 35 0.98 -6.66 -6.97
CA CYS A 35 -0.21 -5.86 -6.84
C CYS A 35 -0.25 -4.81 -7.93
N GLY A 36 -1.42 -4.66 -8.52
CA GLY A 36 -1.60 -3.70 -9.60
C GLY A 36 -1.26 -2.29 -9.20
N THR A 37 -1.64 -1.91 -8.01
CA THR A 37 -1.35 -0.60 -7.52
C THR A 37 -1.37 -0.59 -6.00
N GLY A 38 -1.14 0.58 -5.44
CA GLY A 38 -1.11 0.73 -4.01
C GLY A 38 -1.56 2.10 -3.60
N HIS A 39 -2.13 2.19 -2.43
CA HIS A 39 -2.57 3.46 -1.93
C HIS A 39 -2.43 3.50 -0.43
N CYS A 40 -2.14 4.64 0.09
CA CYS A 40 -1.97 4.78 1.50
C CYS A 40 -3.31 4.95 2.15
N GLU A 41 -3.59 4.12 3.11
CA GLU A 41 -4.85 4.15 3.78
C GLU A 41 -4.62 4.15 5.28
N ARG A 42 -5.38 4.94 5.99
CA ARG A 42 -5.28 4.99 7.41
C ARG A 42 -6.22 4.00 8.04
N ARG A 43 -5.65 3.00 8.66
CA ARG A 43 -6.42 1.96 9.30
C ARG A 43 -6.38 2.14 10.81
N GLY A 44 -7.48 2.65 11.36
CA GLY A 44 -7.54 2.89 12.79
C GLY A 44 -6.45 3.83 13.26
N GLY A 45 -6.33 4.97 12.59
CA GLY A 45 -5.29 5.94 12.93
C GLY A 45 -3.92 5.59 12.39
N ARG A 46 -3.75 4.35 11.98
CA ARG A 46 -2.47 3.88 11.50
C ARG A 46 -2.31 4.08 10.00
N PRO A 47 -1.41 4.97 9.59
CA PRO A 47 -1.11 5.19 8.18
C PRO A 47 -0.41 3.97 7.60
N THR A 48 -1.09 3.25 6.74
CA THR A 48 -0.55 2.02 6.22
C THR A 48 -0.62 1.99 4.69
N CYS A 49 0.25 1.21 4.09
CA CYS A 49 0.24 1.03 2.66
C CYS A 49 -0.59 -0.18 2.32
N VAL A 50 -1.74 0.06 1.72
CA VAL A 50 -2.62 -1.02 1.35
C VAL A 50 -2.69 -1.13 -0.17
N CYS A 51 -2.42 -2.30 -0.67
CA CYS A 51 -2.35 -2.51 -2.09
C CYS A 51 -3.70 -2.85 -2.67
N SER A 52 -3.90 -2.48 -3.92
CA SER A 52 -5.14 -2.72 -4.61
C SER A 52 -4.86 -3.47 -5.90
N ARG A 53 -5.83 -4.26 -6.37
CA ARG A 53 -5.72 -5.02 -7.60
C ARG A 53 -4.56 -6.02 -7.50
N CYS A 54 -4.54 -6.76 -6.42
CA CYS A 54 -3.48 -7.73 -6.17
C CYS A 54 -3.85 -9.09 -6.74
N GLY A 55 -2.83 -9.90 -7.04
CA GLY A 55 -3.07 -11.23 -7.56
C GLY A 55 -2.76 -12.26 -6.50
N ASN A 56 -2.92 -11.84 -5.26
CA ASN A 56 -2.62 -12.66 -4.11
C ASN A 56 -3.91 -13.26 -3.57
N GLY A 57 -4.40 -14.29 -4.24
CA GLY A 57 -5.65 -14.90 -3.83
C GLY A 57 -5.46 -15.90 -2.73
N GLY A 58 -6.12 -15.65 -1.61
CA GLY A 58 -6.06 -16.56 -0.50
C GLY A 58 -5.20 -16.03 0.62
N GLY A 59 -3.91 -15.94 0.38
CA GLY A 59 -3.00 -15.46 1.39
C GLY A 59 -2.28 -14.21 0.96
N GLU A 60 -2.20 -13.22 1.85
CA GLU A 60 -1.51 -11.98 1.56
C GLU A 60 -1.10 -11.30 2.84
N TRP A 61 0.05 -10.68 2.80
CA TRP A 61 0.61 -9.95 3.93
C TRP A 61 1.60 -8.88 3.46
N PRO A 62 1.10 -7.66 3.19
CA PRO A 62 1.93 -6.54 2.70
C PRO A 62 2.73 -5.84 3.82
N ASN A 63 2.11 -5.67 4.98
CA ASN A 63 2.75 -4.99 6.11
C ASN A 63 3.67 -5.92 6.87
N LEU A 64 3.49 -7.23 6.64
CA LEU A 64 4.29 -8.26 7.28
C LEU A 64 4.05 -8.31 8.79
N PRO A 65 3.12 -9.17 9.23
CA PRO A 65 2.77 -9.30 10.65
C PRO A 65 3.92 -9.88 11.46
N SER A 66 4.83 -10.50 10.75
CA SER A 66 5.99 -11.13 11.34
C SER A 66 7.05 -11.33 10.28
N ARG A 67 8.31 -11.30 10.69
CA ARG A 67 9.41 -11.46 9.76
C ARG A 67 10.07 -12.82 9.93
N GLY A 68 10.55 -13.38 8.85
CA GLY A 68 11.22 -14.66 8.91
C GLY A 68 12.25 -14.78 7.82
N GLY A 1 7.60 0.91 17.89
CA GLY A 1 9.05 0.63 17.82
C GLY A 1 9.88 1.87 18.04
N SER A 2 11.00 1.97 17.32
CA SER A 2 11.90 3.11 17.45
C SER A 2 12.16 3.72 16.07
N ALA A 3 11.14 3.74 15.25
CA ALA A 3 11.24 4.28 13.92
C ALA A 3 10.03 5.15 13.63
N LEU A 4 10.23 6.24 12.92
CA LEU A 4 9.12 7.12 12.58
C LEU A 4 8.33 6.53 11.43
N ASP A 5 9.04 6.11 10.41
CA ASP A 5 8.42 5.49 9.28
C ASP A 5 8.38 4.00 9.47
N PHE A 6 7.26 3.52 9.96
CA PHE A 6 7.09 2.10 10.19
C PHE A 6 6.39 1.50 8.99
N THR A 7 5.77 2.37 8.21
CA THR A 7 5.08 2.00 7.02
C THR A 7 5.62 2.80 5.85
N SER A 8 5.39 2.30 4.65
CA SER A 8 5.80 3.00 3.45
C SER A 8 4.98 4.28 3.29
N CYS A 9 3.83 4.32 3.95
CA CYS A 9 2.93 5.46 3.84
C CYS A 9 2.96 6.36 5.08
N ALA A 10 3.91 6.13 5.97
CA ALA A 10 4.03 6.97 7.17
C ALA A 10 4.25 8.44 6.79
N ARG A 11 4.95 8.65 5.69
CA ARG A 11 5.24 9.99 5.20
C ARG A 11 3.96 10.75 4.81
N MET A 12 2.81 10.05 4.76
CA MET A 12 1.54 10.71 4.43
C MET A 12 1.25 11.88 5.38
N ASN A 13 1.92 11.91 6.54
CA ASN A 13 1.70 12.99 7.50
C ASN A 13 2.95 13.85 7.64
N ASP A 14 3.75 13.86 6.58
CA ASP A 14 4.99 14.65 6.54
C ASP A 14 4.74 15.92 5.73
N GLY A 15 3.48 16.31 5.65
CA GLY A 15 3.11 17.44 4.85
C GLY A 15 2.50 16.98 3.55
N ALA A 16 1.95 17.91 2.78
CA ALA A 16 1.36 17.61 1.47
C ALA A 16 2.32 16.82 0.58
N LEU A 17 3.60 17.15 0.63
CA LEU A 17 4.59 16.48 -0.19
C LEU A 17 4.74 15.03 0.26
N GLY A 18 4.62 14.81 1.57
CA GLY A 18 4.71 13.48 2.14
C GLY A 18 3.70 12.54 1.54
N ALA A 19 2.49 13.04 1.30
CA ALA A 19 1.42 12.26 0.70
C ALA A 19 1.84 11.66 -0.65
N LYS A 20 2.56 12.46 -1.44
CA LYS A 20 3.02 12.01 -2.75
C LYS A 20 4.13 10.97 -2.60
N VAL A 21 5.03 11.19 -1.65
CA VAL A 21 6.10 10.23 -1.39
C VAL A 21 5.50 8.93 -0.91
N ALA A 22 4.54 9.05 0.00
CA ALA A 22 3.85 7.91 0.57
C ALA A 22 3.19 7.08 -0.51
N GLN A 23 2.39 7.71 -1.36
CA GLN A 23 1.66 6.99 -2.39
C GLN A 23 2.62 6.32 -3.36
N ALA A 24 3.70 7.00 -3.69
CA ALA A 24 4.70 6.47 -4.61
C ALA A 24 5.36 5.24 -4.00
N ALA A 25 5.78 5.37 -2.75
CA ALA A 25 6.41 4.28 -2.02
C ALA A 25 5.42 3.14 -1.85
N CYS A 26 4.15 3.47 -1.71
CA CYS A 26 3.11 2.48 -1.56
C CYS A 26 2.94 1.70 -2.84
N ILE A 27 2.84 2.41 -3.96
CA ILE A 27 2.66 1.78 -5.26
C ILE A 27 3.79 0.79 -5.54
N SER A 28 5.03 1.22 -5.33
CA SER A 28 6.18 0.34 -5.55
C SER A 28 6.10 -0.89 -4.64
N SER A 29 5.81 -0.66 -3.36
CA SER A 29 5.70 -1.75 -2.39
C SER A 29 4.62 -2.75 -2.80
N CYS A 30 3.56 -2.23 -3.38
CA CYS A 30 2.47 -3.05 -3.84
C CYS A 30 2.90 -3.88 -5.03
N LYS A 31 3.51 -3.22 -5.99
CA LYS A 31 3.97 -3.88 -7.20
C LYS A 31 5.01 -4.96 -6.88
N PHE A 32 5.87 -4.70 -5.88
CA PHE A 32 6.83 -5.69 -5.43
C PHE A 32 6.15 -6.98 -4.95
N GLN A 33 5.00 -6.84 -4.28
CA GLN A 33 4.29 -7.99 -3.73
C GLN A 33 3.23 -8.50 -4.70
N ASN A 34 3.37 -8.11 -5.97
CA ASN A 34 2.48 -8.55 -7.05
C ASN A 34 1.08 -7.95 -6.88
N CYS A 35 1.05 -6.65 -6.67
CA CYS A 35 -0.18 -5.92 -6.59
C CYS A 35 -0.18 -4.80 -7.61
N GLY A 36 -1.25 -4.73 -8.37
CA GLY A 36 -1.35 -3.80 -9.48
C GLY A 36 -1.27 -2.35 -9.08
N THR A 37 -1.71 -2.03 -7.89
CA THR A 37 -1.66 -0.67 -7.45
C THR A 37 -1.63 -0.58 -5.93
N GLY A 38 -1.32 0.60 -5.45
CA GLY A 38 -1.23 0.84 -4.05
C GLY A 38 -1.65 2.23 -3.70
N HIS A 39 -2.22 2.40 -2.52
CA HIS A 39 -2.60 3.71 -2.04
C HIS A 39 -2.51 3.74 -0.53
N CYS A 40 -2.22 4.89 0.00
CA CYS A 40 -2.06 5.02 1.41
C CYS A 40 -3.40 5.24 2.08
N GLU A 41 -3.70 4.40 3.04
CA GLU A 41 -4.94 4.50 3.75
C GLU A 41 -4.70 4.27 5.23
N ARG A 42 -5.44 4.97 6.05
CA ARG A 42 -5.28 4.83 7.47
C ARG A 42 -6.21 3.79 8.03
N ARG A 43 -5.65 2.85 8.73
CA ARG A 43 -6.41 1.79 9.33
C ARG A 43 -6.24 1.85 10.84
N GLY A 44 -7.30 2.19 11.53
CA GLY A 44 -7.23 2.37 12.97
C GLY A 44 -6.21 3.44 13.36
N GLY A 45 -6.23 4.57 12.64
CA GLY A 45 -5.28 5.63 12.90
C GLY A 45 -3.90 5.37 12.35
N ARG A 46 -3.67 4.16 11.86
CA ARG A 46 -2.37 3.76 11.34
C ARG A 46 -2.26 4.01 9.85
N PRO A 47 -1.40 4.94 9.43
CA PRO A 47 -1.15 5.20 8.03
C PRO A 47 -0.42 4.03 7.37
N THR A 48 -1.16 3.21 6.68
CA THR A 48 -0.62 2.01 6.11
C THR A 48 -0.78 2.01 4.57
N CYS A 49 0.05 1.25 3.91
CA CYS A 49 -0.02 1.13 2.47
C CYS A 49 -0.91 -0.04 2.12
N VAL A 50 -2.09 0.25 1.62
CA VAL A 50 -3.02 -0.79 1.27
C VAL A 50 -3.07 -0.96 -0.25
N CYS A 51 -2.80 -2.16 -0.69
CA CYS A 51 -2.72 -2.44 -2.10
C CYS A 51 -4.02 -2.95 -2.67
N SER A 52 -4.15 -2.82 -3.96
CA SER A 52 -5.28 -3.32 -4.68
C SER A 52 -4.78 -3.96 -5.95
N ARG A 53 -5.63 -4.78 -6.57
CA ARG A 53 -5.26 -5.49 -7.80
C ARG A 53 -4.13 -6.48 -7.53
N CYS A 54 -4.22 -7.19 -6.44
CA CYS A 54 -3.20 -8.17 -6.10
C CYS A 54 -3.50 -9.46 -6.83
N GLY A 55 -2.47 -10.07 -7.40
CA GLY A 55 -2.69 -11.21 -8.26
C GLY A 55 -3.29 -10.74 -9.58
N ASN A 56 -2.96 -9.50 -9.90
CA ASN A 56 -3.52 -8.80 -11.06
C ASN A 56 -2.58 -7.70 -11.50
N GLY A 57 -2.87 -7.13 -12.66
CA GLY A 57 -2.08 -6.01 -13.14
C GLY A 57 -2.63 -4.69 -12.64
N GLY A 58 -2.04 -3.60 -13.09
CA GLY A 58 -2.47 -2.30 -12.67
C GLY A 58 -1.98 -1.24 -13.60
N GLY A 59 -1.23 -0.27 -13.07
CA GLY A 59 -0.65 0.76 -13.92
C GLY A 59 0.21 0.16 -15.02
N GLU A 60 1.02 -0.81 -14.62
CA GLU A 60 1.86 -1.53 -15.55
C GLU A 60 2.34 -2.82 -14.92
N TRP A 61 2.86 -3.70 -15.76
CA TRP A 61 3.43 -4.94 -15.29
C TRP A 61 4.82 -4.69 -14.74
N PRO A 62 5.08 -5.11 -13.49
CA PRO A 62 6.38 -4.95 -12.85
C PRO A 62 7.49 -5.69 -13.59
N ASN A 63 8.07 -5.00 -14.58
CA ASN A 63 9.16 -5.54 -15.41
C ASN A 63 8.62 -6.65 -16.34
N LEU A 64 7.31 -6.87 -16.31
CA LEU A 64 6.67 -7.93 -17.09
C LEU A 64 7.13 -9.31 -16.62
N PRO A 65 6.36 -9.91 -15.70
CA PRO A 65 6.69 -11.23 -15.15
C PRO A 65 6.40 -12.36 -16.14
N SER A 66 6.52 -13.59 -15.67
CA SER A 66 6.27 -14.75 -16.50
C SER A 66 4.78 -15.03 -16.61
N ARG A 67 4.31 -15.20 -17.82
CA ARG A 67 2.89 -15.48 -18.06
C ARG A 67 2.67 -16.97 -18.08
N GLY A 68 3.72 -17.70 -18.38
CA GLY A 68 3.64 -19.12 -18.45
C GLY A 68 4.95 -19.70 -18.89
N GLY A 1 9.59 0.15 15.76
CA GLY A 1 10.74 0.73 16.48
C GLY A 1 11.96 0.80 15.61
N SER A 2 13.12 1.10 16.22
CA SER A 2 14.43 1.19 15.52
C SER A 2 14.36 2.06 14.25
N ALA A 3 13.44 3.00 14.24
CA ALA A 3 13.25 3.87 13.10
C ALA A 3 12.36 5.05 13.46
N LEU A 4 12.40 6.07 12.63
CA LEU A 4 11.59 7.27 12.84
C LEU A 4 10.14 7.00 12.50
N ASP A 5 9.91 6.04 11.61
CA ASP A 5 8.57 5.69 11.19
C ASP A 5 8.46 4.19 11.00
N PHE A 6 7.27 3.65 11.19
CA PHE A 6 7.05 2.20 11.09
C PHE A 6 6.46 1.80 9.74
N THR A 7 5.83 2.73 9.05
CA THR A 7 5.20 2.43 7.77
C THR A 7 5.71 3.34 6.67
N SER A 8 5.81 2.80 5.47
CA SER A 8 6.24 3.54 4.31
C SER A 8 5.22 4.62 3.94
N CYS A 9 3.98 4.43 4.37
CA CYS A 9 2.94 5.40 4.09
C CYS A 9 2.77 6.38 5.22
N ALA A 10 3.65 6.31 6.21
CA ALA A 10 3.61 7.24 7.32
C ALA A 10 3.85 8.66 6.82
N ARG A 11 4.47 8.78 5.64
CA ARG A 11 4.74 10.08 5.04
C ARG A 11 3.46 10.83 4.73
N MET A 12 2.33 10.12 4.71
CA MET A 12 1.03 10.74 4.41
C MET A 12 0.73 11.90 5.38
N ASN A 13 1.43 11.92 6.52
CA ASN A 13 1.21 12.97 7.50
C ASN A 13 2.49 13.78 7.68
N ASP A 14 3.33 13.75 6.66
CA ASP A 14 4.60 14.47 6.67
C ASP A 14 4.44 15.75 5.87
N GLY A 15 3.20 16.11 5.61
CA GLY A 15 2.92 17.24 4.77
C GLY A 15 2.42 16.80 3.41
N ALA A 16 1.94 17.73 2.61
CA ALA A 16 1.46 17.44 1.27
C ALA A 16 2.52 16.73 0.42
N LEU A 17 3.79 17.08 0.64
CA LEU A 17 4.89 16.45 -0.08
C LEU A 17 4.99 14.99 0.34
N GLY A 18 4.82 14.76 1.64
CA GLY A 18 4.88 13.43 2.20
C GLY A 18 3.86 12.51 1.57
N ALA A 19 2.66 13.03 1.32
CA ALA A 19 1.59 12.26 0.69
C ALA A 19 2.05 11.63 -0.62
N LYS A 20 2.76 12.42 -1.42
CA LYS A 20 3.27 11.94 -2.70
C LYS A 20 4.36 10.90 -2.50
N VAL A 21 5.23 11.11 -1.52
CA VAL A 21 6.27 10.15 -1.20
C VAL A 21 5.64 8.82 -0.76
N ALA A 22 4.69 8.92 0.16
CA ALA A 22 3.99 7.77 0.69
C ALA A 22 3.35 6.94 -0.41
N GLN A 23 2.56 7.60 -1.26
CA GLN A 23 1.85 6.90 -2.31
C GLN A 23 2.82 6.24 -3.28
N ALA A 24 3.91 6.93 -3.60
CA ALA A 24 4.91 6.42 -4.53
C ALA A 24 5.58 5.18 -3.96
N ALA A 25 5.97 5.26 -2.70
CA ALA A 25 6.59 4.15 -2.01
C ALA A 25 5.63 2.98 -1.92
N CYS A 26 4.36 3.30 -1.72
CA CYS A 26 3.33 2.28 -1.61
C CYS A 26 3.10 1.58 -2.94
N ILE A 27 2.90 2.36 -4.01
CA ILE A 27 2.64 1.81 -5.34
C ILE A 27 3.75 0.85 -5.76
N SER A 28 4.98 1.32 -5.70
CA SER A 28 6.13 0.51 -6.09
C SER A 28 6.21 -0.78 -5.27
N SER A 29 6.06 -0.67 -3.95
CA SER A 29 6.11 -1.83 -3.06
C SER A 29 4.98 -2.81 -3.40
N CYS A 30 3.83 -2.27 -3.76
CA CYS A 30 2.70 -3.09 -4.11
C CYS A 30 2.98 -3.85 -5.40
N LYS A 31 3.48 -3.16 -6.39
CA LYS A 31 3.82 -3.76 -7.65
C LYS A 31 4.85 -4.89 -7.48
N PHE A 32 5.81 -4.69 -6.58
CA PHE A 32 6.81 -5.71 -6.29
C PHE A 32 6.18 -7.00 -5.76
N GLN A 33 5.08 -6.88 -5.03
CA GLN A 33 4.39 -8.03 -4.47
C GLN A 33 3.26 -8.49 -5.40
N ASN A 34 3.35 -8.06 -6.66
CA ASN A 34 2.42 -8.45 -7.72
C ASN A 34 1.04 -7.82 -7.51
N CYS A 35 1.02 -6.59 -7.03
CA CYS A 35 -0.21 -5.87 -6.85
C CYS A 35 -0.34 -4.79 -7.91
N GLY A 36 -1.53 -4.68 -8.48
CA GLY A 36 -1.78 -3.73 -9.55
C GLY A 36 -1.52 -2.30 -9.16
N THR A 37 -1.90 -1.95 -7.96
CA THR A 37 -1.70 -0.61 -7.48
C THR A 37 -1.60 -0.58 -5.97
N GLY A 38 -1.21 0.55 -5.46
CA GLY A 38 -1.06 0.73 -4.05
C GLY A 38 -1.44 2.12 -3.65
N HIS A 39 -2.01 2.25 -2.49
CA HIS A 39 -2.39 3.56 -2.00
C HIS A 39 -2.30 3.59 -0.49
N CYS A 40 -1.97 4.72 0.03
CA CYS A 40 -1.83 4.87 1.46
C CYS A 40 -3.18 5.12 2.07
N GLU A 41 -3.52 4.33 3.04
CA GLU A 41 -4.80 4.45 3.67
C GLU A 41 -4.64 4.36 5.17
N ARG A 42 -5.39 5.16 5.90
CA ARG A 42 -5.32 5.13 7.34
C ARG A 42 -6.34 4.19 7.89
N ARG A 43 -5.89 3.26 8.67
CA ARG A 43 -6.75 2.25 9.25
C ARG A 43 -6.52 2.17 10.74
N GLY A 44 -7.56 2.44 11.51
CA GLY A 44 -7.44 2.47 12.95
C GLY A 44 -6.37 3.45 13.40
N GLY A 45 -6.34 4.63 12.78
CA GLY A 45 -5.34 5.64 13.10
C GLY A 45 -3.97 5.34 12.52
N ARG A 46 -3.79 4.14 12.01
CA ARG A 46 -2.52 3.71 11.48
C ARG A 46 -2.41 3.99 9.99
N PRO A 47 -1.49 4.88 9.60
CA PRO A 47 -1.22 5.16 8.19
C PRO A 47 -0.49 3.98 7.57
N THR A 48 -1.20 3.22 6.77
CA THR A 48 -0.67 1.99 6.23
C THR A 48 -0.70 2.00 4.70
N CYS A 49 0.18 1.22 4.09
CA CYS A 49 0.21 1.06 2.66
C CYS A 49 -0.66 -0.12 2.26
N VAL A 50 -1.79 0.16 1.65
CA VAL A 50 -2.69 -0.90 1.26
C VAL A 50 -2.70 -1.07 -0.26
N CYS A 51 -2.49 -2.29 -0.70
CA CYS A 51 -2.43 -2.58 -2.10
C CYS A 51 -3.78 -3.02 -2.65
N SER A 52 -4.03 -2.70 -3.88
CA SER A 52 -5.26 -3.06 -4.54
C SER A 52 -4.95 -3.80 -5.84
N ARG A 53 -5.87 -4.67 -6.24
CA ARG A 53 -5.71 -5.47 -7.45
C ARG A 53 -4.49 -6.36 -7.37
N CYS A 54 -4.42 -7.13 -6.32
CA CYS A 54 -3.32 -8.05 -6.12
C CYS A 54 -3.68 -9.39 -6.71
N GLY A 55 -2.67 -10.20 -7.04
CA GLY A 55 -2.93 -11.50 -7.60
C GLY A 55 -3.58 -12.42 -6.60
N ASN A 56 -2.91 -12.58 -5.46
CA ASN A 56 -3.41 -13.41 -4.36
C ASN A 56 -3.66 -14.84 -4.83
N GLY A 57 -2.58 -15.58 -4.95
CA GLY A 57 -2.66 -16.95 -5.39
C GLY A 57 -1.39 -17.67 -5.09
N GLY A 58 -1.06 -17.74 -3.82
CA GLY A 58 0.16 -18.38 -3.39
C GLY A 58 0.07 -19.88 -3.42
N GLY A 59 0.29 -20.45 -4.58
CA GLY A 59 0.23 -21.88 -4.72
C GLY A 59 0.38 -22.32 -6.15
N GLU A 60 0.50 -23.61 -6.34
CA GLU A 60 0.65 -24.18 -7.67
C GLU A 60 -0.72 -24.39 -8.29
N TRP A 61 -1.68 -24.68 -7.45
CA TRP A 61 -3.05 -24.91 -7.88
C TRP A 61 -3.99 -24.03 -7.09
N PRO A 62 -4.30 -22.84 -7.61
CA PRO A 62 -5.19 -21.90 -6.94
C PRO A 62 -6.65 -22.35 -6.96
N ASN A 63 -7.07 -22.99 -8.06
CA ASN A 63 -8.45 -23.45 -8.18
C ASN A 63 -8.63 -24.86 -7.65
N LEU A 64 -7.53 -25.63 -7.63
CA LEU A 64 -7.54 -27.02 -7.13
C LEU A 64 -8.30 -27.95 -8.09
N PRO A 65 -7.61 -28.49 -9.10
CA PRO A 65 -8.21 -29.38 -10.08
C PRO A 65 -8.14 -30.83 -9.62
N SER A 66 -8.84 -31.13 -8.55
CA SER A 66 -8.85 -32.46 -7.98
C SER A 66 -10.10 -32.66 -7.14
N ARG A 67 -10.48 -33.90 -6.95
CA ARG A 67 -11.65 -34.23 -6.14
C ARG A 67 -11.29 -34.28 -4.68
N GLY A 68 -10.40 -35.19 -4.34
CA GLY A 68 -9.98 -35.36 -2.98
C GLY A 68 -9.60 -36.79 -2.71
N GLY A 1 13.11 -0.80 18.35
CA GLY A 1 14.24 0.12 18.56
C GLY A 1 14.06 1.40 17.79
N SER A 2 15.03 1.74 16.96
CA SER A 2 14.98 2.95 16.18
C SER A 2 14.60 2.66 14.73
N ALA A 3 13.32 2.76 14.45
CA ALA A 3 12.82 2.61 13.10
C ALA A 3 12.10 3.89 12.68
N LEU A 4 12.41 4.37 11.49
CA LEU A 4 11.84 5.63 11.02
C LEU A 4 10.41 5.45 10.53
N ASP A 5 10.15 4.38 9.81
CA ASP A 5 8.82 4.13 9.30
C ASP A 5 8.52 2.65 9.32
N PHE A 6 7.25 2.32 9.51
CA PHE A 6 6.82 0.94 9.56
C PHE A 6 6.03 0.58 8.30
N THR A 7 5.33 1.56 7.77
CA THR A 7 4.55 1.40 6.56
C THR A 7 5.02 2.39 5.49
N SER A 8 4.84 2.01 4.24
CA SER A 8 5.24 2.86 3.11
C SER A 8 4.47 4.20 3.11
N CYS A 9 3.34 4.24 3.81
CA CYS A 9 2.49 5.41 3.78
C CYS A 9 2.52 6.25 5.04
N ALA A 10 3.47 6.00 5.91
CA ALA A 10 3.60 6.81 7.13
C ALA A 10 3.84 8.28 6.78
N ARG A 11 4.59 8.50 5.71
CA ARG A 11 4.92 9.85 5.27
C ARG A 11 3.69 10.63 4.79
N MET A 12 2.52 9.95 4.70
CA MET A 12 1.27 10.64 4.31
C MET A 12 1.00 11.85 5.22
N ASN A 13 1.67 11.89 6.38
CA ASN A 13 1.49 12.99 7.32
C ASN A 13 2.83 13.68 7.59
N ASP A 14 3.74 13.57 6.63
CA ASP A 14 5.09 14.16 6.74
C ASP A 14 5.07 15.57 6.18
N GLY A 15 3.91 16.00 5.75
CA GLY A 15 3.78 17.28 5.13
C GLY A 15 3.11 17.16 3.79
N ALA A 16 3.24 18.18 2.97
CA ALA A 16 2.64 18.19 1.65
C ALA A 16 3.38 17.21 0.75
N LEU A 17 4.70 17.30 0.80
CA LEU A 17 5.58 16.45 0.02
C LEU A 17 5.45 15.00 0.47
N GLY A 18 5.12 14.82 1.75
CA GLY A 18 5.01 13.50 2.31
C GLY A 18 3.94 12.67 1.64
N ALA A 19 2.80 13.29 1.33
CA ALA A 19 1.69 12.59 0.69
C ALA A 19 2.11 11.97 -0.64
N LYS A 20 2.92 12.70 -1.39
CA LYS A 20 3.40 12.23 -2.68
C LYS A 20 4.40 11.11 -2.52
N VAL A 21 5.23 11.22 -1.50
CA VAL A 21 6.19 10.17 -1.19
C VAL A 21 5.44 8.91 -0.76
N ALA A 22 4.43 9.11 0.07
CA ALA A 22 3.63 8.02 0.61
C ALA A 22 2.98 7.22 -0.50
N GLN A 23 2.25 7.89 -1.37
CA GLN A 23 1.56 7.22 -2.45
C GLN A 23 2.56 6.55 -3.39
N ALA A 24 3.66 7.24 -3.67
CA ALA A 24 4.69 6.70 -4.57
C ALA A 24 5.31 5.46 -3.97
N ALA A 25 5.68 5.53 -2.71
CA ALA A 25 6.28 4.41 -2.00
C ALA A 25 5.29 3.27 -1.92
N CYS A 26 4.01 3.62 -1.70
CA CYS A 26 2.96 2.64 -1.57
C CYS A 26 2.78 1.89 -2.87
N ILE A 27 2.60 2.64 -3.95
CA ILE A 27 2.40 2.06 -5.26
C ILE A 27 3.56 1.15 -5.59
N SER A 28 4.77 1.64 -5.39
CA SER A 28 5.96 0.86 -5.66
C SER A 28 5.98 -0.42 -4.83
N SER A 29 5.76 -0.30 -3.52
CA SER A 29 5.77 -1.45 -2.63
C SER A 29 4.69 -2.46 -3.05
N CYS A 30 3.58 -1.96 -3.55
CA CYS A 30 2.53 -2.81 -4.02
C CYS A 30 2.97 -3.58 -5.24
N LYS A 31 3.55 -2.87 -6.19
CA LYS A 31 4.03 -3.47 -7.42
C LYS A 31 5.09 -4.54 -7.14
N PHE A 32 5.99 -4.26 -6.20
CA PHE A 32 7.01 -5.21 -5.80
C PHE A 32 6.40 -6.51 -5.27
N GLN A 33 5.29 -6.40 -4.56
CA GLN A 33 4.65 -7.59 -3.97
C GLN A 33 3.57 -8.15 -4.90
N ASN A 34 3.66 -7.78 -6.18
CA ASN A 34 2.78 -8.31 -7.24
C ASN A 34 1.35 -7.78 -7.08
N CYS A 35 1.24 -6.51 -6.79
CA CYS A 35 -0.04 -5.87 -6.69
C CYS A 35 -0.19 -4.84 -7.81
N GLY A 36 -1.36 -4.81 -8.41
CA GLY A 36 -1.63 -3.90 -9.52
C GLY A 36 -1.39 -2.45 -9.16
N THR A 37 -1.82 -2.05 -7.98
CA THR A 37 -1.64 -0.67 -7.54
C THR A 37 -1.69 -0.58 -6.02
N GLY A 38 -1.48 0.63 -5.53
CA GLY A 38 -1.49 0.87 -4.11
C GLY A 38 -1.95 2.28 -3.78
N HIS A 39 -2.53 2.43 -2.60
CA HIS A 39 -2.95 3.73 -2.12
C HIS A 39 -2.86 3.76 -0.61
N CYS A 40 -2.62 4.91 -0.06
CA CYS A 40 -2.47 5.04 1.36
C CYS A 40 -3.80 5.18 2.05
N GLU A 41 -4.06 4.28 2.97
CA GLU A 41 -5.29 4.28 3.72
C GLU A 41 -4.96 4.10 5.19
N ARG A 42 -5.58 4.86 6.05
CA ARG A 42 -5.31 4.74 7.47
C ARG A 42 -6.15 3.65 8.08
N ARG A 43 -5.46 2.74 8.73
CA ARG A 43 -6.09 1.61 9.37
C ARG A 43 -6.00 1.79 10.87
N GLY A 44 -7.11 2.15 11.48
CA GLY A 44 -7.12 2.41 12.91
C GLY A 44 -6.09 3.46 13.30
N GLY A 45 -6.11 4.59 12.59
CA GLY A 45 -5.15 5.65 12.85
C GLY A 45 -3.79 5.41 12.21
N ARG A 46 -3.50 4.17 11.85
CA ARG A 46 -2.21 3.82 11.29
C ARG A 46 -2.19 3.96 9.77
N PRO A 47 -1.46 4.96 9.26
CA PRO A 47 -1.31 5.18 7.83
C PRO A 47 -0.66 3.99 7.14
N THR A 48 -1.48 3.14 6.57
CA THR A 48 -0.99 1.93 5.95
C THR A 48 -1.09 2.01 4.42
N CYS A 49 -0.27 1.25 3.76
CA CYS A 49 -0.30 1.16 2.32
C CYS A 49 -1.15 -0.04 1.93
N VAL A 50 -2.32 0.23 1.40
CA VAL A 50 -3.21 -0.84 1.03
C VAL A 50 -3.18 -1.03 -0.49
N CYS A 51 -2.86 -2.23 -0.90
CA CYS A 51 -2.73 -2.54 -2.29
C CYS A 51 -3.99 -3.14 -2.87
N SER A 52 -4.15 -2.98 -4.16
CA SER A 52 -5.28 -3.52 -4.88
C SER A 52 -4.78 -4.32 -6.06
N ARG A 53 -5.58 -5.30 -6.50
CA ARG A 53 -5.24 -6.16 -7.63
C ARG A 53 -3.98 -6.96 -7.34
N CYS A 54 -3.95 -7.58 -6.17
CA CYS A 54 -2.81 -8.40 -5.76
C CYS A 54 -3.04 -9.85 -6.18
N GLY A 55 -2.10 -10.71 -5.86
CA GLY A 55 -2.25 -12.12 -6.19
C GLY A 55 -3.35 -12.77 -5.38
N ASN A 56 -4.44 -13.10 -6.04
CA ASN A 56 -5.57 -13.74 -5.39
C ASN A 56 -6.33 -14.57 -6.42
N GLY A 57 -6.93 -15.64 -5.97
CA GLY A 57 -7.69 -16.48 -6.88
C GLY A 57 -9.07 -15.92 -7.15
N GLY A 58 -9.24 -15.34 -8.33
CA GLY A 58 -10.52 -14.77 -8.69
C GLY A 58 -11.57 -15.84 -8.98
N GLY A 59 -11.57 -16.34 -10.19
CA GLY A 59 -12.52 -17.37 -10.56
C GLY A 59 -13.87 -16.81 -10.97
N GLU A 60 -14.66 -16.41 -9.99
CA GLU A 60 -15.98 -15.88 -10.23
C GLU A 60 -16.44 -15.05 -9.03
N TRP A 61 -17.68 -14.58 -9.08
CA TRP A 61 -18.25 -13.80 -8.01
C TRP A 61 -19.68 -14.25 -7.74
N PRO A 62 -20.01 -14.52 -6.47
CA PRO A 62 -21.33 -15.01 -6.07
C PRO A 62 -22.47 -14.08 -6.51
N ASN A 63 -22.32 -12.78 -6.28
CA ASN A 63 -23.37 -11.83 -6.62
C ASN A 63 -22.81 -10.57 -7.27
N LEU A 64 -21.63 -10.72 -7.88
CA LEU A 64 -20.96 -9.61 -8.58
C LEU A 64 -20.79 -8.36 -7.68
N PRO A 65 -19.66 -8.28 -6.95
CA PRO A 65 -19.38 -7.16 -6.05
C PRO A 65 -18.89 -5.93 -6.80
N SER A 66 -19.72 -5.42 -7.70
CA SER A 66 -19.38 -4.26 -8.49
C SER A 66 -19.68 -3.00 -7.69
N ARG A 67 -19.02 -1.91 -8.05
CA ARG A 67 -19.27 -0.66 -7.40
C ARG A 67 -20.46 0.02 -8.05
N GLY A 68 -20.50 -0.05 -9.37
CA GLY A 68 -21.60 0.51 -10.10
C GLY A 68 -21.59 0.05 -11.54
N GLY A 1 11.85 -1.01 17.35
CA GLY A 1 13.22 -0.70 16.96
C GLY A 1 13.44 0.78 16.83
N SER A 2 14.57 1.15 16.27
CA SER A 2 14.90 2.55 16.08
C SER A 2 14.54 2.99 14.67
N ALA A 3 13.34 3.51 14.51
CA ALA A 3 12.86 3.95 13.21
C ALA A 3 11.75 4.97 13.36
N LEU A 4 11.78 5.99 12.52
CA LEU A 4 10.74 7.02 12.54
C LEU A 4 9.52 6.57 11.76
N ASP A 5 9.74 6.00 10.60
CA ASP A 5 8.67 5.52 9.78
C ASP A 5 8.51 4.03 9.98
N PHE A 6 7.31 3.59 10.36
CA PHE A 6 7.07 2.17 10.59
C PHE A 6 6.32 1.58 9.40
N THR A 7 5.68 2.44 8.64
CA THR A 7 4.96 2.04 7.46
C THR A 7 5.48 2.79 6.24
N SER A 8 5.25 2.24 5.06
CA SER A 8 5.66 2.88 3.83
C SER A 8 4.93 4.21 3.64
N CYS A 9 3.74 4.30 4.22
CA CYS A 9 2.92 5.49 4.08
C CYS A 9 2.91 6.35 5.32
N ALA A 10 3.87 6.14 6.22
CA ALA A 10 3.96 6.95 7.42
C ALA A 10 4.22 8.43 7.07
N ARG A 11 4.94 8.64 5.96
CA ARG A 11 5.24 9.97 5.48
C ARG A 11 3.99 10.73 5.06
N MET A 12 2.85 10.04 4.99
CA MET A 12 1.57 10.72 4.67
C MET A 12 1.29 11.85 5.68
N ASN A 13 2.05 11.88 6.79
CA ASN A 13 1.86 12.87 7.84
C ASN A 13 2.94 13.93 7.74
N ASP A 14 3.58 14.02 6.58
CA ASP A 14 4.67 14.96 6.38
C ASP A 14 4.24 16.03 5.37
N GLY A 15 2.94 16.26 5.32
CA GLY A 15 2.40 17.23 4.41
C GLY A 15 2.04 16.62 3.07
N ALA A 16 1.65 17.47 2.13
CA ALA A 16 1.29 17.03 0.78
C ALA A 16 2.48 16.35 0.10
N LEU A 17 3.68 16.84 0.39
CA LEU A 17 4.88 16.26 -0.18
C LEU A 17 5.08 14.86 0.40
N GLY A 18 4.84 14.73 1.70
CA GLY A 18 4.92 13.45 2.34
C GLY A 18 3.94 12.46 1.75
N ALA A 19 2.72 12.94 1.49
CA ALA A 19 1.70 12.12 0.86
C ALA A 19 2.18 11.62 -0.50
N LYS A 20 2.91 12.47 -1.19
CA LYS A 20 3.45 12.14 -2.50
C LYS A 20 4.51 11.06 -2.37
N VAL A 21 5.40 11.23 -1.40
CA VAL A 21 6.44 10.25 -1.11
C VAL A 21 5.81 8.93 -0.69
N ALA A 22 4.82 9.03 0.20
CA ALA A 22 4.10 7.89 0.72
C ALA A 22 3.43 7.09 -0.38
N GLN A 23 2.66 7.77 -1.22
CA GLN A 23 1.93 7.10 -2.29
C GLN A 23 2.91 6.42 -3.25
N ALA A 24 4.01 7.10 -3.55
CA ALA A 24 5.02 6.56 -4.46
C ALA A 24 5.63 5.31 -3.88
N ALA A 25 5.97 5.37 -2.60
CA ALA A 25 6.53 4.24 -1.90
C ALA A 25 5.52 3.10 -1.83
N CYS A 26 4.26 3.47 -1.67
CA CYS A 26 3.20 2.50 -1.54
C CYS A 26 2.97 1.77 -2.87
N ILE A 27 2.75 2.54 -3.92
CA ILE A 27 2.49 1.98 -5.24
C ILE A 27 3.60 1.03 -5.63
N SER A 28 4.84 1.49 -5.49
CA SER A 28 5.99 0.69 -5.85
C SER A 28 6.05 -0.61 -5.03
N SER A 29 5.82 -0.52 -3.72
CA SER A 29 5.85 -1.70 -2.86
C SER A 29 4.77 -2.70 -3.28
N CYS A 30 3.64 -2.17 -3.73
CA CYS A 30 2.56 -2.99 -4.18
C CYS A 30 2.93 -3.74 -5.44
N LYS A 31 3.52 -3.03 -6.38
CA LYS A 31 3.97 -3.63 -7.64
C LYS A 31 4.94 -4.79 -7.37
N PHE A 32 5.84 -4.61 -6.41
CA PHE A 32 6.79 -5.63 -6.02
C PHE A 32 6.13 -6.92 -5.54
N GLN A 33 4.98 -6.80 -4.90
CA GLN A 33 4.26 -7.96 -4.39
C GLN A 33 3.17 -8.41 -5.36
N ASN A 34 3.27 -7.92 -6.60
CA ASN A 34 2.34 -8.27 -7.69
C ASN A 34 0.96 -7.68 -7.43
N CYS A 35 0.93 -6.42 -7.11
CA CYS A 35 -0.31 -5.71 -6.93
C CYS A 35 -0.44 -4.64 -7.98
N GLY A 36 -1.62 -4.53 -8.54
CA GLY A 36 -1.87 -3.58 -9.61
C GLY A 36 -1.65 -2.14 -9.18
N THR A 37 -2.05 -1.83 -7.97
CA THR A 37 -1.90 -0.47 -7.49
C THR A 37 -1.83 -0.43 -5.97
N GLY A 38 -1.40 0.70 -5.48
CA GLY A 38 -1.27 0.91 -4.05
C GLY A 38 -1.65 2.31 -3.66
N HIS A 39 -2.20 2.46 -2.48
CA HIS A 39 -2.56 3.77 -1.97
C HIS A 39 -2.46 3.80 -0.46
N CYS A 40 -2.18 4.95 0.08
CA CYS A 40 -2.03 5.07 1.49
C CYS A 40 -3.37 5.24 2.15
N GLU A 41 -3.67 4.36 3.07
CA GLU A 41 -4.94 4.37 3.75
C GLU A 41 -4.70 4.23 5.24
N ARG A 42 -5.46 4.94 6.03
CA ARG A 42 -5.32 4.85 7.46
C ARG A 42 -6.21 3.78 7.99
N ARG A 43 -5.62 2.85 8.68
CA ARG A 43 -6.35 1.74 9.27
C ARG A 43 -6.34 1.89 10.76
N GLY A 44 -7.46 2.32 11.32
CA GLY A 44 -7.53 2.56 12.74
C GLY A 44 -6.50 3.58 13.18
N GLY A 45 -6.46 4.71 12.48
CA GLY A 45 -5.50 5.74 12.77
C GLY A 45 -4.12 5.48 12.17
N ARG A 46 -3.84 4.24 11.86
CA ARG A 46 -2.51 3.87 11.38
C ARG A 46 -2.35 4.05 9.88
N PRO A 47 -1.50 4.99 9.47
CA PRO A 47 -1.22 5.22 8.06
C PRO A 47 -0.50 4.03 7.44
N THR A 48 -1.21 3.27 6.66
CA THR A 48 -0.67 2.06 6.10
C THR A 48 -0.78 2.07 4.58
N CYS A 49 0.06 1.30 3.93
CA CYS A 49 0.04 1.16 2.50
C CYS A 49 -0.83 -0.02 2.14
N VAL A 50 -1.97 0.24 1.54
CA VAL A 50 -2.86 -0.82 1.17
C VAL A 50 -2.88 -0.99 -0.35
N CYS A 51 -2.65 -2.20 -0.78
CA CYS A 51 -2.59 -2.48 -2.19
C CYS A 51 -3.88 -3.07 -2.71
N SER A 52 -4.09 -2.94 -4.00
CA SER A 52 -5.26 -3.48 -4.64
C SER A 52 -4.83 -4.16 -5.93
N ARG A 53 -5.71 -5.00 -6.47
CA ARG A 53 -5.42 -5.75 -7.69
C ARG A 53 -4.21 -6.63 -7.50
N CYS A 54 -4.20 -7.34 -6.39
CA CYS A 54 -3.10 -8.22 -6.05
C CYS A 54 -3.40 -9.63 -6.53
N GLY A 55 -2.38 -10.47 -6.60
CA GLY A 55 -2.57 -11.82 -7.05
C GLY A 55 -2.83 -12.76 -5.89
N ASN A 56 -3.52 -12.24 -4.90
CA ASN A 56 -3.86 -12.99 -3.70
C ASN A 56 -5.28 -13.55 -3.86
N GLY A 57 -5.96 -13.78 -2.75
CA GLY A 57 -7.31 -14.26 -2.80
C GLY A 57 -8.17 -13.52 -1.81
N GLY A 58 -9.05 -12.67 -2.31
CA GLY A 58 -9.91 -11.92 -1.44
C GLY A 58 -9.62 -10.44 -1.50
N GLY A 59 -9.68 -9.77 -0.37
CA GLY A 59 -9.44 -8.35 -0.31
C GLY A 59 -10.71 -7.59 0.01
N GLU A 60 -11.53 -8.19 0.85
CA GLU A 60 -12.80 -7.61 1.25
C GLU A 60 -12.62 -6.56 2.34
N TRP A 61 -13.73 -5.99 2.76
CA TRP A 61 -13.73 -4.96 3.78
C TRP A 61 -14.08 -5.57 5.13
N PRO A 62 -13.10 -5.70 6.03
CA PRO A 62 -13.31 -6.31 7.34
C PRO A 62 -14.07 -5.40 8.30
N ASN A 63 -13.55 -4.21 8.54
CA ASN A 63 -14.17 -3.27 9.49
C ASN A 63 -15.28 -2.49 8.84
N LEU A 64 -15.40 -2.62 7.51
CA LEU A 64 -16.39 -1.89 6.72
C LEU A 64 -16.12 -0.38 6.82
N PRO A 65 -15.16 0.12 6.04
CA PRO A 65 -14.77 1.52 6.08
C PRO A 65 -15.74 2.44 5.33
N SER A 66 -15.61 3.71 5.59
CA SER A 66 -16.44 4.71 4.96
C SER A 66 -15.82 5.11 3.61
N ARG A 67 -16.20 6.27 3.10
CA ARG A 67 -15.65 6.74 1.84
C ARG A 67 -14.48 7.65 2.10
N GLY A 68 -14.76 8.78 2.71
CA GLY A 68 -13.73 9.71 3.03
C GLY A 68 -13.70 10.87 2.08
N GLY A 1 10.10 -2.73 15.55
CA GLY A 1 10.42 -1.28 15.59
C GLY A 1 11.76 -0.98 14.97
N SER A 2 12.67 -0.43 15.77
CA SER A 2 14.03 -0.07 15.33
C SER A 2 13.98 1.04 14.26
N ALA A 3 12.86 1.75 14.20
CA ALA A 3 12.70 2.81 13.22
C ALA A 3 11.68 3.83 13.67
N LEU A 4 11.70 4.98 13.00
CA LEU A 4 10.74 6.05 13.27
C LEU A 4 9.38 5.70 12.69
N ASP A 5 9.37 4.80 11.72
CA ASP A 5 8.15 4.36 11.11
C ASP A 5 8.22 2.87 10.84
N PHE A 6 7.07 2.23 10.84
CA PHE A 6 6.99 0.81 10.55
C PHE A 6 6.27 0.60 9.22
N THR A 7 5.61 1.65 8.76
CA THR A 7 4.85 1.60 7.53
C THR A 7 5.34 2.65 6.55
N SER A 8 5.56 2.22 5.31
CA SER A 8 6.04 3.07 4.24
C SER A 8 5.12 4.28 3.98
N CYS A 9 3.89 4.21 4.45
CA CYS A 9 2.95 5.30 4.22
C CYS A 9 2.82 6.25 5.41
N ALA A 10 3.69 6.08 6.40
CA ALA A 10 3.68 6.96 7.57
C ALA A 10 3.88 8.42 7.17
N ARG A 11 4.68 8.65 6.15
CA ARG A 11 4.97 10.01 5.68
C ARG A 11 3.73 10.71 5.12
N MET A 12 2.63 9.95 4.94
CA MET A 12 1.38 10.53 4.43
C MET A 12 0.92 11.72 5.30
N ASN A 13 1.39 11.79 6.54
CA ASN A 13 0.95 12.85 7.43
C ASN A 13 2.07 13.86 7.65
N ASP A 14 3.02 13.88 6.71
CA ASP A 14 4.16 14.79 6.78
C ASP A 14 3.90 15.96 5.83
N GLY A 15 2.63 16.24 5.63
CA GLY A 15 2.25 17.28 4.71
C GLY A 15 1.97 16.73 3.34
N ALA A 16 1.61 17.59 2.41
CA ALA A 16 1.33 17.18 1.04
C ALA A 16 2.54 16.48 0.41
N LEU A 17 3.74 16.97 0.74
CA LEU A 17 4.96 16.36 0.22
C LEU A 17 5.05 14.92 0.69
N GLY A 18 4.77 14.72 1.98
CA GLY A 18 4.81 13.39 2.57
C GLY A 18 3.85 12.45 1.88
N ALA A 19 2.65 12.95 1.57
CA ALA A 19 1.64 12.16 0.89
C ALA A 19 2.17 11.62 -0.43
N LYS A 20 2.94 12.44 -1.14
CA LYS A 20 3.52 12.02 -2.40
C LYS A 20 4.59 10.98 -2.18
N VAL A 21 5.43 11.17 -1.16
CA VAL A 21 6.47 10.21 -0.83
C VAL A 21 5.84 8.88 -0.46
N ALA A 22 4.82 8.95 0.38
CA ALA A 22 4.11 7.77 0.84
C ALA A 22 3.52 6.99 -0.32
N GLN A 23 2.73 7.66 -1.15
CA GLN A 23 2.05 6.99 -2.27
C GLN A 23 3.05 6.37 -3.24
N ALA A 24 4.16 7.08 -3.47
CA ALA A 24 5.19 6.59 -4.39
C ALA A 24 5.79 5.30 -3.87
N ALA A 25 6.14 5.30 -2.60
CA ALA A 25 6.72 4.15 -1.97
C ALA A 25 5.73 2.99 -1.94
N CYS A 26 4.44 3.32 -1.77
CA CYS A 26 3.41 2.30 -1.66
C CYS A 26 3.12 1.66 -3.01
N ILE A 27 2.80 2.47 -4.01
CA ILE A 27 2.48 1.98 -5.36
C ILE A 27 3.59 1.08 -5.88
N SER A 28 4.81 1.57 -5.81
CA SER A 28 5.96 0.82 -6.31
C SER A 28 6.11 -0.52 -5.57
N SER A 29 5.99 -0.49 -4.24
CA SER A 29 6.12 -1.69 -3.43
C SER A 29 5.02 -2.69 -3.76
N CYS A 30 3.84 -2.18 -4.07
CA CYS A 30 2.71 -3.01 -4.40
C CYS A 30 2.93 -3.71 -5.73
N LYS A 31 3.36 -2.96 -6.73
CA LYS A 31 3.62 -3.50 -8.04
C LYS A 31 4.68 -4.58 -7.95
N PHE A 32 5.63 -4.35 -7.08
CA PHE A 32 6.72 -5.27 -6.82
C PHE A 32 6.20 -6.64 -6.35
N GLN A 33 5.16 -6.62 -5.52
CA GLN A 33 4.63 -7.85 -4.94
C GLN A 33 3.45 -8.40 -5.75
N ASN A 34 3.40 -8.02 -7.03
CA ASN A 34 2.37 -8.50 -7.97
C ASN A 34 1.01 -7.92 -7.62
N CYS A 35 1.00 -6.67 -7.23
CA CYS A 35 -0.24 -5.97 -6.97
C CYS A 35 -0.45 -4.93 -8.04
N GLY A 36 -1.68 -4.87 -8.53
CA GLY A 36 -2.01 -3.93 -9.59
C GLY A 36 -1.68 -2.50 -9.24
N THR A 37 -1.98 -2.12 -8.01
CA THR A 37 -1.68 -0.79 -7.55
C THR A 37 -1.59 -0.72 -6.03
N GLY A 38 -1.26 0.45 -5.53
CA GLY A 38 -1.11 0.63 -4.13
C GLY A 38 -1.49 2.03 -3.73
N HIS A 39 -2.02 2.18 -2.55
CA HIS A 39 -2.37 3.48 -2.04
C HIS A 39 -2.24 3.50 -0.55
N CYS A 40 -1.93 4.65 -0.03
CA CYS A 40 -1.80 4.78 1.38
C CYS A 40 -3.15 5.01 1.99
N GLU A 41 -3.49 4.19 2.95
CA GLU A 41 -4.76 4.28 3.57
C GLU A 41 -4.60 4.30 5.07
N ARG A 42 -5.32 5.16 5.72
CA ARG A 42 -5.23 5.28 7.14
C ARG A 42 -6.29 4.44 7.79
N ARG A 43 -5.86 3.61 8.70
CA ARG A 43 -6.75 2.69 9.38
C ARG A 43 -6.50 2.76 10.87
N GLY A 44 -7.54 3.07 11.62
CA GLY A 44 -7.40 3.25 13.05
C GLY A 44 -6.35 4.30 13.39
N GLY A 45 -6.34 5.39 12.63
CA GLY A 45 -5.36 6.46 12.83
C GLY A 45 -3.98 6.11 12.31
N ARG A 46 -3.76 4.85 11.98
CA ARG A 46 -2.47 4.39 11.52
C ARG A 46 -2.36 4.44 9.99
N PRO A 47 -1.41 5.21 9.47
CA PRO A 47 -1.18 5.32 8.03
C PRO A 47 -0.52 4.05 7.45
N THR A 48 -1.29 3.26 6.74
CA THR A 48 -0.79 1.99 6.23
C THR A 48 -0.72 1.98 4.70
N CYS A 49 0.20 1.21 4.15
CA CYS A 49 0.29 1.04 2.70
C CYS A 49 -0.51 -0.17 2.29
N VAL A 50 -1.65 0.07 1.68
CA VAL A 50 -2.50 -1.01 1.28
C VAL A 50 -2.53 -1.15 -0.24
N CYS A 51 -2.32 -2.36 -0.70
CA CYS A 51 -2.30 -2.62 -2.11
C CYS A 51 -3.63 -3.18 -2.56
N SER A 52 -3.91 -3.02 -3.82
CA SER A 52 -5.12 -3.53 -4.41
C SER A 52 -4.78 -4.26 -5.70
N ARG A 53 -5.70 -5.13 -6.14
CA ARG A 53 -5.48 -5.97 -7.33
C ARG A 53 -4.26 -6.86 -7.10
N CYS A 54 -4.23 -7.49 -5.93
CA CYS A 54 -3.16 -8.40 -5.56
C CYS A 54 -3.62 -9.83 -5.75
N GLY A 55 -2.75 -10.68 -6.32
CA GLY A 55 -3.15 -12.04 -6.65
C GLY A 55 -4.17 -12.05 -7.77
N ASN A 56 -5.40 -11.74 -7.42
CA ASN A 56 -6.44 -11.52 -8.40
C ASN A 56 -6.32 -10.10 -8.89
N GLY A 57 -7.30 -9.58 -9.62
CA GLY A 57 -7.10 -8.29 -10.22
C GLY A 57 -5.93 -8.38 -11.18
N GLY A 58 -6.07 -9.27 -12.12
CA GLY A 58 -5.00 -9.60 -13.00
C GLY A 58 -5.47 -10.38 -14.18
N GLY A 59 -4.65 -10.44 -15.20
CA GLY A 59 -5.05 -11.11 -16.40
C GLY A 59 -5.71 -10.14 -17.31
N GLU A 60 -5.25 -10.07 -18.53
CA GLU A 60 -5.74 -9.08 -19.44
C GLU A 60 -5.31 -9.42 -20.85
N TRP A 61 -5.98 -8.82 -21.80
CA TRP A 61 -5.73 -9.07 -23.19
C TRP A 61 -6.30 -7.95 -24.07
N PRO A 62 -5.78 -6.72 -23.92
CA PRO A 62 -6.28 -5.56 -24.62
C PRO A 62 -5.54 -5.29 -25.92
N ASN A 63 -4.60 -6.17 -26.23
CA ASN A 63 -3.79 -6.03 -27.43
C ASN A 63 -3.46 -7.41 -27.99
N LEU A 64 -4.13 -8.43 -27.44
CA LEU A 64 -3.91 -9.83 -27.80
C LEU A 64 -2.58 -10.32 -27.25
N PRO A 65 -2.60 -11.15 -26.21
CA PRO A 65 -1.41 -11.63 -25.54
C PRO A 65 -0.81 -12.86 -26.21
N SER A 66 -0.61 -12.78 -27.51
CA SER A 66 -0.05 -13.88 -28.26
C SER A 66 1.48 -13.93 -28.10
N ARG A 67 2.01 -12.94 -27.42
CA ARG A 67 3.43 -12.85 -27.15
C ARG A 67 3.78 -13.57 -25.85
N GLY A 68 5.04 -13.46 -25.45
CA GLY A 68 5.46 -14.06 -24.21
C GLY A 68 5.83 -13.00 -23.20
N GLY A 1 11.74 -0.02 19.37
CA GLY A 1 11.54 0.30 17.94
C GLY A 1 12.43 1.44 17.48
N SER A 2 13.66 1.11 17.11
CA SER A 2 14.60 2.12 16.65
C SER A 2 14.39 2.41 15.16
N ALA A 3 13.27 3.05 14.84
CA ALA A 3 12.94 3.36 13.47
C ALA A 3 12.08 4.60 13.39
N LEU A 4 12.24 5.36 12.32
CA LEU A 4 11.46 6.56 12.13
C LEU A 4 10.08 6.22 11.59
N ASP A 5 10.00 5.16 10.81
CA ASP A 5 8.74 4.74 10.25
C ASP A 5 8.57 3.25 10.42
N PHE A 6 7.34 2.83 10.62
CA PHE A 6 7.04 1.41 10.72
C PHE A 6 6.33 0.97 9.45
N THR A 7 5.70 1.93 8.81
CA THR A 7 5.02 1.73 7.55
C THR A 7 5.58 2.69 6.50
N SER A 8 5.48 2.31 5.25
CA SER A 8 5.97 3.13 4.16
C SER A 8 5.06 4.33 3.92
N CYS A 9 3.83 4.27 4.43
CA CYS A 9 2.88 5.35 4.23
C CYS A 9 2.80 6.30 5.41
N ALA A 10 3.72 6.18 6.35
CA ALA A 10 3.75 7.06 7.52
C ALA A 10 3.91 8.53 7.10
N ARG A 11 4.66 8.76 6.03
CA ARG A 11 4.93 10.10 5.53
C ARG A 11 3.67 10.79 5.03
N MET A 12 2.55 10.05 4.93
CA MET A 12 1.27 10.62 4.50
C MET A 12 0.88 11.84 5.35
N ASN A 13 1.48 11.99 6.53
CA ASN A 13 1.15 13.14 7.38
C ASN A 13 2.33 14.09 7.50
N ASP A 14 3.16 14.11 6.47
CA ASP A 14 4.34 14.97 6.44
C ASP A 14 4.09 16.14 5.50
N GLY A 15 2.84 16.33 5.12
CA GLY A 15 2.51 17.37 4.16
C GLY A 15 2.16 16.78 2.80
N ALA A 16 1.79 17.64 1.87
CA ALA A 16 1.43 17.23 0.50
C ALA A 16 2.56 16.44 -0.17
N LEU A 17 3.80 16.80 0.12
CA LEU A 17 4.94 16.11 -0.46
C LEU A 17 5.08 14.74 0.19
N GLY A 18 4.79 14.69 1.50
CA GLY A 18 4.80 13.43 2.22
C GLY A 18 3.81 12.44 1.63
N ALA A 19 2.67 12.96 1.18
CA ALA A 19 1.64 12.14 0.58
C ALA A 19 2.16 11.54 -0.69
N LYS A 20 3.05 12.29 -1.33
CA LYS A 20 3.65 11.87 -2.56
C LYS A 20 4.64 10.77 -2.31
N VAL A 21 5.47 10.97 -1.31
CA VAL A 21 6.46 10.00 -0.92
C VAL A 21 5.78 8.71 -0.47
N ALA A 22 4.74 8.88 0.33
CA ALA A 22 3.95 7.76 0.83
C ALA A 22 3.37 6.95 -0.31
N GLN A 23 2.63 7.63 -1.19
CA GLN A 23 1.98 6.96 -2.31
C GLN A 23 3.01 6.31 -3.23
N ALA A 24 4.12 7.01 -3.48
CA ALA A 24 5.17 6.51 -4.37
C ALA A 24 5.78 5.23 -3.81
N ALA A 25 6.13 5.26 -2.55
CA ALA A 25 6.70 4.11 -1.88
C ALA A 25 5.70 2.97 -1.84
N CYS A 26 4.43 3.31 -1.71
CA CYS A 26 3.38 2.33 -1.61
C CYS A 26 3.12 1.65 -2.96
N ILE A 27 2.85 2.47 -3.98
CA ILE A 27 2.55 1.97 -5.33
C ILE A 27 3.65 1.03 -5.83
N SER A 28 4.89 1.51 -5.78
CA SER A 28 6.02 0.73 -6.24
C SER A 28 6.14 -0.58 -5.45
N SER A 29 6.04 -0.48 -4.12
CA SER A 29 6.15 -1.64 -3.25
C SER A 29 5.05 -2.65 -3.56
N CYS A 30 3.88 -2.15 -3.92
CA CYS A 30 2.76 -2.98 -4.25
C CYS A 30 3.03 -3.75 -5.54
N LYS A 31 3.51 -3.05 -6.54
CA LYS A 31 3.84 -3.66 -7.82
C LYS A 31 4.86 -4.78 -7.64
N PHE A 32 5.83 -4.57 -6.77
CA PHE A 32 6.86 -5.56 -6.49
C PHE A 32 6.28 -6.86 -5.91
N GLN A 33 5.17 -6.75 -5.19
CA GLN A 33 4.55 -7.93 -4.58
C GLN A 33 3.39 -8.43 -5.44
N ASN A 34 3.37 -7.99 -6.69
CA ASN A 34 2.37 -8.39 -7.69
C ASN A 34 1.02 -7.77 -7.40
N CYS A 35 1.02 -6.47 -7.18
CA CYS A 35 -0.19 -5.73 -7.00
C CYS A 35 -0.30 -4.66 -8.06
N GLY A 36 -1.49 -4.52 -8.63
CA GLY A 36 -1.72 -3.54 -9.68
C GLY A 36 -1.35 -2.13 -9.26
N THR A 37 -1.71 -1.78 -8.05
CA THR A 37 -1.41 -0.47 -7.53
C THR A 37 -1.42 -0.46 -6.02
N GLY A 38 -1.17 0.70 -5.46
CA GLY A 38 -1.14 0.85 -4.03
C GLY A 38 -1.54 2.23 -3.60
N HIS A 39 -2.11 2.35 -2.43
CA HIS A 39 -2.49 3.64 -1.90
C HIS A 39 -2.40 3.61 -0.40
N CYS A 40 -2.16 4.75 0.19
CA CYS A 40 -2.04 4.84 1.61
C CYS A 40 -3.40 4.99 2.25
N GLU A 41 -3.69 4.13 3.22
CA GLU A 41 -4.95 4.15 3.89
C GLU A 41 -4.73 4.02 5.40
N ARG A 42 -5.49 4.75 6.18
CA ARG A 42 -5.35 4.69 7.62
C ARG A 42 -6.26 3.65 8.21
N ARG A 43 -5.65 2.73 8.91
CA ARG A 43 -6.37 1.66 9.56
C ARG A 43 -6.41 1.91 11.04
N GLY A 44 -7.52 2.44 11.52
CA GLY A 44 -7.65 2.76 12.92
C GLY A 44 -6.59 3.73 13.38
N GLY A 45 -6.50 4.85 12.68
CA GLY A 45 -5.50 5.86 13.00
C GLY A 45 -4.13 5.53 12.46
N ARG A 46 -3.87 4.28 12.17
CA ARG A 46 -2.56 3.86 11.73
C ARG A 46 -2.42 3.92 10.22
N PRO A 47 -1.61 4.84 9.70
CA PRO A 47 -1.36 4.96 8.27
C PRO A 47 -0.68 3.71 7.75
N THR A 48 -1.25 3.10 6.75
CA THR A 48 -0.69 1.90 6.21
C THR A 48 -0.74 1.91 4.68
N CYS A 49 0.16 1.18 4.05
CA CYS A 49 0.18 1.05 2.62
C CYS A 49 -0.65 -0.14 2.21
N VAL A 50 -1.82 0.13 1.65
CA VAL A 50 -2.69 -0.94 1.23
C VAL A 50 -2.71 -1.02 -0.29
N CYS A 51 -2.45 -2.20 -0.79
CA CYS A 51 -2.39 -2.40 -2.21
C CYS A 51 -3.73 -2.79 -2.77
N SER A 52 -3.94 -2.47 -4.03
CA SER A 52 -5.16 -2.80 -4.71
C SER A 52 -4.84 -3.58 -5.98
N ARG A 53 -5.78 -4.42 -6.41
CA ARG A 53 -5.61 -5.26 -7.60
C ARG A 53 -4.43 -6.22 -7.39
N CYS A 54 -4.46 -6.93 -6.29
CA CYS A 54 -3.40 -7.86 -5.94
C CYS A 54 -3.80 -9.27 -6.28
N GLY A 55 -2.82 -10.15 -6.41
CA GLY A 55 -3.13 -11.54 -6.59
C GLY A 55 -3.77 -12.08 -5.34
N ASN A 56 -4.94 -12.63 -5.45
CA ASN A 56 -5.67 -13.05 -4.27
C ASN A 56 -6.57 -14.23 -4.58
N GLY A 57 -6.86 -15.01 -3.58
CA GLY A 57 -7.72 -16.15 -3.75
C GLY A 57 -7.67 -17.04 -2.55
N GLY A 58 -6.61 -17.83 -2.43
CA GLY A 58 -6.49 -18.75 -1.32
C GLY A 58 -7.38 -19.95 -1.46
N GLY A 59 -7.82 -20.22 -2.67
CA GLY A 59 -8.71 -21.32 -2.90
C GLY A 59 -10.14 -20.92 -2.65
N GLU A 60 -10.92 -21.85 -2.16
CA GLU A 60 -12.31 -21.59 -1.86
C GLU A 60 -12.77 -22.58 -0.82
N TRP A 61 -13.77 -22.17 -0.07
CA TRP A 61 -14.29 -23.00 0.99
C TRP A 61 -15.82 -22.94 0.97
N PRO A 62 -16.45 -23.81 0.18
CA PRO A 62 -17.91 -23.86 0.07
C PRO A 62 -18.57 -24.25 1.39
N ASN A 63 -18.22 -25.43 1.89
CA ASN A 63 -18.77 -25.94 3.15
C ASN A 63 -17.89 -25.54 4.33
N LEU A 64 -16.88 -24.72 4.06
CA LEU A 64 -15.93 -24.27 5.09
C LEU A 64 -15.23 -25.44 5.77
N PRO A 65 -14.32 -26.13 5.05
CA PRO A 65 -13.56 -27.24 5.59
C PRO A 65 -12.37 -26.76 6.40
N SER A 66 -12.52 -26.75 7.70
CA SER A 66 -11.45 -26.34 8.60
C SER A 66 -11.66 -26.98 9.97
N ARG A 67 -10.60 -27.09 10.74
CA ARG A 67 -10.67 -27.74 12.04
C ARG A 67 -11.13 -26.77 13.13
N GLY A 68 -10.79 -25.51 12.96
CA GLY A 68 -11.17 -24.53 13.95
C GLY A 68 -10.10 -23.50 14.14
N GLY A 1 13.32 -2.71 16.54
CA GLY A 1 12.93 -2.16 15.23
C GLY A 1 13.55 -0.80 14.99
N SER A 2 14.76 -0.78 14.45
CA SER A 2 15.46 0.46 14.21
C SER A 2 14.97 1.10 12.92
N ALA A 3 13.98 1.98 13.03
CA ALA A 3 13.44 2.67 11.88
C ALA A 3 12.66 3.91 12.31
N LEU A 4 12.66 4.93 11.45
CA LEU A 4 11.94 6.17 11.71
C LEU A 4 10.45 5.98 11.45
N ASP A 5 10.15 5.05 10.57
CA ASP A 5 8.79 4.75 10.21
C ASP A 5 8.53 3.28 10.40
N PHE A 6 7.31 2.94 10.73
CA PHE A 6 6.92 1.56 10.88
C PHE A 6 6.15 1.12 9.65
N THR A 7 5.52 2.09 9.01
CA THR A 7 4.80 1.88 7.80
C THR A 7 5.31 2.81 6.69
N SER A 8 5.52 2.26 5.50
CA SER A 8 5.98 3.02 4.33
C SER A 8 5.09 4.25 4.04
N CYS A 9 3.85 4.23 4.50
CA CYS A 9 2.92 5.31 4.23
C CYS A 9 2.82 6.30 5.39
N ALA A 10 3.72 6.18 6.36
CA ALA A 10 3.73 7.11 7.50
C ALA A 10 3.99 8.55 7.04
N ARG A 11 4.70 8.70 5.92
CA ARG A 11 5.01 10.02 5.39
C ARG A 11 3.75 10.75 4.94
N MET A 12 2.61 10.04 4.87
CA MET A 12 1.34 10.66 4.46
C MET A 12 0.99 11.87 5.34
N ASN A 13 1.61 11.96 6.53
CA ASN A 13 1.32 13.08 7.42
C ASN A 13 2.51 14.04 7.51
N ASP A 14 3.35 14.03 6.48
CA ASP A 14 4.52 14.90 6.41
C ASP A 14 4.19 16.07 5.48
N GLY A 15 2.91 16.37 5.38
CA GLY A 15 2.45 17.40 4.48
C GLY A 15 2.05 16.83 3.14
N ALA A 16 1.62 17.70 2.23
CA ALA A 16 1.23 17.29 0.89
C ALA A 16 2.34 16.53 0.17
N LEU A 17 3.57 16.94 0.41
CA LEU A 17 4.72 16.29 -0.23
C LEU A 17 4.82 14.86 0.29
N GLY A 18 4.69 14.71 1.60
CA GLY A 18 4.74 13.40 2.22
C GLY A 18 3.70 12.46 1.66
N ALA A 19 2.52 12.98 1.38
CA ALA A 19 1.45 12.20 0.79
C ALA A 19 1.90 11.54 -0.50
N LYS A 20 2.58 12.31 -1.35
CA LYS A 20 3.09 11.79 -2.61
C LYS A 20 4.21 10.79 -2.40
N VAL A 21 5.08 11.05 -1.43
CA VAL A 21 6.14 10.10 -1.12
C VAL A 21 5.54 8.78 -0.66
N ALA A 22 4.59 8.88 0.26
CA ALA A 22 3.91 7.72 0.79
C ALA A 22 3.26 6.89 -0.30
N GLN A 23 2.46 7.53 -1.16
CA GLN A 23 1.78 6.82 -2.23
C GLN A 23 2.78 6.17 -3.17
N ALA A 24 3.86 6.88 -3.46
CA ALA A 24 4.89 6.38 -4.36
C ALA A 24 5.54 5.14 -3.78
N ALA A 25 5.92 5.22 -2.50
CA ALA A 25 6.51 4.10 -1.80
C ALA A 25 5.54 2.92 -1.74
N CYS A 26 4.27 3.24 -1.61
CA CYS A 26 3.24 2.23 -1.54
C CYS A 26 3.04 1.54 -2.90
N ILE A 27 2.81 2.34 -3.94
CA ILE A 27 2.57 1.81 -5.28
C ILE A 27 3.73 0.91 -5.72
N SER A 28 4.95 1.40 -5.56
CA SER A 28 6.13 0.64 -5.94
C SER A 28 6.19 -0.69 -5.17
N SER A 29 6.02 -0.62 -3.85
CA SER A 29 6.06 -1.80 -3.00
C SER A 29 4.97 -2.80 -3.40
N CYS A 30 3.83 -2.29 -3.80
CA CYS A 30 2.73 -3.11 -4.21
C CYS A 30 3.06 -3.85 -5.49
N LYS A 31 3.58 -3.13 -6.45
CA LYS A 31 3.99 -3.70 -7.72
C LYS A 31 4.99 -4.85 -7.49
N PHE A 32 5.93 -4.64 -6.57
CA PHE A 32 6.91 -5.66 -6.24
C PHE A 32 6.26 -6.95 -5.73
N GLN A 33 5.16 -6.81 -4.99
CA GLN A 33 4.47 -7.97 -4.42
C GLN A 33 3.35 -8.46 -5.33
N ASN A 34 3.49 -8.16 -6.62
CA ASN A 34 2.55 -8.63 -7.67
C ASN A 34 1.19 -7.95 -7.56
N CYS A 35 1.18 -6.74 -7.04
CA CYS A 35 -0.04 -5.97 -6.93
C CYS A 35 -0.11 -4.91 -8.01
N GLY A 36 -1.30 -4.73 -8.56
CA GLY A 36 -1.49 -3.77 -9.63
C GLY A 36 -1.17 -2.35 -9.22
N THR A 37 -1.59 -1.98 -8.03
CA THR A 37 -1.30 -0.67 -7.54
C THR A 37 -1.37 -0.64 -6.02
N GLY A 38 -1.13 0.52 -5.47
CA GLY A 38 -1.13 0.69 -4.05
C GLY A 38 -1.55 2.08 -3.64
N HIS A 39 -2.10 2.19 -2.45
CA HIS A 39 -2.51 3.48 -1.94
C HIS A 39 -2.39 3.49 -0.43
N CYS A 40 -2.10 4.64 0.10
CA CYS A 40 -1.94 4.77 1.53
C CYS A 40 -3.28 4.98 2.17
N GLU A 41 -3.58 4.14 3.12
CA GLU A 41 -4.85 4.21 3.79
C GLU A 41 -4.64 4.22 5.29
N ARG A 42 -5.37 5.07 5.98
CA ARG A 42 -5.26 5.14 7.43
C ARG A 42 -6.26 4.24 8.08
N ARG A 43 -5.76 3.31 8.84
CA ARG A 43 -6.61 2.37 9.54
C ARG A 43 -6.32 2.40 11.02
N GLY A 44 -7.31 2.83 11.80
CA GLY A 44 -7.14 2.96 13.24
C GLY A 44 -6.05 3.96 13.59
N GLY A 45 -6.02 5.09 12.89
CA GLY A 45 -4.98 6.11 13.10
C GLY A 45 -3.63 5.70 12.55
N ARG A 46 -3.55 4.50 12.03
CA ARG A 46 -2.31 3.98 11.51
C ARG A 46 -2.23 4.15 9.99
N PRO A 47 -1.34 5.01 9.51
CA PRO A 47 -1.12 5.19 8.09
C PRO A 47 -0.44 3.96 7.50
N THR A 48 -1.16 3.21 6.71
CA THR A 48 -0.66 1.96 6.19
C THR A 48 -0.71 1.94 4.66
N CYS A 49 0.16 1.15 4.05
CA CYS A 49 0.15 0.98 2.62
C CYS A 49 -0.71 -0.22 2.27
N VAL A 50 -1.81 0.04 1.61
CA VAL A 50 -2.70 -1.02 1.22
C VAL A 50 -2.73 -1.14 -0.30
N CYS A 51 -2.49 -2.32 -0.78
CA CYS A 51 -2.43 -2.56 -2.21
C CYS A 51 -3.79 -2.90 -2.77
N SER A 52 -3.97 -2.58 -4.03
CA SER A 52 -5.21 -2.87 -4.71
C SER A 52 -4.92 -3.56 -6.04
N ARG A 53 -5.89 -4.36 -6.50
CA ARG A 53 -5.78 -5.09 -7.75
C ARG A 53 -4.57 -6.03 -7.73
N CYS A 54 -4.50 -6.85 -6.69
CA CYS A 54 -3.39 -7.78 -6.54
C CYS A 54 -3.64 -9.09 -7.27
N GLY A 55 -2.79 -10.09 -7.03
CA GLY A 55 -2.94 -11.39 -7.67
C GLY A 55 -4.19 -12.12 -7.24
N ASN A 56 -5.29 -11.78 -7.88
CA ASN A 56 -6.59 -12.36 -7.58
C ASN A 56 -6.82 -13.65 -8.35
N GLY A 57 -5.74 -14.33 -8.73
CA GLY A 57 -5.87 -15.56 -9.46
C GLY A 57 -6.13 -16.73 -8.54
N GLY A 58 -5.09 -17.46 -8.22
CA GLY A 58 -5.22 -18.58 -7.34
C GLY A 58 -3.91 -18.95 -6.68
N GLY A 59 -3.13 -17.93 -6.36
CA GLY A 59 -1.84 -18.17 -5.75
C GLY A 59 -0.74 -18.23 -6.78
N GLU A 60 0.23 -19.10 -6.56
CA GLU A 60 1.32 -19.24 -7.50
C GLU A 60 0.97 -20.33 -8.51
N TRP A 61 0.31 -21.37 -8.02
CA TRP A 61 -0.09 -22.50 -8.83
C TRP A 61 -1.43 -23.03 -8.37
N PRO A 62 -2.37 -23.27 -9.31
CA PRO A 62 -3.71 -23.79 -9.00
C PRO A 62 -3.70 -25.09 -8.17
N ASN A 63 -2.76 -25.99 -8.48
CA ASN A 63 -2.69 -27.26 -7.76
C ASN A 63 -1.24 -27.70 -7.54
N LEU A 64 -0.31 -26.76 -7.74
CA LEU A 64 1.13 -26.99 -7.52
C LEU A 64 1.69 -28.11 -8.41
N PRO A 65 2.06 -27.80 -9.66
CA PRO A 65 2.63 -28.77 -10.58
C PRO A 65 4.14 -28.88 -10.42
N SER A 66 4.70 -28.09 -9.53
CA SER A 66 6.12 -28.09 -9.28
C SER A 66 6.49 -29.26 -8.38
N ARG A 67 7.62 -29.87 -8.64
CA ARG A 67 8.10 -31.00 -7.85
C ARG A 67 8.91 -30.54 -6.65
N GLY A 68 9.36 -29.29 -6.70
CA GLY A 68 10.14 -28.78 -5.62
C GLY A 68 11.31 -27.97 -6.12
N GLY A 1 15.97 -0.47 17.91
CA GLY A 1 15.07 0.69 18.00
C GLY A 1 15.60 1.90 17.26
N SER A 2 15.80 1.75 15.95
CA SER A 2 16.28 2.85 15.14
C SER A 2 15.31 3.12 14.00
N ALA A 3 14.08 2.72 14.20
CA ALA A 3 13.05 2.91 13.21
C ALA A 3 12.18 4.09 13.55
N LEU A 4 12.32 5.16 12.80
CA LEU A 4 11.51 6.35 13.01
C LEU A 4 10.15 6.18 12.37
N ASP A 5 10.14 5.54 11.22
CA ASP A 5 8.91 5.23 10.51
C ASP A 5 8.62 3.75 10.66
N PHE A 6 7.36 3.40 10.83
CA PHE A 6 6.99 2.00 10.97
C PHE A 6 6.31 1.50 9.69
N THR A 7 5.65 2.41 9.00
CA THR A 7 4.98 2.08 7.77
C THR A 7 5.46 2.97 6.62
N SER A 8 5.50 2.40 5.42
CA SER A 8 5.93 3.14 4.24
C SER A 8 5.05 4.37 3.97
N CYS A 9 3.80 4.31 4.41
CA CYS A 9 2.86 5.39 4.17
C CYS A 9 2.77 6.35 5.34
N ALA A 10 3.67 6.21 6.30
CA ALA A 10 3.70 7.12 7.45
C ALA A 10 3.90 8.56 6.99
N ARG A 11 4.58 8.73 5.87
CA ARG A 11 4.85 10.06 5.32
C ARG A 11 3.56 10.80 4.94
N MET A 12 2.43 10.08 4.90
CA MET A 12 1.15 10.71 4.56
C MET A 12 0.83 11.90 5.49
N ASN A 13 1.47 11.95 6.67
CA ASN A 13 1.21 13.03 7.61
C ASN A 13 2.41 13.97 7.67
N ASP A 14 3.16 14.01 6.58
CA ASP A 14 4.36 14.85 6.50
C ASP A 14 4.12 15.99 5.52
N GLY A 15 2.84 16.23 5.22
CA GLY A 15 2.49 17.26 4.27
C GLY A 15 2.19 16.71 2.90
N ALA A 16 1.84 17.60 1.97
CA ALA A 16 1.52 17.21 0.59
C ALA A 16 2.68 16.47 -0.08
N LEU A 17 3.91 16.83 0.26
CA LEU A 17 5.06 16.16 -0.32
C LEU A 17 5.18 14.78 0.30
N GLY A 18 4.89 14.69 1.59
CA GLY A 18 4.91 13.43 2.27
C GLY A 18 3.91 12.46 1.68
N ALA A 19 2.74 12.98 1.30
CA ALA A 19 1.70 12.18 0.67
C ALA A 19 2.23 11.59 -0.62
N LYS A 20 3.03 12.38 -1.32
CA LYS A 20 3.63 11.97 -2.57
C LYS A 20 4.63 10.87 -2.33
N VAL A 21 5.45 11.03 -1.30
CA VAL A 21 6.43 10.03 -0.93
C VAL A 21 5.72 8.75 -0.51
N ALA A 22 4.71 8.90 0.32
CA ALA A 22 3.93 7.78 0.81
C ALA A 22 3.31 6.98 -0.34
N GLN A 23 2.59 7.68 -1.22
CA GLN A 23 1.93 7.00 -2.33
C GLN A 23 2.94 6.33 -3.25
N ALA A 24 4.06 7.01 -3.49
CA ALA A 24 5.10 6.49 -4.36
C ALA A 24 5.69 5.22 -3.79
N ALA A 25 6.02 5.27 -2.51
CA ALA A 25 6.56 4.12 -1.81
C ALA A 25 5.55 2.99 -1.76
N CYS A 26 4.27 3.36 -1.67
CA CYS A 26 3.20 2.38 -1.56
C CYS A 26 2.98 1.67 -2.90
N ILE A 27 2.76 2.45 -3.96
CA ILE A 27 2.50 1.89 -5.29
C ILE A 27 3.62 0.95 -5.71
N SER A 28 4.86 1.42 -5.64
CA SER A 28 6.00 0.62 -6.02
C SER A 28 6.09 -0.68 -5.21
N SER A 29 5.90 -0.57 -3.88
CA SER A 29 5.95 -1.74 -3.01
C SER A 29 4.82 -2.72 -3.35
N CYS A 30 3.68 -2.18 -3.78
CA CYS A 30 2.56 -3.00 -4.17
C CYS A 30 2.90 -3.79 -5.42
N LYS A 31 3.48 -3.11 -6.39
CA LYS A 31 3.87 -3.75 -7.64
C LYS A 31 4.88 -4.86 -7.35
N PHE A 32 5.76 -4.59 -6.39
CA PHE A 32 6.76 -5.54 -5.96
C PHE A 32 6.13 -6.84 -5.46
N GLN A 33 4.99 -6.72 -4.77
CA GLN A 33 4.31 -7.89 -4.22
C GLN A 33 3.23 -8.39 -5.17
N ASN A 34 3.32 -7.98 -6.44
CA ASN A 34 2.40 -8.39 -7.50
C ASN A 34 1.01 -7.79 -7.29
N CYS A 35 1.00 -6.49 -7.07
CA CYS A 35 -0.24 -5.75 -6.92
C CYS A 35 -0.32 -4.64 -7.96
N GLY A 36 -1.48 -4.52 -8.58
CA GLY A 36 -1.70 -3.56 -9.65
C GLY A 36 -1.53 -2.13 -9.21
N THR A 37 -1.98 -1.81 -8.02
CA THR A 37 -1.86 -0.47 -7.53
C THR A 37 -1.80 -0.44 -6.01
N GLY A 38 -1.37 0.68 -5.47
CA GLY A 38 -1.26 0.85 -4.07
C GLY A 38 -1.60 2.24 -3.65
N HIS A 39 -2.19 2.39 -2.49
CA HIS A 39 -2.51 3.70 -1.97
C HIS A 39 -2.45 3.67 -0.47
N CYS A 40 -2.16 4.79 0.12
CA CYS A 40 -2.05 4.87 1.54
C CYS A 40 -3.39 5.03 2.19
N GLU A 41 -3.68 4.18 3.15
CA GLU A 41 -4.93 4.23 3.84
C GLU A 41 -4.66 4.15 5.33
N ARG A 42 -5.38 4.92 6.10
CA ARG A 42 -5.22 4.94 7.52
C ARG A 42 -6.10 3.90 8.17
N ARG A 43 -5.49 2.93 8.77
CA ARG A 43 -6.20 1.87 9.43
C ARG A 43 -6.10 2.06 10.93
N GLY A 44 -7.20 2.52 11.53
CA GLY A 44 -7.22 2.76 12.96
C GLY A 44 -6.15 3.75 13.39
N GLY A 45 -6.13 4.92 12.75
CA GLY A 45 -5.14 5.93 13.06
C GLY A 45 -3.77 5.64 12.46
N ARG A 46 -3.54 4.40 12.10
CA ARG A 46 -2.25 3.98 11.59
C ARG A 46 -2.17 4.07 10.08
N PRO A 47 -1.33 4.97 9.55
CA PRO A 47 -1.13 5.11 8.11
C PRO A 47 -0.47 3.87 7.53
N THR A 48 -1.19 3.16 6.70
CA THR A 48 -0.68 1.92 6.15
C THR A 48 -0.78 1.93 4.62
N CYS A 49 0.07 1.15 3.98
CA CYS A 49 0.04 1.02 2.54
C CYS A 49 -0.83 -0.15 2.14
N VAL A 50 -1.98 0.14 1.57
CA VAL A 50 -2.91 -0.90 1.17
C VAL A 50 -2.90 -1.05 -0.36
N CYS A 51 -2.73 -2.26 -0.81
CA CYS A 51 -2.65 -2.53 -2.23
C CYS A 51 -3.97 -3.01 -2.78
N SER A 52 -4.18 -2.75 -4.05
CA SER A 52 -5.37 -3.17 -4.75
C SER A 52 -4.98 -3.93 -6.01
N ARG A 53 -5.86 -4.82 -6.45
CA ARG A 53 -5.63 -5.63 -7.64
C ARG A 53 -4.36 -6.45 -7.53
N CYS A 54 -4.28 -7.24 -6.49
CA CYS A 54 -3.15 -8.13 -6.29
C CYS A 54 -3.44 -9.45 -6.95
N GLY A 55 -2.41 -10.17 -7.33
CA GLY A 55 -2.62 -11.42 -8.04
C GLY A 55 -2.70 -12.59 -7.09
N ASN A 56 -3.55 -12.46 -6.09
CA ASN A 56 -3.74 -13.52 -5.11
C ASN A 56 -4.50 -14.68 -5.72
N GLY A 57 -5.54 -14.40 -6.45
CA GLY A 57 -6.29 -15.46 -7.06
C GLY A 57 -7.55 -15.76 -6.32
N GLY A 58 -8.65 -15.25 -6.81
CA GLY A 58 -9.92 -15.49 -6.18
C GLY A 58 -10.96 -15.90 -7.19
N GLY A 59 -10.67 -15.63 -8.46
CA GLY A 59 -11.58 -15.97 -9.51
C GLY A 59 -12.80 -15.09 -9.52
N GLU A 60 -12.61 -13.82 -9.83
CA GLU A 60 -13.75 -12.91 -9.97
C GLU A 60 -14.34 -13.06 -11.35
N TRP A 61 -15.66 -13.20 -11.42
CA TRP A 61 -16.33 -13.36 -12.70
C TRP A 61 -17.59 -12.51 -12.76
N PRO A 62 -17.45 -11.25 -13.15
CA PRO A 62 -18.59 -10.35 -13.30
C PRO A 62 -19.36 -10.63 -14.59
N ASN A 63 -20.33 -11.56 -14.51
CA ASN A 63 -21.16 -11.95 -15.65
C ASN A 63 -20.28 -12.55 -16.76
N LEU A 64 -19.24 -13.27 -16.33
CA LEU A 64 -18.27 -13.91 -17.23
C LEU A 64 -17.43 -12.83 -17.93
N PRO A 65 -16.17 -12.67 -17.51
CA PRO A 65 -15.27 -11.62 -18.03
C PRO A 65 -14.70 -11.94 -19.42
N SER A 66 -15.48 -12.60 -20.26
CA SER A 66 -15.04 -12.94 -21.60
C SER A 66 -16.22 -12.98 -22.56
N ARG A 67 -15.95 -12.63 -23.80
CA ARG A 67 -16.94 -12.67 -24.87
C ARG A 67 -16.25 -12.98 -26.19
N GLY A 68 -17.03 -13.27 -27.22
CA GLY A 68 -16.45 -13.59 -28.51
C GLY A 68 -16.00 -15.03 -28.58
N GLY A 1 10.63 1.00 19.09
CA GLY A 1 11.76 0.80 18.17
C GLY A 1 12.29 2.11 17.63
N SER A 2 13.59 2.19 17.43
CA SER A 2 14.22 3.39 16.93
C SER A 2 14.08 3.50 15.42
N ALA A 3 13.08 4.23 14.98
CA ALA A 3 12.81 4.45 13.58
C ALA A 3 12.04 5.73 13.39
N LEU A 4 12.24 6.39 12.26
CA LEU A 4 11.53 7.64 12.00
C LEU A 4 10.11 7.36 11.54
N ASP A 5 9.91 6.20 10.94
CA ASP A 5 8.60 5.79 10.49
C ASP A 5 8.44 4.29 10.67
N PHE A 6 7.23 3.86 10.95
CA PHE A 6 6.94 2.45 11.14
C PHE A 6 6.28 1.85 9.91
N THR A 7 5.61 2.69 9.14
CA THR A 7 4.92 2.26 7.94
C THR A 7 5.40 3.03 6.72
N SER A 8 5.31 2.40 5.57
CA SER A 8 5.74 3.02 4.32
C SER A 8 4.90 4.26 3.98
N CYS A 9 3.68 4.31 4.48
CA CYS A 9 2.80 5.43 4.21
C CYS A 9 2.76 6.42 5.35
N ALA A 10 3.66 6.29 6.31
CA ALA A 10 3.71 7.21 7.45
C ALA A 10 3.96 8.64 6.99
N ARG A 11 4.68 8.80 5.87
CA ARG A 11 4.96 10.12 5.33
C ARG A 11 3.72 10.84 4.83
N MET A 12 2.57 10.13 4.79
CA MET A 12 1.29 10.77 4.42
C MET A 12 0.98 11.93 5.39
N ASN A 13 1.75 12.02 6.48
CA ASN A 13 1.56 13.05 7.50
C ASN A 13 2.71 14.03 7.48
N ASP A 14 3.44 14.07 6.39
CA ASP A 14 4.63 14.90 6.31
C ASP A 14 4.42 16.06 5.34
N GLY A 15 3.17 16.31 4.99
CA GLY A 15 2.86 17.38 4.08
C GLY A 15 2.53 16.87 2.68
N ALA A 16 2.19 17.78 1.79
CA ALA A 16 1.87 17.45 0.39
C ALA A 16 2.96 16.61 -0.26
N LEU A 17 4.21 16.93 0.04
CA LEU A 17 5.33 16.19 -0.52
C LEU A 17 5.37 14.80 0.09
N GLY A 18 5.12 14.73 1.40
CA GLY A 18 5.11 13.48 2.10
C GLY A 18 4.07 12.53 1.55
N ALA A 19 2.87 13.04 1.32
CA ALA A 19 1.79 12.26 0.75
C ALA A 19 2.19 11.67 -0.61
N LYS A 20 2.95 12.44 -1.36
CA LYS A 20 3.41 12.02 -2.67
C LYS A 20 4.43 10.91 -2.52
N VAL A 21 5.30 11.06 -1.54
CA VAL A 21 6.30 10.04 -1.25
C VAL A 21 5.60 8.77 -0.76
N ALA A 22 4.60 8.96 0.09
CA ALA A 22 3.84 7.86 0.66
C ALA A 22 3.19 7.02 -0.42
N GLN A 23 2.40 7.68 -1.27
CA GLN A 23 1.70 6.99 -2.34
C GLN A 23 2.69 6.29 -3.28
N ALA A 24 3.79 6.98 -3.59
CA ALA A 24 4.79 6.44 -4.50
C ALA A 24 5.45 5.21 -3.89
N ALA A 25 5.85 5.32 -2.63
CA ALA A 25 6.47 4.23 -1.92
C ALA A 25 5.51 3.06 -1.80
N CYS A 26 4.23 3.37 -1.62
CA CYS A 26 3.20 2.36 -1.48
C CYS A 26 2.96 1.65 -2.80
N ILE A 27 2.74 2.42 -3.86
CA ILE A 27 2.50 1.85 -5.19
C ILE A 27 3.63 0.93 -5.58
N SER A 28 4.86 1.41 -5.42
CA SER A 28 6.04 0.63 -5.76
C SER A 28 6.08 -0.67 -4.93
N SER A 29 5.86 -0.54 -3.62
CA SER A 29 5.88 -1.69 -2.72
C SER A 29 4.83 -2.71 -3.13
N CYS A 30 3.69 -2.21 -3.58
CA CYS A 30 2.62 -3.06 -4.04
C CYS A 30 3.02 -3.79 -5.31
N LYS A 31 3.60 -3.07 -6.24
CA LYS A 31 4.06 -3.64 -7.48
C LYS A 31 5.10 -4.75 -7.24
N PHE A 32 6.00 -4.53 -6.27
CA PHE A 32 6.98 -5.54 -5.90
C PHE A 32 6.30 -6.86 -5.49
N GLN A 33 5.15 -6.77 -4.83
CA GLN A 33 4.45 -7.95 -4.36
C GLN A 33 3.35 -8.38 -5.34
N ASN A 34 3.44 -7.83 -6.57
CA ASN A 34 2.50 -8.16 -7.65
C ASN A 34 1.10 -7.64 -7.37
N CYS A 35 1.04 -6.38 -7.02
CA CYS A 35 -0.23 -5.72 -6.81
C CYS A 35 -0.38 -4.58 -7.80
N GLY A 36 -1.54 -4.51 -8.42
CA GLY A 36 -1.81 -3.54 -9.48
C GLY A 36 -1.62 -2.11 -9.05
N THR A 37 -2.12 -1.77 -7.89
CA THR A 37 -2.00 -0.41 -7.42
C THR A 37 -2.06 -0.33 -5.90
N GLY A 38 -1.25 0.55 -5.34
CA GLY A 38 -1.24 0.74 -3.91
C GLY A 38 -1.67 2.12 -3.53
N HIS A 39 -2.22 2.25 -2.35
CA HIS A 39 -2.64 3.53 -1.85
C HIS A 39 -2.53 3.56 -0.35
N CYS A 40 -2.28 4.71 0.19
CA CYS A 40 -2.12 4.85 1.60
C CYS A 40 -3.45 5.01 2.28
N GLU A 41 -3.72 4.17 3.25
CA GLU A 41 -4.97 4.23 3.96
C GLU A 41 -4.75 4.10 5.45
N ARG A 42 -5.54 4.80 6.23
CA ARG A 42 -5.42 4.76 7.66
C ARG A 42 -6.24 3.65 8.24
N ARG A 43 -5.55 2.71 8.81
CA ARG A 43 -6.17 1.55 9.40
C ARG A 43 -6.09 1.67 10.91
N GLY A 44 -7.21 2.02 11.53
CA GLY A 44 -7.23 2.22 12.96
C GLY A 44 -6.30 3.34 13.35
N GLY A 45 -6.45 4.49 12.69
CA GLY A 45 -5.59 5.63 12.95
C GLY A 45 -4.15 5.42 12.47
N ARG A 46 -3.85 4.24 11.96
CA ARG A 46 -2.50 3.93 11.52
C ARG A 46 -2.34 4.03 10.01
N PRO A 47 -1.56 5.02 9.53
CA PRO A 47 -1.30 5.19 8.11
C PRO A 47 -0.55 3.99 7.53
N THR A 48 -1.24 3.16 6.81
CA THR A 48 -0.68 1.96 6.28
C THR A 48 -0.77 1.95 4.75
N CYS A 49 0.12 1.21 4.11
CA CYS A 49 0.07 1.06 2.67
C CYS A 49 -0.77 -0.14 2.32
N VAL A 50 -1.92 0.10 1.70
CA VAL A 50 -2.80 -0.98 1.34
C VAL A 50 -2.88 -1.13 -0.18
N CYS A 51 -2.63 -2.33 -0.64
CA CYS A 51 -2.62 -2.59 -2.07
C CYS A 51 -3.96 -3.12 -2.56
N SER A 52 -4.21 -2.92 -3.83
CA SER A 52 -5.40 -3.40 -4.47
C SER A 52 -5.03 -4.04 -5.81
N ARG A 53 -5.90 -4.93 -6.29
CA ARG A 53 -5.67 -5.67 -7.53
C ARG A 53 -4.38 -6.48 -7.46
N CYS A 54 -4.30 -7.31 -6.44
CA CYS A 54 -3.15 -8.17 -6.25
C CYS A 54 -3.39 -9.49 -6.93
N GLY A 55 -2.32 -10.14 -7.40
CA GLY A 55 -2.48 -11.36 -8.14
C GLY A 55 -3.08 -11.12 -9.50
N ASN A 56 -4.38 -11.29 -9.59
CA ASN A 56 -5.10 -11.04 -10.82
C ASN A 56 -6.33 -10.20 -10.54
N GLY A 57 -7.15 -10.65 -9.61
CA GLY A 57 -8.35 -9.93 -9.25
C GLY A 57 -9.20 -10.69 -8.27
N GLY A 58 -10.36 -11.10 -8.71
CA GLY A 58 -11.27 -11.84 -7.85
C GLY A 58 -11.43 -13.27 -8.32
N GLY A 59 -11.74 -13.43 -9.60
CA GLY A 59 -11.90 -14.76 -10.17
C GLY A 59 -13.01 -15.55 -9.50
N GLU A 60 -14.25 -15.19 -9.79
CA GLU A 60 -15.38 -15.88 -9.21
C GLU A 60 -16.65 -15.67 -10.04
N TRP A 61 -17.71 -16.35 -9.67
CA TRP A 61 -18.98 -16.25 -10.39
C TRP A 61 -20.16 -16.36 -9.42
N PRO A 62 -20.58 -15.21 -8.85
CA PRO A 62 -21.71 -15.16 -7.90
C PRO A 62 -23.07 -15.22 -8.60
N ASN A 63 -23.10 -14.82 -9.86
CA ASN A 63 -24.34 -14.83 -10.64
C ASN A 63 -24.58 -16.21 -11.22
N LEU A 64 -23.50 -16.99 -11.32
CA LEU A 64 -23.55 -18.35 -11.85
C LEU A 64 -23.98 -18.38 -13.31
N PRO A 65 -23.01 -18.27 -14.23
CA PRO A 65 -23.30 -18.34 -15.66
C PRO A 65 -23.51 -19.78 -16.11
N SER A 66 -23.95 -19.97 -17.34
CA SER A 66 -24.13 -21.30 -17.86
C SER A 66 -22.79 -21.90 -18.21
N ARG A 67 -22.26 -22.68 -17.28
CA ARG A 67 -20.96 -23.28 -17.46
C ARG A 67 -21.04 -24.55 -18.26
N GLY A 68 -20.20 -24.62 -19.27
CA GLY A 68 -20.14 -25.79 -20.08
C GLY A 68 -18.77 -26.39 -20.04
N GLY A 1 9.08 -0.05 16.94
CA GLY A 1 10.25 -0.64 16.27
C GLY A 1 11.45 0.25 16.38
N SER A 2 12.59 -0.23 15.93
CA SER A 2 13.83 0.54 16.00
C SER A 2 14.05 1.37 14.74
N ALA A 3 12.96 1.58 14.03
CA ALA A 3 12.98 2.39 12.84
C ALA A 3 12.04 3.56 13.04
N LEU A 4 12.13 4.56 12.19
CA LEU A 4 11.25 5.71 12.31
C LEU A 4 9.91 5.41 11.67
N ASP A 5 9.95 4.88 10.47
CA ASP A 5 8.75 4.49 9.76
C ASP A 5 8.49 3.02 9.98
N PHE A 6 7.26 2.70 10.31
CA PHE A 6 6.87 1.32 10.50
C PHE A 6 6.08 0.90 9.27
N THR A 7 5.46 1.88 8.65
CA THR A 7 4.74 1.70 7.42
C THR A 7 5.32 2.64 6.38
N SER A 8 5.19 2.30 5.11
CA SER A 8 5.74 3.11 4.04
C SER A 8 4.92 4.40 3.82
N CYS A 9 3.70 4.41 4.34
CA CYS A 9 2.79 5.52 4.12
C CYS A 9 2.74 6.49 5.27
N ALA A 10 3.67 6.38 6.20
CA ALA A 10 3.74 7.31 7.32
C ALA A 10 3.90 8.75 6.80
N ARG A 11 4.52 8.88 5.62
CA ARG A 11 4.76 10.17 4.99
C ARG A 11 3.45 10.89 4.66
N MET A 12 2.32 10.17 4.70
CA MET A 12 1.02 10.78 4.39
C MET A 12 0.73 12.00 5.28
N ASN A 13 1.45 12.12 6.39
CA ASN A 13 1.25 13.24 7.30
C ASN A 13 2.43 14.19 7.24
N ASP A 14 3.09 14.25 6.09
CA ASP A 14 4.27 15.10 5.90
C ASP A 14 3.97 16.19 4.86
N GLY A 15 2.71 16.37 4.54
CA GLY A 15 2.33 17.39 3.58
C GLY A 15 2.10 16.83 2.20
N ALA A 16 1.83 17.72 1.24
CA ALA A 16 1.59 17.35 -0.16
C ALA A 16 2.75 16.54 -0.73
N LEU A 17 3.97 16.87 -0.32
CA LEU A 17 5.14 16.16 -0.80
C LEU A 17 5.18 14.79 -0.14
N GLY A 18 4.86 14.78 1.14
CA GLY A 18 4.82 13.54 1.90
C GLY A 18 3.81 12.57 1.34
N ALA A 19 2.63 13.08 1.00
CA ALA A 19 1.57 12.27 0.42
C ALA A 19 2.06 11.59 -0.84
N LYS A 20 2.86 12.32 -1.62
CA LYS A 20 3.43 11.80 -2.86
C LYS A 20 4.43 10.70 -2.55
N VAL A 21 5.26 10.93 -1.55
CA VAL A 21 6.24 9.95 -1.13
C VAL A 21 5.54 8.69 -0.63
N ALA A 22 4.54 8.90 0.20
CA ALA A 22 3.76 7.81 0.77
C ALA A 22 3.15 6.95 -0.31
N GLN A 23 2.42 7.58 -1.23
CA GLN A 23 1.76 6.85 -2.30
C GLN A 23 2.78 6.12 -3.17
N ALA A 24 3.88 6.79 -3.48
CA ALA A 24 4.92 6.22 -4.32
C ALA A 24 5.55 5.00 -3.65
N ALA A 25 5.90 5.15 -2.39
CA ALA A 25 6.47 4.07 -1.61
C ALA A 25 5.48 2.93 -1.48
N CYS A 26 4.20 3.28 -1.36
CA CYS A 26 3.14 2.30 -1.23
C CYS A 26 2.96 1.50 -2.50
N ILE A 27 2.79 2.21 -3.61
CA ILE A 27 2.58 1.59 -4.91
C ILE A 27 3.71 0.63 -5.23
N SER A 28 4.93 1.09 -5.01
CA SER A 28 6.10 0.26 -5.27
C SER A 28 6.08 -1.01 -4.39
N SER A 29 5.78 -0.84 -3.10
CA SER A 29 5.70 -1.98 -2.18
C SER A 29 4.62 -2.96 -2.63
N CYS A 30 3.55 -2.44 -3.18
CA CYS A 30 2.47 -3.24 -3.69
C CYS A 30 2.92 -4.05 -4.87
N LYS A 31 3.59 -3.40 -5.79
CA LYS A 31 4.11 -4.06 -6.97
C LYS A 31 5.06 -5.19 -6.59
N PHE A 32 5.83 -5.00 -5.52
CA PHE A 32 6.73 -6.04 -5.01
C PHE A 32 5.96 -7.30 -4.60
N GLN A 33 4.74 -7.12 -4.11
CA GLN A 33 3.90 -8.25 -3.71
C GLN A 33 2.92 -8.61 -4.84
N ASN A 34 3.24 -8.11 -6.04
CA ASN A 34 2.49 -8.39 -7.27
C ASN A 34 1.14 -7.69 -7.26
N CYS A 35 1.11 -6.48 -6.72
CA CYS A 35 -0.11 -5.72 -6.69
C CYS A 35 0.00 -4.50 -7.57
N GLY A 36 -1.00 -4.31 -8.42
CA GLY A 36 -1.01 -3.27 -9.42
C GLY A 36 -0.85 -1.87 -8.89
N THR A 37 -1.59 -1.54 -7.86
CA THR A 37 -1.52 -0.20 -7.33
C THR A 37 -1.80 -0.18 -5.86
N GLY A 38 -1.11 0.69 -5.16
CA GLY A 38 -1.33 0.84 -3.75
C GLY A 38 -1.78 2.21 -3.39
N HIS A 39 -2.39 2.35 -2.23
CA HIS A 39 -2.82 3.63 -1.74
C HIS A 39 -2.69 3.65 -0.24
N CYS A 40 -2.38 4.80 0.28
CA CYS A 40 -2.18 4.93 1.69
C CYS A 40 -3.48 5.10 2.41
N GLU A 41 -3.71 4.25 3.38
CA GLU A 41 -4.93 4.28 4.12
C GLU A 41 -4.65 4.14 5.61
N ARG A 42 -5.38 4.87 6.44
CA ARG A 42 -5.17 4.78 7.86
C ARG A 42 -6.05 3.72 8.46
N ARG A 43 -5.43 2.81 9.16
CA ARG A 43 -6.13 1.73 9.81
C ARG A 43 -5.66 1.63 11.24
N GLY A 44 -6.60 1.76 12.16
CA GLY A 44 -6.25 1.79 13.56
C GLY A 44 -5.35 2.97 13.88
N GLY A 45 -5.63 4.13 13.24
CA GLY A 45 -4.80 5.32 13.41
C GLY A 45 -3.45 5.19 12.74
N ARG A 46 -3.16 4.02 12.24
CA ARG A 46 -1.87 3.74 11.62
C ARG A 46 -1.92 3.96 10.12
N PRO A 47 -1.17 4.94 9.61
CA PRO A 47 -1.08 5.19 8.18
C PRO A 47 -0.39 4.04 7.47
N THR A 48 -1.17 3.18 6.87
CA THR A 48 -0.65 1.98 6.27
C THR A 48 -0.82 1.99 4.75
N CYS A 49 0.01 1.23 4.07
CA CYS A 49 -0.09 1.09 2.65
C CYS A 49 -0.99 -0.08 2.32
N VAL A 50 -2.09 0.18 1.65
CA VAL A 50 -2.98 -0.89 1.29
C VAL A 50 -3.10 -1.02 -0.23
N CYS A 51 -2.85 -2.21 -0.72
CA CYS A 51 -2.81 -2.45 -2.15
C CYS A 51 -4.14 -2.88 -2.74
N SER A 52 -4.29 -2.60 -4.02
CA SER A 52 -5.44 -3.00 -4.78
C SER A 52 -5.02 -3.50 -6.16
N ARG A 53 -5.90 -4.25 -6.80
CA ARG A 53 -5.64 -4.79 -8.15
C ARG A 53 -4.37 -5.63 -8.18
N CYS A 54 -4.38 -6.73 -7.47
CA CYS A 54 -3.25 -7.57 -7.41
C CYS A 54 -3.31 -8.52 -8.56
N GLY A 55 -2.16 -8.83 -9.10
CA GLY A 55 -2.13 -9.61 -10.29
C GLY A 55 -2.50 -11.04 -10.10
N ASN A 56 -1.56 -11.81 -9.66
CA ASN A 56 -1.74 -13.25 -9.57
C ASN A 56 -0.70 -13.89 -8.68
N GLY A 57 -0.87 -15.18 -8.49
CA GLY A 57 0.07 -16.00 -7.78
C GLY A 57 -0.08 -17.43 -8.19
N GLY A 58 1.00 -18.18 -8.23
CA GLY A 58 0.91 -19.55 -8.68
C GLY A 58 1.09 -19.66 -10.18
N GLY A 59 2.26 -19.25 -10.65
CA GLY A 59 2.54 -19.29 -12.07
C GLY A 59 3.89 -19.90 -12.35
N GLU A 60 4.19 -20.97 -11.62
CA GLU A 60 5.47 -21.66 -11.73
C GLU A 60 5.27 -23.14 -11.44
N TRP A 61 6.04 -23.98 -12.10
CA TRP A 61 5.94 -25.42 -11.93
C TRP A 61 7.32 -26.05 -12.07
N PRO A 62 8.15 -25.96 -11.02
CA PRO A 62 9.48 -26.55 -11.04
C PRO A 62 9.43 -28.05 -10.78
N ASN A 63 9.26 -28.83 -11.86
CA ASN A 63 9.16 -30.29 -11.76
C ASN A 63 8.00 -30.66 -10.82
N LEU A 64 6.86 -29.98 -11.03
CA LEU A 64 5.66 -30.12 -10.18
C LEU A 64 5.96 -30.07 -8.68
N PRO A 65 5.68 -28.93 -8.03
CA PRO A 65 5.98 -28.73 -6.61
C PRO A 65 5.05 -29.56 -5.73
N SER A 66 5.50 -29.81 -4.51
CA SER A 66 4.71 -30.58 -3.55
C SER A 66 3.67 -29.69 -2.88
N ARG A 67 3.68 -28.43 -3.25
CA ARG A 67 2.74 -27.47 -2.73
C ARG A 67 1.47 -27.51 -3.55
N GLY A 68 0.39 -27.94 -2.94
CA GLY A 68 -0.86 -28.03 -3.63
C GLY A 68 -2.01 -27.62 -2.76
#